data_3FRD
# 
_entry.id   3FRD 
# 
_audit_conform.dict_name       mmcif_pdbx.dic 
_audit_conform.dict_version    5.388 
_audit_conform.dict_location   http://mmcif.pdb.org/dictionaries/ascii/mmcif_pdbx.dic 
# 
loop_
_database_2.database_id 
_database_2.database_code 
_database_2.pdbx_database_accession 
_database_2.pdbx_DOI 
PDB   3FRD         pdb_00003frd 10.2210/pdb3frd/pdb 
RCSB  RCSB050947   ?            ?                   
WWPDB D_1000050947 ?            ?                   
# 
loop_
_pdbx_audit_revision_history.ordinal 
_pdbx_audit_revision_history.data_content_type 
_pdbx_audit_revision_history.major_revision 
_pdbx_audit_revision_history.minor_revision 
_pdbx_audit_revision_history.revision_date 
1 'Structure model' 1 0 2010-01-12 
2 'Structure model' 1 1 2011-07-13 
3 'Structure model' 1 2 2013-11-20 
4 'Structure model' 1 3 2024-03-20 
# 
_pdbx_audit_revision_details.ordinal             1 
_pdbx_audit_revision_details.revision_ordinal    1 
_pdbx_audit_revision_details.data_content_type   'Structure model' 
_pdbx_audit_revision_details.provider            repository 
_pdbx_audit_revision_details.type                'Initial release' 
_pdbx_audit_revision_details.description         ? 
_pdbx_audit_revision_details.details             ? 
# 
loop_
_pdbx_audit_revision_group.ordinal 
_pdbx_audit_revision_group.revision_ordinal 
_pdbx_audit_revision_group.data_content_type 
_pdbx_audit_revision_group.group 
1 2 'Structure model' 'Version format compliance' 
2 3 'Structure model' 'Non-polymer description'   
3 4 'Structure model' 'Data collection'           
4 4 'Structure model' 'Database references'       
5 4 'Structure model' 'Derived calculations'      
# 
loop_
_pdbx_audit_revision_category.ordinal 
_pdbx_audit_revision_category.revision_ordinal 
_pdbx_audit_revision_category.data_content_type 
_pdbx_audit_revision_category.category 
1 4 'Structure model' chem_comp_atom 
2 4 'Structure model' chem_comp_bond 
3 4 'Structure model' database_2     
4 4 'Structure model' struct_site    
# 
loop_
_pdbx_audit_revision_item.ordinal 
_pdbx_audit_revision_item.revision_ordinal 
_pdbx_audit_revision_item.data_content_type 
_pdbx_audit_revision_item.item 
1 4 'Structure model' '_database_2.pdbx_DOI'                
2 4 'Structure model' '_database_2.pdbx_database_accession' 
3 4 'Structure model' '_struct_site.pdbx_auth_asym_id'      
4 4 'Structure model' '_struct_site.pdbx_auth_comp_id'      
5 4 'Structure model' '_struct_site.pdbx_auth_seq_id'       
# 
_pdbx_database_status.status_code                     REL 
_pdbx_database_status.entry_id                        3FRD 
_pdbx_database_status.recvd_initial_deposition_date   2009-01-08 
_pdbx_database_status.deposit_site                    RCSB 
_pdbx_database_status.process_site                    PDBJ 
_pdbx_database_status.status_code_sf                  REL 
_pdbx_database_status.status_code_mr                  ? 
_pdbx_database_status.SG_entry                        ? 
_pdbx_database_status.status_code_cs                  ? 
_pdbx_database_status.pdb_format_compatible           Y 
_pdbx_database_status.status_code_nmr_data            ? 
_pdbx_database_status.methods_development_category    ? 
# 
loop_
_pdbx_database_related.db_name 
_pdbx_database_related.db_id 
_pdbx_database_related.details 
_pdbx_database_related.content_type 
PDB 3FRA . unspecified 
PDB 3FRB . unspecified 
PDB 3FRE . unspecified 
PDB 3FRF . unspecified 
# 
loop_
_audit_author.name 
_audit_author.pdbx_ordinal 
'Oefner, C.'     1 
'Dale-Glenn, E.' 2 
# 
_citation.id                        primary 
_citation.title                     
;Increased hydrophobic interactions of iclaprim with Staphylococcus aureus dihydrofolate reductase are responsible for the increase in affinity and antibacterial activity
;
_citation.journal_abbrev            J.Antimicrob.Chemother. 
_citation.journal_volume            63 
_citation.page_first                687 
_citation.page_last                 698 
_citation.year                      2009 
_citation.journal_id_ASTM           ? 
_citation.country                   UK 
_citation.journal_id_ISSN           0305-7453 
_citation.journal_id_CSD            ? 
_citation.book_publisher            ? 
_citation.pdbx_database_id_PubMed   19211577 
_citation.pdbx_database_id_DOI      10.1093/jac/dkp024 
# 
loop_
_citation_author.citation_id 
_citation_author.name 
_citation_author.ordinal 
_citation_author.identifier_ORCID 
primary 'Oefner, C.'    1  ? 
primary 'Bandera, M.'   2  ? 
primary 'Haldimann, A.' 3  ? 
primary 'Laue, H.'      4  ? 
primary 'Schulz, H.'    5  ? 
primary 'Mukhija, S.'   6  ? 
primary 'Parisi, S.'    7  ? 
primary 'Weiss, L.'     8  ? 
primary 'Lociuro, S.'   9  ? 
primary 'Dale, G.E.'    10 ? 
# 
loop_
_entity.id 
_entity.type 
_entity.src_method 
_entity.pdbx_description 
_entity.formula_weight 
_entity.pdbx_number_of_molecules 
_entity.pdbx_ec 
_entity.pdbx_mutation 
_entity.pdbx_fragment 
_entity.details 
1 polymer     man 'Dihydrofolate reductase'                                   18144.736 1   1.5.1.3 ? ? ? 
2 non-polymer syn 'NADPH DIHYDRO-NICOTINAMIDE-ADENINE-DINUCLEOTIDE PHOSPHATE' 745.421   1   ?       ? ? ? 
3 non-polymer syn 'DIHYDROFOLIC ACID'                                         443.413   1   ?       ? ? ? 
4 water       nat water                                                       18.015    124 ?       ? ? ? 
# 
_entity_name_com.entity_id   1 
_entity_name_com.name        DHFR 
# 
_entity_poly.entity_id                      1 
_entity_poly.type                           'polypeptide(L)' 
_entity_poly.nstd_linkage                   no 
_entity_poly.nstd_monomer                   no 
_entity_poly.pdbx_seq_one_letter_code       
;TLSILVAHDLQRVIGFENQLPWHLPNDLKHVKKLSTGHTLVMGRKTFESIGKPLPNRRNVVLTSDTSFNVEGVDVIHSIE
DIYQLPGHVFIFGGQTLFEEMIDKVDDMYITVIEGKFRGDTFFPPYTFEDWEVASSVEGKLDEKNTIPHTFLHLIRKK
;
_entity_poly.pdbx_seq_one_letter_code_can   
;TLSILVAHDLQRVIGFENQLPWHLPNDLKHVKKLSTGHTLVMGRKTFESIGKPLPNRRNVVLTSDTSFNVEGVDVIHSIE
DIYQLPGHVFIFGGQTLFEEMIDKVDDMYITVIEGKFRGDTFFPPYTFEDWEVASSVEGKLDEKNTIPHTFLHLIRKK
;
_entity_poly.pdbx_strand_id                 X 
_entity_poly.pdbx_target_identifier         ? 
# 
loop_
_pdbx_entity_nonpoly.entity_id 
_pdbx_entity_nonpoly.name 
_pdbx_entity_nonpoly.comp_id 
2 'NADPH DIHYDRO-NICOTINAMIDE-ADENINE-DINUCLEOTIDE PHOSPHATE' NDP 
3 'DIHYDROFOLIC ACID'                                         DHF 
4 water                                                       HOH 
# 
loop_
_entity_poly_seq.entity_id 
_entity_poly_seq.num 
_entity_poly_seq.mon_id 
_entity_poly_seq.hetero 
1 1   THR n 
1 2   LEU n 
1 3   SER n 
1 4   ILE n 
1 5   LEU n 
1 6   VAL n 
1 7   ALA n 
1 8   HIS n 
1 9   ASP n 
1 10  LEU n 
1 11  GLN n 
1 12  ARG n 
1 13  VAL n 
1 14  ILE n 
1 15  GLY n 
1 16  PHE n 
1 17  GLU n 
1 18  ASN n 
1 19  GLN n 
1 20  LEU n 
1 21  PRO n 
1 22  TRP n 
1 23  HIS n 
1 24  LEU n 
1 25  PRO n 
1 26  ASN n 
1 27  ASP n 
1 28  LEU n 
1 29  LYS n 
1 30  HIS n 
1 31  VAL n 
1 32  LYS n 
1 33  LYS n 
1 34  LEU n 
1 35  SER n 
1 36  THR n 
1 37  GLY n 
1 38  HIS n 
1 39  THR n 
1 40  LEU n 
1 41  VAL n 
1 42  MET n 
1 43  GLY n 
1 44  ARG n 
1 45  LYS n 
1 46  THR n 
1 47  PHE n 
1 48  GLU n 
1 49  SER n 
1 50  ILE n 
1 51  GLY n 
1 52  LYS n 
1 53  PRO n 
1 54  LEU n 
1 55  PRO n 
1 56  ASN n 
1 57  ARG n 
1 58  ARG n 
1 59  ASN n 
1 60  VAL n 
1 61  VAL n 
1 62  LEU n 
1 63  THR n 
1 64  SER n 
1 65  ASP n 
1 66  THR n 
1 67  SER n 
1 68  PHE n 
1 69  ASN n 
1 70  VAL n 
1 71  GLU n 
1 72  GLY n 
1 73  VAL n 
1 74  ASP n 
1 75  VAL n 
1 76  ILE n 
1 77  HIS n 
1 78  SER n 
1 79  ILE n 
1 80  GLU n 
1 81  ASP n 
1 82  ILE n 
1 83  TYR n 
1 84  GLN n 
1 85  LEU n 
1 86  PRO n 
1 87  GLY n 
1 88  HIS n 
1 89  VAL n 
1 90  PHE n 
1 91  ILE n 
1 92  PHE n 
1 93  GLY n 
1 94  GLY n 
1 95  GLN n 
1 96  THR n 
1 97  LEU n 
1 98  PHE n 
1 99  GLU n 
1 100 GLU n 
1 101 MET n 
1 102 ILE n 
1 103 ASP n 
1 104 LYS n 
1 105 VAL n 
1 106 ASP n 
1 107 ASP n 
1 108 MET n 
1 109 TYR n 
1 110 ILE n 
1 111 THR n 
1 112 VAL n 
1 113 ILE n 
1 114 GLU n 
1 115 GLY n 
1 116 LYS n 
1 117 PHE n 
1 118 ARG n 
1 119 GLY n 
1 120 ASP n 
1 121 THR n 
1 122 PHE n 
1 123 PHE n 
1 124 PRO n 
1 125 PRO n 
1 126 TYR n 
1 127 THR n 
1 128 PHE n 
1 129 GLU n 
1 130 ASP n 
1 131 TRP n 
1 132 GLU n 
1 133 VAL n 
1 134 ALA n 
1 135 SER n 
1 136 SER n 
1 137 VAL n 
1 138 GLU n 
1 139 GLY n 
1 140 LYS n 
1 141 LEU n 
1 142 ASP n 
1 143 GLU n 
1 144 LYS n 
1 145 ASN n 
1 146 THR n 
1 147 ILE n 
1 148 PRO n 
1 149 HIS n 
1 150 THR n 
1 151 PHE n 
1 152 LEU n 
1 153 HIS n 
1 154 LEU n 
1 155 ILE n 
1 156 ARG n 
1 157 LYS n 
1 158 LYS n 
# 
_entity_src_gen.entity_id                          1 
_entity_src_gen.pdbx_src_id                        1 
_entity_src_gen.pdbx_alt_source_flag               sample 
_entity_src_gen.pdbx_seq_type                      ? 
_entity_src_gen.pdbx_beg_seq_num                   ? 
_entity_src_gen.pdbx_end_seq_num                   ? 
_entity_src_gen.gene_src_common_name               ? 
_entity_src_gen.gene_src_genus                     ? 
_entity_src_gen.pdbx_gene_src_gene                 folA 
_entity_src_gen.gene_src_species                   ? 
_entity_src_gen.gene_src_strain                    ? 
_entity_src_gen.gene_src_tissue                    ? 
_entity_src_gen.gene_src_tissue_fraction           ? 
_entity_src_gen.gene_src_details                   ? 
_entity_src_gen.pdbx_gene_src_fragment             ? 
_entity_src_gen.pdbx_gene_src_scientific_name      'Staphylococcus aureus' 
_entity_src_gen.pdbx_gene_src_ncbi_taxonomy_id     1280 
_entity_src_gen.pdbx_gene_src_variant              ? 
_entity_src_gen.pdbx_gene_src_cell_line            ? 
_entity_src_gen.pdbx_gene_src_atcc                 ? 
_entity_src_gen.pdbx_gene_src_organ                ? 
_entity_src_gen.pdbx_gene_src_organelle            ? 
_entity_src_gen.pdbx_gene_src_cell                 ? 
_entity_src_gen.pdbx_gene_src_cellular_location    ? 
_entity_src_gen.host_org_common_name               ? 
_entity_src_gen.pdbx_host_org_scientific_name      'Escherichia coli' 
_entity_src_gen.pdbx_host_org_ncbi_taxonomy_id     562 
_entity_src_gen.host_org_genus                     ? 
_entity_src_gen.pdbx_host_org_gene                 ? 
_entity_src_gen.pdbx_host_org_organ                ? 
_entity_src_gen.host_org_species                   ? 
_entity_src_gen.pdbx_host_org_tissue               ? 
_entity_src_gen.pdbx_host_org_tissue_fraction      ? 
_entity_src_gen.pdbx_host_org_strain               ? 
_entity_src_gen.pdbx_host_org_variant              ? 
_entity_src_gen.pdbx_host_org_cell_line            ? 
_entity_src_gen.pdbx_host_org_atcc                 ? 
_entity_src_gen.pdbx_host_org_culture_collection   ? 
_entity_src_gen.pdbx_host_org_cell                 ? 
_entity_src_gen.pdbx_host_org_organelle            ? 
_entity_src_gen.pdbx_host_org_cellular_location    ? 
_entity_src_gen.pdbx_host_org_vector_type          ? 
_entity_src_gen.pdbx_host_org_vector               ? 
_entity_src_gen.host_org_details                   ? 
_entity_src_gen.expression_system_id               ? 
_entity_src_gen.plasmid_name                       ? 
_entity_src_gen.plasmid_details                    ? 
_entity_src_gen.pdbx_description                   ? 
# 
loop_
_chem_comp.id 
_chem_comp.type 
_chem_comp.mon_nstd_flag 
_chem_comp.name 
_chem_comp.pdbx_synonyms 
_chem_comp.formula 
_chem_comp.formula_weight 
ALA 'L-peptide linking' y ALANINE                                                     ? 'C3 H7 N O2'        89.093  
ARG 'L-peptide linking' y ARGININE                                                    ? 'C6 H15 N4 O2 1'    175.209 
ASN 'L-peptide linking' y ASPARAGINE                                                  ? 'C4 H8 N2 O3'       132.118 
ASP 'L-peptide linking' y 'ASPARTIC ACID'                                             ? 'C4 H7 N O4'        133.103 
DHF non-polymer         . 'DIHYDROFOLIC ACID'                                         ? 'C19 H21 N7 O6'     443.413 
GLN 'L-peptide linking' y GLUTAMINE                                                   ? 'C5 H10 N2 O3'      146.144 
GLU 'L-peptide linking' y 'GLUTAMIC ACID'                                             ? 'C5 H9 N O4'        147.129 
GLY 'peptide linking'   y GLYCINE                                                     ? 'C2 H5 N O2'        75.067  
HIS 'L-peptide linking' y HISTIDINE                                                   ? 'C6 H10 N3 O2 1'    156.162 
HOH non-polymer         . WATER                                                       ? 'H2 O'              18.015  
ILE 'L-peptide linking' y ISOLEUCINE                                                  ? 'C6 H13 N O2'       131.173 
LEU 'L-peptide linking' y LEUCINE                                                     ? 'C6 H13 N O2'       131.173 
LYS 'L-peptide linking' y LYSINE                                                      ? 'C6 H15 N2 O2 1'    147.195 
MET 'L-peptide linking' y METHIONINE                                                  ? 'C5 H11 N O2 S'     149.211 
NDP non-polymer         . 'NADPH DIHYDRO-NICOTINAMIDE-ADENINE-DINUCLEOTIDE PHOSPHATE' ? 'C21 H30 N7 O17 P3' 745.421 
PHE 'L-peptide linking' y PHENYLALANINE                                               ? 'C9 H11 N O2'       165.189 
PRO 'L-peptide linking' y PROLINE                                                     ? 'C5 H9 N O2'        115.130 
SER 'L-peptide linking' y SERINE                                                      ? 'C3 H7 N O3'        105.093 
THR 'L-peptide linking' y THREONINE                                                   ? 'C4 H9 N O3'        119.119 
TRP 'L-peptide linking' y TRYPTOPHAN                                                  ? 'C11 H12 N2 O2'     204.225 
TYR 'L-peptide linking' y TYROSINE                                                    ? 'C9 H11 N O3'       181.189 
VAL 'L-peptide linking' y VALINE                                                      ? 'C5 H11 N O2'       117.146 
# 
loop_
_pdbx_poly_seq_scheme.asym_id 
_pdbx_poly_seq_scheme.entity_id 
_pdbx_poly_seq_scheme.seq_id 
_pdbx_poly_seq_scheme.mon_id 
_pdbx_poly_seq_scheme.ndb_seq_num 
_pdbx_poly_seq_scheme.pdb_seq_num 
_pdbx_poly_seq_scheme.auth_seq_num 
_pdbx_poly_seq_scheme.pdb_mon_id 
_pdbx_poly_seq_scheme.auth_mon_id 
_pdbx_poly_seq_scheme.pdb_strand_id 
_pdbx_poly_seq_scheme.pdb_ins_code 
_pdbx_poly_seq_scheme.hetero 
A 1 1   THR 1   1   1   THR THR X . n 
A 1 2   LEU 2   2   2   LEU LEU X . n 
A 1 3   SER 3   3   3   SER SER X . n 
A 1 4   ILE 4   4   4   ILE ILE X . n 
A 1 5   LEU 5   5   5   LEU LEU X . n 
A 1 6   VAL 6   6   6   VAL VAL X . n 
A 1 7   ALA 7   7   7   ALA ALA X . n 
A 1 8   HIS 8   8   8   HIS HIS X . n 
A 1 9   ASP 9   9   9   ASP ASP X . n 
A 1 10  LEU 10  10  10  LEU LEU X . n 
A 1 11  GLN 11  11  11  GLN GLN X . n 
A 1 12  ARG 12  12  12  ARG ARG X . n 
A 1 13  VAL 13  13  13  VAL VAL X . n 
A 1 14  ILE 14  14  14  ILE ILE X . n 
A 1 15  GLY 15  15  15  GLY GLY X . n 
A 1 16  PHE 16  16  16  PHE PHE X . n 
A 1 17  GLU 17  17  17  GLU GLU X . n 
A 1 18  ASN 18  18  18  ASN ASN X . n 
A 1 19  GLN 19  19  19  GLN GLN X . n 
A 1 20  LEU 20  20  20  LEU LEU X . n 
A 1 21  PRO 21  21  21  PRO PRO X . n 
A 1 22  TRP 22  22  22  TRP TRP X . n 
A 1 23  HIS 23  23  23  HIS HIS X . n 
A 1 24  LEU 24  24  24  LEU LEU X . n 
A 1 25  PRO 25  25  25  PRO PRO X . n 
A 1 26  ASN 26  26  26  ASN ASN X . n 
A 1 27  ASP 27  27  27  ASP ASP X . n 
A 1 28  LEU 28  28  28  LEU LEU X . n 
A 1 29  LYS 29  29  29  LYS LYS X . n 
A 1 30  HIS 30  30  30  HIS HIS X . n 
A 1 31  VAL 31  31  31  VAL VAL X . n 
A 1 32  LYS 32  32  32  LYS LYS X . n 
A 1 33  LYS 33  33  33  LYS LYS X . n 
A 1 34  LEU 34  34  34  LEU LEU X . n 
A 1 35  SER 35  35  35  SER SER X . n 
A 1 36  THR 36  36  36  THR THR X . n 
A 1 37  GLY 37  37  37  GLY GLY X . n 
A 1 38  HIS 38  38  38  HIS HIS X . n 
A 1 39  THR 39  39  39  THR THR X . n 
A 1 40  LEU 40  40  40  LEU LEU X . n 
A 1 41  VAL 41  41  41  VAL VAL X . n 
A 1 42  MET 42  42  42  MET MET X . n 
A 1 43  GLY 43  43  43  GLY GLY X . n 
A 1 44  ARG 44  44  44  ARG ARG X . n 
A 1 45  LYS 45  45  45  LYS LYS X . n 
A 1 46  THR 46  46  46  THR THR X . n 
A 1 47  PHE 47  47  47  PHE PHE X . n 
A 1 48  GLU 48  48  48  GLU GLU X . n 
A 1 49  SER 49  49  49  SER SER X . n 
A 1 50  ILE 50  50  50  ILE ILE X . n 
A 1 51  GLY 51  51  51  GLY GLY X . n 
A 1 52  LYS 52  52  52  LYS LYS X . n 
A 1 53  PRO 53  53  53  PRO PRO X . n 
A 1 54  LEU 54  54  54  LEU LEU X . n 
A 1 55  PRO 55  55  55  PRO PRO X . n 
A 1 56  ASN 56  56  56  ASN ASN X . n 
A 1 57  ARG 57  57  57  ARG ARG X . n 
A 1 58  ARG 58  58  58  ARG ARG X . n 
A 1 59  ASN 59  59  59  ASN ASN X . n 
A 1 60  VAL 60  60  60  VAL VAL X . n 
A 1 61  VAL 61  61  61  VAL VAL X . n 
A 1 62  LEU 62  62  62  LEU LEU X . n 
A 1 63  THR 63  63  63  THR THR X . n 
A 1 64  SER 64  64  64  SER SER X . n 
A 1 65  ASP 65  65  65  ASP ASP X . n 
A 1 66  THR 66  66  66  THR THR X . n 
A 1 67  SER 67  67  67  SER SER X . n 
A 1 68  PHE 68  68  68  PHE PHE X . n 
A 1 69  ASN 69  69  69  ASN ASN X . n 
A 1 70  VAL 70  70  70  VAL VAL X . n 
A 1 71  GLU 71  71  71  GLU GLU X . n 
A 1 72  GLY 72  72  72  GLY GLY X . n 
A 1 73  VAL 73  73  73  VAL VAL X . n 
A 1 74  ASP 74  74  74  ASP ASP X . n 
A 1 75  VAL 75  75  75  VAL VAL X . n 
A 1 76  ILE 76  76  76  ILE ILE X . n 
A 1 77  HIS 77  77  77  HIS HIS X . n 
A 1 78  SER 78  78  78  SER SER X . n 
A 1 79  ILE 79  79  79  ILE ILE X . n 
A 1 80  GLU 80  80  80  GLU GLU X . n 
A 1 81  ASP 81  81  81  ASP ASP X . n 
A 1 82  ILE 82  82  82  ILE ILE X . n 
A 1 83  TYR 83  83  83  TYR TYR X . n 
A 1 84  GLN 84  84  84  GLN GLN X . n 
A 1 85  LEU 85  85  85  LEU LEU X . n 
A 1 86  PRO 86  86  86  PRO PRO X . n 
A 1 87  GLY 87  87  87  GLY GLY X . n 
A 1 88  HIS 88  88  88  HIS HIS X . n 
A 1 89  VAL 89  89  89  VAL VAL X . n 
A 1 90  PHE 90  90  90  PHE PHE X . n 
A 1 91  ILE 91  91  91  ILE ILE X . n 
A 1 92  PHE 92  92  92  PHE PHE X . n 
A 1 93  GLY 93  93  93  GLY GLY X . n 
A 1 94  GLY 94  94  94  GLY GLY X . n 
A 1 95  GLN 95  95  95  GLN GLN X . n 
A 1 96  THR 96  96  96  THR THR X . n 
A 1 97  LEU 97  97  97  LEU LEU X . n 
A 1 98  PHE 98  98  98  PHE PHE X . n 
A 1 99  GLU 99  99  99  GLU GLU X . n 
A 1 100 GLU 100 100 100 GLU GLU X . n 
A 1 101 MET 101 101 101 MET MET X . n 
A 1 102 ILE 102 102 102 ILE ILE X . n 
A 1 103 ASP 103 103 103 ASP ASP X . n 
A 1 104 LYS 104 104 104 LYS LYS X . n 
A 1 105 VAL 105 105 105 VAL VAL X . n 
A 1 106 ASP 106 106 106 ASP ASP X . n 
A 1 107 ASP 107 107 107 ASP ASP X . n 
A 1 108 MET 108 108 108 MET MET X . n 
A 1 109 TYR 109 109 109 TYR TYR X . n 
A 1 110 ILE 110 110 110 ILE ILE X . n 
A 1 111 THR 111 111 111 THR THR X . n 
A 1 112 VAL 112 112 112 VAL VAL X . n 
A 1 113 ILE 113 113 113 ILE ILE X . n 
A 1 114 GLU 114 114 114 GLU GLU X . n 
A 1 115 GLY 115 115 115 GLY GLY X . n 
A 1 116 LYS 116 116 116 LYS LYS X . n 
A 1 117 PHE 117 117 117 PHE PHE X . n 
A 1 118 ARG 118 118 118 ARG ARG X . n 
A 1 119 GLY 119 119 119 GLY GLY X . n 
A 1 120 ASP 120 120 120 ASP ASP X . n 
A 1 121 THR 121 121 121 THR THR X . n 
A 1 122 PHE 122 122 122 PHE PHE X . n 
A 1 123 PHE 123 123 123 PHE PHE X . n 
A 1 124 PRO 124 124 124 PRO PRO X . n 
A 1 125 PRO 125 125 125 PRO PRO X . n 
A 1 126 TYR 126 126 126 TYR TYR X . n 
A 1 127 THR 127 127 127 THR THR X . n 
A 1 128 PHE 128 128 128 PHE PHE X . n 
A 1 129 GLU 129 129 129 GLU GLU X . n 
A 1 130 ASP 130 130 130 ASP ASP X . n 
A 1 131 TRP 131 131 131 TRP TRP X . n 
A 1 132 GLU 132 132 132 GLU GLU X . n 
A 1 133 VAL 133 133 133 VAL VAL X . n 
A 1 134 ALA 134 134 134 ALA ALA X . n 
A 1 135 SER 135 135 135 SER SER X . n 
A 1 136 SER 136 136 136 SER SER X . n 
A 1 137 VAL 137 137 137 VAL VAL X . n 
A 1 138 GLU 138 138 138 GLU GLU X . n 
A 1 139 GLY 139 139 139 GLY GLY X . n 
A 1 140 LYS 140 140 140 LYS LYS X . n 
A 1 141 LEU 141 141 141 LEU LEU X . n 
A 1 142 ASP 142 142 142 ASP ASP X . n 
A 1 143 GLU 143 143 143 GLU GLU X . n 
A 1 144 LYS 144 144 144 LYS LYS X . n 
A 1 145 ASN 145 145 145 ASN ASN X . n 
A 1 146 THR 146 146 146 THR THR X . n 
A 1 147 ILE 147 147 147 ILE ILE X . n 
A 1 148 PRO 148 148 148 PRO PRO X . n 
A 1 149 HIS 149 149 149 HIS HIS X . n 
A 1 150 THR 150 150 150 THR THR X . n 
A 1 151 PHE 151 151 151 PHE PHE X . n 
A 1 152 LEU 152 152 152 LEU LEU X . n 
A 1 153 HIS 153 153 153 HIS HIS X . n 
A 1 154 LEU 154 154 154 LEU LEU X . n 
A 1 155 ILE 155 155 155 ILE ILE X . n 
A 1 156 ARG 156 156 156 ARG ARG X . n 
A 1 157 LYS 157 157 157 LYS LYS X . n 
A 1 158 LYS 158 158 ?   ?   ?   X . n 
# 
loop_
_pdbx_nonpoly_scheme.asym_id 
_pdbx_nonpoly_scheme.entity_id 
_pdbx_nonpoly_scheme.mon_id 
_pdbx_nonpoly_scheme.ndb_seq_num 
_pdbx_nonpoly_scheme.pdb_seq_num 
_pdbx_nonpoly_scheme.auth_seq_num 
_pdbx_nonpoly_scheme.pdb_mon_id 
_pdbx_nonpoly_scheme.auth_mon_id 
_pdbx_nonpoly_scheme.pdb_strand_id 
_pdbx_nonpoly_scheme.pdb_ins_code 
B 2 NDP 1   301 301 NDP NAP X . 
C 3 DHF 1   300 300 DHF FLT X . 
D 4 HOH 1   159 1   HOH HOH X . 
D 4 HOH 2   160 3   HOH HOH X . 
D 4 HOH 3   161 4   HOH HOH X . 
D 4 HOH 4   162 5   HOH HOH X . 
D 4 HOH 5   163 6   HOH HOH X . 
D 4 HOH 6   164 8   HOH HOH X . 
D 4 HOH 7   165 9   HOH HOH X . 
D 4 HOH 8   166 10  HOH HOH X . 
D 4 HOH 9   167 11  HOH HOH X . 
D 4 HOH 10  168 12  HOH HOH X . 
D 4 HOH 11  169 13  HOH HOH X . 
D 4 HOH 12  170 14  HOH HOH X . 
D 4 HOH 13  171 15  HOH HOH X . 
D 4 HOH 14  172 16  HOH HOH X . 
D 4 HOH 15  173 17  HOH HOH X . 
D 4 HOH 16  174 18  HOH HOH X . 
D 4 HOH 17  175 19  HOH HOH X . 
D 4 HOH 18  176 20  HOH HOH X . 
D 4 HOH 19  177 21  HOH HOH X . 
D 4 HOH 20  178 22  HOH HOH X . 
D 4 HOH 21  179 23  HOH HOH X . 
D 4 HOH 22  180 24  HOH HOH X . 
D 4 HOH 23  181 25  HOH HOH X . 
D 4 HOH 24  182 26  HOH HOH X . 
D 4 HOH 25  183 27  HOH HOH X . 
D 4 HOH 26  184 28  HOH HOH X . 
D 4 HOH 27  185 29  HOH HOH X . 
D 4 HOH 28  186 30  HOH HOH X . 
D 4 HOH 29  187 31  HOH HOH X . 
D 4 HOH 30  188 32  HOH HOH X . 
D 4 HOH 31  189 34  HOH HOH X . 
D 4 HOH 32  190 36  HOH HOH X . 
D 4 HOH 33  191 37  HOH HOH X . 
D 4 HOH 34  192 38  HOH HOH X . 
D 4 HOH 35  193 39  HOH HOH X . 
D 4 HOH 36  194 40  HOH HOH X . 
D 4 HOH 37  195 41  HOH HOH X . 
D 4 HOH 38  196 42  HOH HOH X . 
D 4 HOH 39  197 43  HOH HOH X . 
D 4 HOH 40  198 44  HOH HOH X . 
D 4 HOH 41  199 45  HOH HOH X . 
D 4 HOH 42  200 46  HOH HOH X . 
D 4 HOH 43  201 47  HOH HOH X . 
D 4 HOH 44  202 48  HOH HOH X . 
D 4 HOH 45  203 49  HOH HOH X . 
D 4 HOH 46  204 50  HOH HOH X . 
D 4 HOH 47  205 51  HOH HOH X . 
D 4 HOH 48  206 55  HOH HOH X . 
D 4 HOH 49  207 56  HOH HOH X . 
D 4 HOH 50  208 57  HOH HOH X . 
D 4 HOH 51  209 58  HOH HOH X . 
D 4 HOH 52  210 59  HOH HOH X . 
D 4 HOH 53  211 60  HOH HOH X . 
D 4 HOH 54  212 61  HOH HOH X . 
D 4 HOH 55  213 65  HOH HOH X . 
D 4 HOH 56  214 66  HOH HOH X . 
D 4 HOH 57  215 67  HOH HOH X . 
D 4 HOH 58  216 68  HOH HOH X . 
D 4 HOH 59  217 69  HOH HOH X . 
D 4 HOH 60  218 70  HOH HOH X . 
D 4 HOH 61  219 71  HOH HOH X . 
D 4 HOH 62  220 72  HOH HOH X . 
D 4 HOH 63  221 73  HOH HOH X . 
D 4 HOH 64  222 74  HOH HOH X . 
D 4 HOH 65  223 75  HOH HOH X . 
D 4 HOH 66  224 76  HOH HOH X . 
D 4 HOH 67  225 77  HOH HOH X . 
D 4 HOH 68  226 79  HOH HOH X . 
D 4 HOH 69  227 80  HOH HOH X . 
D 4 HOH 70  228 81  HOH HOH X . 
D 4 HOH 71  229 82  HOH HOH X . 
D 4 HOH 72  230 83  HOH HOH X . 
D 4 HOH 73  231 84  HOH HOH X . 
D 4 HOH 74  232 85  HOH HOH X . 
D 4 HOH 75  233 86  HOH HOH X . 
D 4 HOH 76  234 87  HOH HOH X . 
D 4 HOH 77  235 88  HOH HOH X . 
D 4 HOH 78  236 89  HOH HOH X . 
D 4 HOH 79  237 90  HOH HOH X . 
D 4 HOH 80  238 91  HOH HOH X . 
D 4 HOH 81  239 92  HOH HOH X . 
D 4 HOH 82  240 93  HOH HOH X . 
D 4 HOH 83  241 94  HOH HOH X . 
D 4 HOH 84  242 95  HOH HOH X . 
D 4 HOH 85  243 96  HOH HOH X . 
D 4 HOH 86  244 97  HOH HOH X . 
D 4 HOH 87  245 98  HOH HOH X . 
D 4 HOH 88  246 100 HOH HOH X . 
D 4 HOH 89  247 101 HOH HOH X . 
D 4 HOH 90  248 102 HOH HOH X . 
D 4 HOH 91  249 103 HOH HOH X . 
D 4 HOH 92  250 104 HOH HOH X . 
D 4 HOH 93  251 105 HOH HOH X . 
D 4 HOH 94  252 106 HOH HOH X . 
D 4 HOH 95  253 107 HOH HOH X . 
D 4 HOH 96  254 108 HOH HOH X . 
D 4 HOH 97  255 109 HOH HOH X . 
D 4 HOH 98  256 110 HOH HOH X . 
D 4 HOH 99  257 111 HOH HOH X . 
D 4 HOH 100 258 112 HOH HOH X . 
D 4 HOH 101 259 113 HOH HOH X . 
D 4 HOH 102 260 114 HOH HOH X . 
D 4 HOH 103 261 115 HOH HOH X . 
D 4 HOH 104 262 116 HOH HOH X . 
D 4 HOH 105 263 117 HOH HOH X . 
D 4 HOH 106 264 118 HOH HOH X . 
D 4 HOH 107 265 119 HOH HOH X . 
D 4 HOH 108 266 121 HOH HOH X . 
D 4 HOH 109 267 122 HOH HOH X . 
D 4 HOH 110 268 123 HOH HOH X . 
D 4 HOH 111 269 124 HOH HOH X . 
D 4 HOH 112 270 125 HOH HOH X . 
D 4 HOH 113 271 126 HOH HOH X . 
D 4 HOH 114 272 127 HOH HOH X . 
D 4 HOH 115 273 128 HOH HOH X . 
D 4 HOH 116 274 130 HOH HOH X . 
D 4 HOH 117 275 131 HOH HOH X . 
D 4 HOH 118 276 132 HOH HOH X . 
D 4 HOH 119 277 133 HOH HOH X . 
D 4 HOH 120 278 136 HOH HOH X . 
D 4 HOH 121 279 137 HOH HOH X . 
D 4 HOH 122 280 138 HOH HOH X . 
D 4 HOH 123 281 139 HOH HOH X . 
D 4 HOH 124 282 140 HOH HOH X . 
# 
loop_
_software.name 
_software.classification 
_software.version 
_software.citation_id 
_software.pdbx_ordinal 
DENZO     'data reduction' .        ? 1 
AMoRE     phasing          .        ? 2 
REFMAC    refinement       5.2.0019 ? 3 
SCALEPACK 'data scaling'   .        ? 4 
# 
_cell.entry_id           3FRD 
_cell.length_a           78.811 
_cell.length_b           78.811 
_cell.length_c           108.224 
_cell.angle_alpha        90.00 
_cell.angle_beta         90.00 
_cell.angle_gamma        120.00 
_cell.Z_PDB              12 
_cell.pdbx_unique_axis   ? 
_cell.length_a_esd       ? 
_cell.length_b_esd       ? 
_cell.length_c_esd       ? 
_cell.angle_alpha_esd    ? 
_cell.angle_beta_esd     ? 
_cell.angle_gamma_esd    ? 
# 
_symmetry.entry_id                         3FRD 
_symmetry.space_group_name_H-M             'P 61 2 2' 
_symmetry.pdbx_full_space_group_name_H-M   ? 
_symmetry.cell_setting                     ? 
_symmetry.Int_Tables_number                178 
_symmetry.space_group_name_Hall            ? 
# 
_exptl.entry_id          3FRD 
_exptl.method            'X-RAY DIFFRACTION' 
_exptl.crystals_number   1 
# 
_exptl_crystal.id                    1 
_exptl_crystal.density_meas          ? 
_exptl_crystal.density_Matthews      2.67 
_exptl_crystal.density_percent_sol   53.99 
_exptl_crystal.description           ? 
_exptl_crystal.F_000                 ? 
_exptl_crystal.preparation           ? 
# 
_exptl_crystal_grow.crystal_id      1 
_exptl_crystal_grow.method          ? 
_exptl_crystal_grow.temp            ? 
_exptl_crystal_grow.temp_details    ? 
_exptl_crystal_grow.pH              5.5 
_exptl_crystal_grow.pdbx_details    '25% PEG 3350, 200mM NaCl, 100mM bis-Tris, pH5.5' 
_exptl_crystal_grow.pdbx_pH_range   ? 
# 
_diffrn.id                     1 
_diffrn.ambient_temp           100 
_diffrn.ambient_temp_details   ? 
_diffrn.crystal_id             1 
# 
_diffrn_detector.diffrn_id              1 
_diffrn_detector.detector               'IMAGE PLATE' 
_diffrn_detector.type                   'MAR scanner 180 mm plate' 
_diffrn_detector.pdbx_collection_date   ? 
_diffrn_detector.details                ? 
# 
_diffrn_radiation.diffrn_id                        1 
_diffrn_radiation.wavelength_id                    1 
_diffrn_radiation.pdbx_monochromatic_or_laue_m_l   M 
_diffrn_radiation.monochromator                    ? 
_diffrn_radiation.pdbx_diffrn_protocol             'SINGLE WAVELENGTH' 
_diffrn_radiation.pdbx_scattering_type             x-ray 
# 
_diffrn_radiation_wavelength.id           1 
_diffrn_radiation_wavelength.wavelength   . 
_diffrn_radiation_wavelength.wt           1.0 
# 
_diffrn_source.diffrn_id                   1 
_diffrn_source.source                      'ROTATING ANODE' 
_diffrn_source.type                        'ENRAF-NONIUS FR591' 
_diffrn_source.pdbx_synchrotron_site       ? 
_diffrn_source.pdbx_synchrotron_beamline   ? 
_diffrn_source.pdbx_wavelength             ? 
_diffrn_source.pdbx_wavelength_list        ? 
# 
_reflns.entry_id                     3FRD 
_reflns.observed_criterion_sigma_I   1.0 
_reflns.observed_criterion_sigma_F   1.0 
_reflns.d_resolution_low             20 
_reflns.d_resolution_high            2.1 
_reflns.number_obs                   12127 
_reflns.number_all                   12127 
_reflns.percent_possible_obs         99.5 
_reflns.pdbx_Rmerge_I_obs            ? 
_reflns.pdbx_Rsym_value              ? 
_reflns.pdbx_netI_over_sigmaI        ? 
_reflns.B_iso_Wilson_estimate        ? 
_reflns.pdbx_redundancy              ? 
_reflns.R_free_details               ? 
_reflns.limit_h_max                  ? 
_reflns.limit_h_min                  ? 
_reflns.limit_k_max                  ? 
_reflns.limit_k_min                  ? 
_reflns.limit_l_max                  ? 
_reflns.limit_l_min                  ? 
_reflns.observed_criterion_F_max     ? 
_reflns.observed_criterion_F_min     ? 
_reflns.pdbx_chi_squared             ? 
_reflns.pdbx_scaling_rejects         ? 
_reflns.pdbx_ordinal                 1 
_reflns.pdbx_diffrn_id               1 
# 
_reflns_shell.d_res_high             2.1 
_reflns_shell.d_res_low              2.23 
_reflns_shell.percent_possible_all   98.2 
_reflns_shell.Rmerge_I_obs           ? 
_reflns_shell.pdbx_Rsym_value        ? 
_reflns_shell.meanI_over_sigI_obs    ? 
_reflns_shell.pdbx_redundancy        ? 
_reflns_shell.percent_possible_obs   ? 
_reflns_shell.number_unique_all      ? 
_reflns_shell.number_measured_all    ? 
_reflns_shell.number_measured_obs    ? 
_reflns_shell.number_unique_obs      ? 
_reflns_shell.pdbx_chi_squared       ? 
_reflns_shell.pdbx_ordinal           1 
_reflns_shell.pdbx_diffrn_id         1 
# 
_refine.entry_id                                 3FRD 
_refine.ls_number_reflns_obs                     11523 
_refine.ls_number_reflns_all                     ? 
_refine.pdbx_ls_sigma_I                          ? 
_refine.pdbx_ls_sigma_F                          ? 
_refine.pdbx_data_cutoff_high_absF               ? 
_refine.pdbx_data_cutoff_low_absF                ? 
_refine.pdbx_data_cutoff_high_rms_absF           ? 
_refine.ls_d_res_low                             20.00 
_refine.ls_d_res_high                            2.10 
_refine.ls_percent_reflns_obs                    99.79 
_refine.ls_R_factor_obs                          0.22923 
_refine.ls_R_factor_all                          ? 
_refine.ls_R_factor_R_work                       0.22707 
_refine.ls_R_factor_R_free                       0.27528 
_refine.ls_R_factor_R_free_error                 ? 
_refine.ls_R_factor_R_free_error_details         ? 
_refine.ls_percent_reflns_R_free                 4.8 
_refine.ls_number_reflns_R_free                  580 
_refine.ls_number_parameters                     ? 
_refine.ls_number_restraints                     ? 
_refine.occupancy_min                            ? 
_refine.occupancy_max                            ? 
_refine.correlation_coeff_Fo_to_Fc               0.939 
_refine.correlation_coeff_Fo_to_Fc_free          0.904 
_refine.B_iso_mean                               30.603 
_refine.aniso_B[1][1]                            0.27 
_refine.aniso_B[2][2]                            0.27 
_refine.aniso_B[3][3]                            -0.41 
_refine.aniso_B[1][2]                            0.14 
_refine.aniso_B[1][3]                            0.00 
_refine.aniso_B[2][3]                            0.00 
_refine.solvent_model_details                    'BABINET MODEL WITH MASK' 
_refine.solvent_model_param_ksol                 ? 
_refine.solvent_model_param_bsol                 ? 
_refine.pdbx_solvent_vdw_probe_radii             1.20 
_refine.pdbx_solvent_ion_probe_radii             0.80 
_refine.pdbx_solvent_shrinkage_radii             0.80 
_refine.pdbx_ls_cross_valid_method               THROUGHOUT 
_refine.details                                  'HYDROGENS HAVE BEEN ADDED IN THE RIDING POSITIONS' 
_refine.pdbx_starting_model                      ? 
_refine.pdbx_method_to_determine_struct          'MOLECULAR REPLACEMENT' 
_refine.pdbx_isotropic_thermal_model             ? 
_refine.pdbx_stereochemistry_target_values       'MAXIMUM LIKELIHOOD' 
_refine.pdbx_stereochem_target_val_spec_case     ? 
_refine.pdbx_R_Free_selection_details            RANDOM 
_refine.pdbx_overall_ESU_R                       0.249 
_refine.pdbx_overall_ESU_R_Free                  0.210 
_refine.overall_SU_ML                            0.160 
_refine.overall_SU_B                             6.149 
_refine.ls_redundancy_reflns_obs                 ? 
_refine.B_iso_min                                ? 
_refine.B_iso_max                                ? 
_refine.overall_SU_R_Cruickshank_DPI             ? 
_refine.overall_SU_R_free                        ? 
_refine.ls_wR_factor_R_free                      ? 
_refine.ls_wR_factor_R_work                      ? 
_refine.overall_FOM_free_R_set                   ? 
_refine.overall_FOM_work_R_set                   ? 
_refine.pdbx_refine_id                           'X-RAY DIFFRACTION' 
_refine.pdbx_overall_phase_error                 ? 
_refine.pdbx_diffrn_id                           1 
_refine.pdbx_TLS_residual_ADP_flag               ? 
_refine.pdbx_overall_SU_R_free_Cruickshank_DPI   ? 
_refine.pdbx_overall_SU_R_Blow_DPI               ? 
_refine.pdbx_overall_SU_R_free_Blow_DPI          ? 
# 
_refine_hist.pdbx_refine_id                   'X-RAY DIFFRACTION' 
_refine_hist.cycle_id                         LAST 
_refine_hist.pdbx_number_atoms_protein        1272 
_refine_hist.pdbx_number_atoms_nucleic_acid   0 
_refine_hist.pdbx_number_atoms_ligand         80 
_refine_hist.number_atoms_solvent             124 
_refine_hist.number_atoms_total               1476 
_refine_hist.d_res_high                       2.10 
_refine_hist.d_res_low                        20.00 
# 
loop_
_refine_ls_restr.type 
_refine_ls_restr.dev_ideal 
_refine_ls_restr.dev_ideal_target 
_refine_ls_restr.weight 
_refine_ls_restr.number 
_refine_ls_restr.pdbx_refine_id 
_refine_ls_restr.pdbx_restraint_function 
r_bond_refined_d             0.008  0.022  ? 1391 'X-RAY DIFFRACTION' ? 
r_bond_other_d               0.000  0.020  ? 917  'X-RAY DIFFRACTION' ? 
r_angle_refined_deg          1.140  2.018  ? 1897 'X-RAY DIFFRACTION' ? 
r_angle_other_deg            0.645  3.000  ? 2239 'X-RAY DIFFRACTION' ? 
r_dihedral_angle_1_deg       9.053  5.000  ? 156  'X-RAY DIFFRACTION' ? 
r_dihedral_angle_2_deg       41.063 24.194 ? 62   'X-RAY DIFFRACTION' ? 
r_dihedral_angle_3_deg       16.314 15.000 ? 226  'X-RAY DIFFRACTION' ? 
r_dihedral_angle_4_deg       11.717 15.000 ? 6    'X-RAY DIFFRACTION' ? 
r_chiral_restr               0.057  0.200  ? 208  'X-RAY DIFFRACTION' ? 
r_gen_planes_refined         0.003  0.020  ? 1479 'X-RAY DIFFRACTION' ? 
r_gen_planes_other           0.000  0.020  ? 265  'X-RAY DIFFRACTION' ? 
r_nbd_refined                0.222  0.200  ? 285  'X-RAY DIFFRACTION' ? 
r_nbd_other                  0.236  0.200  ? 1013 'X-RAY DIFFRACTION' ? 
r_nbtor_refined              0.196  0.200  ? 669  'X-RAY DIFFRACTION' ? 
r_nbtor_other                0.093  0.200  ? 706  'X-RAY DIFFRACTION' ? 
r_xyhbond_nbd_refined        0.234  0.200  ? 108  'X-RAY DIFFRACTION' ? 
r_xyhbond_nbd_other          0.085  0.200  ? 2    'X-RAY DIFFRACTION' ? 
r_metal_ion_refined          ?      ?      ? ?    'X-RAY DIFFRACTION' ? 
r_metal_ion_other            ?      ?      ? ?    'X-RAY DIFFRACTION' ? 
r_symmetry_vdw_refined       0.387  0.200  ? 12   'X-RAY DIFFRACTION' ? 
r_symmetry_vdw_other         0.332  0.200  ? 36   'X-RAY DIFFRACTION' ? 
r_symmetry_hbond_refined     0.373  0.200  ? 9    'X-RAY DIFFRACTION' ? 
r_symmetry_hbond_other       ?      ?      ? ?    'X-RAY DIFFRACTION' ? 
r_symmetry_metal_ion_refined ?      ?      ? ?    'X-RAY DIFFRACTION' ? 
r_symmetry_metal_ion_other   ?      ?      ? ?    'X-RAY DIFFRACTION' ? 
r_mcbond_it                  1.166  2.000  ? 1014 'X-RAY DIFFRACTION' ? 
r_mcbond_other               0.161  2.000  ? 318  'X-RAY DIFFRACTION' ? 
r_mcangle_it                 1.361  3.000  ? 1291 'X-RAY DIFFRACTION' ? 
r_scbond_it                  0.651  2.000  ? 708  'X-RAY DIFFRACTION' ? 
r_scangle_it                 0.989  3.000  ? 606  'X-RAY DIFFRACTION' ? 
r_rigid_bond_restr           ?      ?      ? ?    'X-RAY DIFFRACTION' ? 
r_sphericity_free            ?      ?      ? ?    'X-RAY DIFFRACTION' ? 
r_sphericity_bonded          ?      ?      ? ?    'X-RAY DIFFRACTION' ? 
# 
_refine_ls_shell.pdbx_total_number_of_bins_used   10 
_refine_ls_shell.d_res_high                       2.100 
_refine_ls_shell.d_res_low                        2.212 
_refine_ls_shell.number_reflns_R_work             1579 
_refine_ls_shell.R_factor_R_work                  0.288 
_refine_ls_shell.percent_reflns_obs               99.00 
_refine_ls_shell.R_factor_R_free                  0.347 
_refine_ls_shell.R_factor_R_free_error            ? 
_refine_ls_shell.percent_reflns_R_free            ? 
_refine_ls_shell.number_reflns_R_free             97 
_refine_ls_shell.number_reflns_all                ? 
_refine_ls_shell.R_factor_all                     ? 
_refine_ls_shell.number_reflns_obs                ? 
_refine_ls_shell.redundancy_reflns_obs            ? 
_refine_ls_shell.pdbx_refine_id                   'X-RAY DIFFRACTION' 
# 
_struct.entry_id                  3FRD 
_struct.title                     'S. aureus DHFR complexed with NADPH and folate' 
_struct.pdbx_model_details        ? 
_struct.pdbx_CASP_flag            ? 
_struct.pdbx_model_type_details   ? 
# 
_struct_keywords.entry_id        3FRD 
_struct_keywords.pdbx_keywords   OXIDOREDUCTASE 
_struct_keywords.text            'S aureus DHFR, OXIDOREDUCTASE, NADP, One-carbon metabolism' 
# 
loop_
_struct_asym.id 
_struct_asym.pdbx_blank_PDB_chainid_flag 
_struct_asym.pdbx_modified 
_struct_asym.entity_id 
_struct_asym.details 
A N N 1 ? 
B N N 2 ? 
C N N 3 ? 
D N N 4 ? 
# 
_struct_ref.id                         1 
_struct_ref.db_name                    UNP 
_struct_ref.db_code                    DYR_STAAU 
_struct_ref.pdbx_db_accession          P0A017 
_struct_ref.entity_id                  1 
_struct_ref.pdbx_seq_one_letter_code   
;TLSILVAHDLQRVIGFENQLPWHLPNDLKHVKKLSTGHTLVMGRKTFESIGKPLPNRRNVVLTSDTSFNVEGVDVIHSIE
DIYQLPGHVFIFGGQTLFEEMIDKVDDMYITVIEGKFRGDTFFPPYTFEDWEVASSVEGKLDEKNTIPHTFLHLIRKK
;
_struct_ref.pdbx_align_begin           2 
_struct_ref.pdbx_db_isoform            ? 
# 
_struct_ref_seq.align_id                      1 
_struct_ref_seq.ref_id                        1 
_struct_ref_seq.pdbx_PDB_id_code              3FRD 
_struct_ref_seq.pdbx_strand_id                X 
_struct_ref_seq.seq_align_beg                 1 
_struct_ref_seq.pdbx_seq_align_beg_ins_code   ? 
_struct_ref_seq.seq_align_end                 158 
_struct_ref_seq.pdbx_seq_align_end_ins_code   ? 
_struct_ref_seq.pdbx_db_accession             P0A017 
_struct_ref_seq.db_align_beg                  2 
_struct_ref_seq.pdbx_db_align_beg_ins_code    ? 
_struct_ref_seq.db_align_end                  159 
_struct_ref_seq.pdbx_db_align_end_ins_code    ? 
_struct_ref_seq.pdbx_auth_seq_align_beg       1 
_struct_ref_seq.pdbx_auth_seq_align_end       158 
# 
_pdbx_struct_assembly.id                   1 
_pdbx_struct_assembly.details              author_and_software_defined_assembly 
_pdbx_struct_assembly.method_details       PISA 
_pdbx_struct_assembly.oligomeric_details   monomeric 
_pdbx_struct_assembly.oligomeric_count     1 
# 
_pdbx_struct_assembly_gen.assembly_id       1 
_pdbx_struct_assembly_gen.oper_expression   1 
_pdbx_struct_assembly_gen.asym_id_list      A,B,C,D 
# 
_pdbx_struct_oper_list.id                   1 
_pdbx_struct_oper_list.type                 'identity operation' 
_pdbx_struct_oper_list.name                 1_555 
_pdbx_struct_oper_list.symmetry_operation   x,y,z 
_pdbx_struct_oper_list.matrix[1][1]         1.0000000000 
_pdbx_struct_oper_list.matrix[1][2]         0.0000000000 
_pdbx_struct_oper_list.matrix[1][3]         0.0000000000 
_pdbx_struct_oper_list.vector[1]            0.0000000000 
_pdbx_struct_oper_list.matrix[2][1]         0.0000000000 
_pdbx_struct_oper_list.matrix[2][2]         1.0000000000 
_pdbx_struct_oper_list.matrix[2][3]         0.0000000000 
_pdbx_struct_oper_list.vector[2]            0.0000000000 
_pdbx_struct_oper_list.matrix[3][1]         0.0000000000 
_pdbx_struct_oper_list.matrix[3][2]         0.0000000000 
_pdbx_struct_oper_list.matrix[3][3]         1.0000000000 
_pdbx_struct_oper_list.vector[3]            0.0000000000 
# 
_struct_biol.id        1 
_struct_biol.details   ? 
# 
loop_
_struct_conf.conf_type_id 
_struct_conf.id 
_struct_conf.pdbx_PDB_helix_id 
_struct_conf.beg_label_comp_id 
_struct_conf.beg_label_asym_id 
_struct_conf.beg_label_seq_id 
_struct_conf.pdbx_beg_PDB_ins_code 
_struct_conf.end_label_comp_id 
_struct_conf.end_label_asym_id 
_struct_conf.end_label_seq_id 
_struct_conf.pdbx_end_PDB_ins_code 
_struct_conf.beg_auth_comp_id 
_struct_conf.beg_auth_asym_id 
_struct_conf.beg_auth_seq_id 
_struct_conf.end_auth_comp_id 
_struct_conf.end_auth_asym_id 
_struct_conf.end_auth_seq_id 
_struct_conf.pdbx_PDB_helix_class 
_struct_conf.details 
_struct_conf.pdbx_PDB_helix_length 
HELX_P HELX_P1 1 LEU A 24 ? THR A 36  ? LEU X 24 THR X 36  1 ? 13 
HELX_P HELX_P2 2 ARG A 44 ? GLY A 51  ? ARG X 44 GLY X 51  1 ? 8  
HELX_P HELX_P3 3 SER A 78 ? LEU A 85  ? SER X 78 LEU X 85  5 ? 8  
HELX_P HELX_P4 4 GLY A 94 ? ILE A 102 ? GLY X 94 ILE X 102 1 ? 9  
# 
_struct_conf_type.id          HELX_P 
_struct_conf_type.criteria    ? 
_struct_conf_type.reference   ? 
# 
_struct_mon_prot_cis.pdbx_id                1 
_struct_mon_prot_cis.label_comp_id          GLY 
_struct_mon_prot_cis.label_seq_id           93 
_struct_mon_prot_cis.label_asym_id          A 
_struct_mon_prot_cis.label_alt_id           . 
_struct_mon_prot_cis.pdbx_PDB_ins_code      ? 
_struct_mon_prot_cis.auth_comp_id           GLY 
_struct_mon_prot_cis.auth_seq_id            93 
_struct_mon_prot_cis.auth_asym_id           X 
_struct_mon_prot_cis.pdbx_label_comp_id_2   GLY 
_struct_mon_prot_cis.pdbx_label_seq_id_2    94 
_struct_mon_prot_cis.pdbx_label_asym_id_2   A 
_struct_mon_prot_cis.pdbx_PDB_ins_code_2    ? 
_struct_mon_prot_cis.pdbx_auth_comp_id_2    GLY 
_struct_mon_prot_cis.pdbx_auth_seq_id_2     94 
_struct_mon_prot_cis.pdbx_auth_asym_id_2    X 
_struct_mon_prot_cis.pdbx_PDB_model_num     1 
_struct_mon_prot_cis.pdbx_omega_angle       6.94 
# 
loop_
_struct_sheet.id 
_struct_sheet.type 
_struct_sheet.number_strands 
_struct_sheet.details 
A ? 8 ? 
B ? 2 ? 
# 
loop_
_struct_sheet_order.sheet_id 
_struct_sheet_order.range_id_1 
_struct_sheet_order.range_id_2 
_struct_sheet_order.offset 
_struct_sheet_order.sense 
A 1 2 ? parallel      
A 2 3 ? parallel      
A 3 4 ? parallel      
A 4 5 ? parallel      
A 5 6 ? parallel      
A 6 7 ? anti-parallel 
A 7 8 ? anti-parallel 
B 1 2 ? anti-parallel 
# 
loop_
_struct_sheet_range.sheet_id 
_struct_sheet_range.id 
_struct_sheet_range.beg_label_comp_id 
_struct_sheet_range.beg_label_asym_id 
_struct_sheet_range.beg_label_seq_id 
_struct_sheet_range.pdbx_beg_PDB_ins_code 
_struct_sheet_range.end_label_comp_id 
_struct_sheet_range.end_label_asym_id 
_struct_sheet_range.end_label_seq_id 
_struct_sheet_range.pdbx_end_PDB_ins_code 
_struct_sheet_range.beg_auth_comp_id 
_struct_sheet_range.beg_auth_asym_id 
_struct_sheet_range.beg_auth_seq_id 
_struct_sheet_range.end_auth_comp_id 
_struct_sheet_range.end_auth_asym_id 
_struct_sheet_range.end_auth_seq_id 
A 1 VAL A 73  ? ILE A 76  ? VAL X 73  ILE X 76  
A 2 ARG A 58  ? LEU A 62  ? ARG X 58  LEU X 62  
A 3 THR A 39  ? GLY A 43  ? THR X 39  GLY X 43  
A 4 VAL A 89  ? ILE A 91  ? VAL X 89  ILE X 91  
A 5 LEU A 2   ? ASP A 9   ? LEU X 2   ASP X 9   
A 6 ASP A 107 ? ILE A 113 ? ASP X 107 ILE X 113 
A 7 HIS A 149 ? ARG A 156 ? HIS X 149 ARG X 156 
A 8 TRP A 131 ? GLU A 138 ? TRP X 131 GLU X 138 
B 1 VAL A 13  ? GLY A 15  ? VAL X 13  GLY X 15  
B 2 THR A 121 ? PHE A 122 ? THR X 121 PHE X 122 
# 
loop_
_pdbx_struct_sheet_hbond.sheet_id 
_pdbx_struct_sheet_hbond.range_id_1 
_pdbx_struct_sheet_hbond.range_id_2 
_pdbx_struct_sheet_hbond.range_1_label_atom_id 
_pdbx_struct_sheet_hbond.range_1_label_comp_id 
_pdbx_struct_sheet_hbond.range_1_label_asym_id 
_pdbx_struct_sheet_hbond.range_1_label_seq_id 
_pdbx_struct_sheet_hbond.range_1_PDB_ins_code 
_pdbx_struct_sheet_hbond.range_1_auth_atom_id 
_pdbx_struct_sheet_hbond.range_1_auth_comp_id 
_pdbx_struct_sheet_hbond.range_1_auth_asym_id 
_pdbx_struct_sheet_hbond.range_1_auth_seq_id 
_pdbx_struct_sheet_hbond.range_2_label_atom_id 
_pdbx_struct_sheet_hbond.range_2_label_comp_id 
_pdbx_struct_sheet_hbond.range_2_label_asym_id 
_pdbx_struct_sheet_hbond.range_2_label_seq_id 
_pdbx_struct_sheet_hbond.range_2_PDB_ins_code 
_pdbx_struct_sheet_hbond.range_2_auth_atom_id 
_pdbx_struct_sheet_hbond.range_2_auth_comp_id 
_pdbx_struct_sheet_hbond.range_2_auth_asym_id 
_pdbx_struct_sheet_hbond.range_2_auth_seq_id 
A 1 2 O ASP A 74  ? O ASP X 74  N VAL A 61  ? N VAL X 61  
A 2 3 O VAL A 60  ? O VAL X 60  N LEU A 40  ? N LEU X 40  
A 3 4 N THR A 39  ? N THR X 39  O PHE A 90  ? O PHE X 90  
A 4 5 O ILE A 91  ? O ILE X 91  N SER A 3   ? N SER X 3   
A 5 6 N ILE A 4   ? N ILE X 4   O TYR A 109 ? O TYR X 109 
A 6 7 N ILE A 110 ? N ILE X 110 O LEU A 152 ? O LEU X 152 
A 7 8 O ILE A 155 ? O ILE X 155 N GLU A 132 ? N GLU X 132 
B 1 2 N ILE A 14  ? N ILE X 14  O THR A 121 ? O THR X 121 
# 
loop_
_struct_site.id 
_struct_site.pdbx_evidence_code 
_struct_site.pdbx_auth_asym_id 
_struct_site.pdbx_auth_comp_id 
_struct_site.pdbx_auth_seq_id 
_struct_site.pdbx_auth_ins_code 
_struct_site.pdbx_num_residues 
_struct_site.details 
AC1 Software X NDP 301 ? 28 'BINDING SITE FOR RESIDUE NDP X 301' 
AC2 Software X DHF 300 ? 14 'BINDING SITE FOR RESIDUE DHF X 300' 
# 
loop_
_struct_site_gen.id 
_struct_site_gen.site_id 
_struct_site_gen.pdbx_num_res 
_struct_site_gen.label_comp_id 
_struct_site_gen.label_asym_id 
_struct_site_gen.label_seq_id 
_struct_site_gen.pdbx_auth_ins_code 
_struct_site_gen.auth_comp_id 
_struct_site_gen.auth_asym_id 
_struct_site_gen.auth_seq_id 
_struct_site_gen.label_atom_id 
_struct_site_gen.label_alt_id 
_struct_site_gen.symmetry 
_struct_site_gen.details 
1  AC1 28 VAL A 6   ? VAL X 6   . ? 1_555 ? 
2  AC1 28 ALA A 7   ? ALA X 7   . ? 1_555 ? 
3  AC1 28 ILE A 14  ? ILE X 14  . ? 1_555 ? 
4  AC1 28 GLY A 15  ? GLY X 15  . ? 1_555 ? 
5  AC1 28 ASN A 18  ? ASN X 18  . ? 1_555 ? 
6  AC1 28 GLN A 19  ? GLN X 19  . ? 1_555 ? 
7  AC1 28 LEU A 20  ? LEU X 20  . ? 1_555 ? 
8  AC1 28 GLY A 43  ? GLY X 43  . ? 1_555 ? 
9  AC1 28 ARG A 44  ? ARG X 44  . ? 1_555 ? 
10 AC1 28 LYS A 45  ? LYS X 45  . ? 1_555 ? 
11 AC1 28 THR A 46  ? THR X 46  . ? 1_555 ? 
12 AC1 28 LEU A 62  ? LEU X 62  . ? 1_555 ? 
13 AC1 28 THR A 63  ? THR X 63  . ? 1_555 ? 
14 AC1 28 SER A 64  ? SER X 64  . ? 1_555 ? 
15 AC1 28 HIS A 77  ? HIS X 77  . ? 1_555 ? 
16 AC1 28 PHE A 92  ? PHE X 92  . ? 1_555 ? 
17 AC1 28 GLY A 93  ? GLY X 93  . ? 1_555 ? 
18 AC1 28 GLY A 94  ? GLY X 94  . ? 1_555 ? 
19 AC1 28 GLN A 95  ? GLN X 95  . ? 1_555 ? 
20 AC1 28 THR A 96  ? THR X 96  . ? 1_555 ? 
21 AC1 28 GLU A 100 ? GLU X 100 . ? 1_555 ? 
22 AC1 28 THR A 121 ? THR X 121 . ? 1_555 ? 
23 AC1 28 HOH D .   ? HOH X 187 . ? 1_555 ? 
24 AC1 28 HOH D .   ? HOH X 191 . ? 1_555 ? 
25 AC1 28 HOH D .   ? HOH X 196 . ? 1_555 ? 
26 AC1 28 HOH D .   ? HOH X 197 . ? 1_555 ? 
27 AC1 28 HOH D .   ? HOH X 198 . ? 1_555 ? 
28 AC1 28 DHF C .   ? DHF X 300 . ? 1_555 ? 
29 AC2 14 VAL A 6   ? VAL X 6   . ? 1_555 ? 
30 AC2 14 ALA A 7   ? ALA X 7   . ? 1_555 ? 
31 AC2 14 LEU A 20  ? LEU X 20  . ? 1_555 ? 
32 AC2 14 ASP A 27  ? ASP X 27  . ? 1_555 ? 
33 AC2 14 LEU A 28  ? LEU X 28  . ? 1_555 ? 
34 AC2 14 VAL A 31  ? VAL X 31  . ? 1_555 ? 
35 AC2 14 LYS A 32  ? LYS X 32  . ? 1_555 ? 
36 AC2 14 LEU A 54  ? LEU X 54  . ? 1_555 ? 
37 AC2 14 ARG A 57  ? ARG X 57  . ? 1_555 ? 
38 AC2 14 PHE A 92  ? PHE X 92  . ? 1_555 ? 
39 AC2 14 THR A 111 ? THR X 111 . ? 1_555 ? 
40 AC2 14 HOH D .   ? HOH X 159 . ? 1_555 ? 
41 AC2 14 HOH D .   ? HOH X 204 . ? 1_555 ? 
42 AC2 14 NDP B .   ? NDP X 301 . ? 1_555 ? 
# 
loop_
_pdbx_validate_close_contact.id 
_pdbx_validate_close_contact.PDB_model_num 
_pdbx_validate_close_contact.auth_atom_id_1 
_pdbx_validate_close_contact.auth_asym_id_1 
_pdbx_validate_close_contact.auth_comp_id_1 
_pdbx_validate_close_contact.auth_seq_id_1 
_pdbx_validate_close_contact.PDB_ins_code_1 
_pdbx_validate_close_contact.label_alt_id_1 
_pdbx_validate_close_contact.auth_atom_id_2 
_pdbx_validate_close_contact.auth_asym_id_2 
_pdbx_validate_close_contact.auth_comp_id_2 
_pdbx_validate_close_contact.auth_seq_id_2 
_pdbx_validate_close_contact.PDB_ins_code_2 
_pdbx_validate_close_contact.label_alt_id_2 
_pdbx_validate_close_contact.dist 
1 1 O4  X DHF 300 ? ? O X HOH 159 ? ? 2.04 
2 1 O   X HOH 258 ? ? O X HOH 259 ? ? 2.12 
3 1 OD2 X ASP 106 ? ? O X HOH 255 ? ? 2.13 
# 
loop_
_pdbx_validate_symm_contact.id 
_pdbx_validate_symm_contact.PDB_model_num 
_pdbx_validate_symm_contact.auth_atom_id_1 
_pdbx_validate_symm_contact.auth_asym_id_1 
_pdbx_validate_symm_contact.auth_comp_id_1 
_pdbx_validate_symm_contact.auth_seq_id_1 
_pdbx_validate_symm_contact.PDB_ins_code_1 
_pdbx_validate_symm_contact.label_alt_id_1 
_pdbx_validate_symm_contact.site_symmetry_1 
_pdbx_validate_symm_contact.auth_atom_id_2 
_pdbx_validate_symm_contact.auth_asym_id_2 
_pdbx_validate_symm_contact.auth_comp_id_2 
_pdbx_validate_symm_contact.auth_seq_id_2 
_pdbx_validate_symm_contact.PDB_ins_code_2 
_pdbx_validate_symm_contact.label_alt_id_2 
_pdbx_validate_symm_contact.site_symmetry_2 
_pdbx_validate_symm_contact.dist 
1 1 O X HOH 249 ? ? 1_555 O X HOH 249 ? ? 11_655 1.87 
2 1 O X HOH 181 ? ? 1_555 O X HOH 266 ? ? 5_554  2.02 
# 
loop_
_pdbx_validate_torsion.id 
_pdbx_validate_torsion.PDB_model_num 
_pdbx_validate_torsion.auth_comp_id 
_pdbx_validate_torsion.auth_asym_id 
_pdbx_validate_torsion.auth_seq_id 
_pdbx_validate_torsion.PDB_ins_code 
_pdbx_validate_torsion.label_alt_id 
_pdbx_validate_torsion.phi 
_pdbx_validate_torsion.psi 
1 1 ASN X 18  ? ? 55.19   19.20   
2 1 HIS X 38  ? ? -131.20 -152.63 
3 1 ASN X 56  ? ? 86.75   26.96   
4 1 ASP X 142 ? ? -170.88 -163.70 
# 
_pdbx_unobs_or_zero_occ_residues.id               1 
_pdbx_unobs_or_zero_occ_residues.PDB_model_num    1 
_pdbx_unobs_or_zero_occ_residues.polymer_flag     Y 
_pdbx_unobs_or_zero_occ_residues.occupancy_flag   1 
_pdbx_unobs_or_zero_occ_residues.auth_asym_id     X 
_pdbx_unobs_or_zero_occ_residues.auth_comp_id     LYS 
_pdbx_unobs_or_zero_occ_residues.auth_seq_id      158 
_pdbx_unobs_or_zero_occ_residues.PDB_ins_code     ? 
_pdbx_unobs_or_zero_occ_residues.label_asym_id    A 
_pdbx_unobs_or_zero_occ_residues.label_comp_id    LYS 
_pdbx_unobs_or_zero_occ_residues.label_seq_id     158 
# 
loop_
_chem_comp_atom.comp_id 
_chem_comp_atom.atom_id 
_chem_comp_atom.type_symbol 
_chem_comp_atom.pdbx_aromatic_flag 
_chem_comp_atom.pdbx_stereo_config 
_chem_comp_atom.pdbx_ordinal 
ALA N    N N N 1   
ALA CA   C N S 2   
ALA C    C N N 3   
ALA O    O N N 4   
ALA CB   C N N 5   
ALA OXT  O N N 6   
ALA H    H N N 7   
ALA H2   H N N 8   
ALA HA   H N N 9   
ALA HB1  H N N 10  
ALA HB2  H N N 11  
ALA HB3  H N N 12  
ALA HXT  H N N 13  
ARG N    N N N 14  
ARG CA   C N S 15  
ARG C    C N N 16  
ARG O    O N N 17  
ARG CB   C N N 18  
ARG CG   C N N 19  
ARG CD   C N N 20  
ARG NE   N N N 21  
ARG CZ   C N N 22  
ARG NH1  N N N 23  
ARG NH2  N N N 24  
ARG OXT  O N N 25  
ARG H    H N N 26  
ARG H2   H N N 27  
ARG HA   H N N 28  
ARG HB2  H N N 29  
ARG HB3  H N N 30  
ARG HG2  H N N 31  
ARG HG3  H N N 32  
ARG HD2  H N N 33  
ARG HD3  H N N 34  
ARG HE   H N N 35  
ARG HH11 H N N 36  
ARG HH12 H N N 37  
ARG HH21 H N N 38  
ARG HH22 H N N 39  
ARG HXT  H N N 40  
ASN N    N N N 41  
ASN CA   C N S 42  
ASN C    C N N 43  
ASN O    O N N 44  
ASN CB   C N N 45  
ASN CG   C N N 46  
ASN OD1  O N N 47  
ASN ND2  N N N 48  
ASN OXT  O N N 49  
ASN H    H N N 50  
ASN H2   H N N 51  
ASN HA   H N N 52  
ASN HB2  H N N 53  
ASN HB3  H N N 54  
ASN HD21 H N N 55  
ASN HD22 H N N 56  
ASN HXT  H N N 57  
ASP N    N N N 58  
ASP CA   C N S 59  
ASP C    C N N 60  
ASP O    O N N 61  
ASP CB   C N N 62  
ASP CG   C N N 63  
ASP OD1  O N N 64  
ASP OD2  O N N 65  
ASP OXT  O N N 66  
ASP H    H N N 67  
ASP H2   H N N 68  
ASP HA   H N N 69  
ASP HB2  H N N 70  
ASP HB3  H N N 71  
ASP HD2  H N N 72  
ASP HXT  H N N 73  
DHF N1   N Y N 74  
DHF C2   C Y N 75  
DHF NA2  N N N 76  
DHF N3   N Y N 77  
DHF C4   C Y N 78  
DHF O4   O N N 79  
DHF C4A  C Y N 80  
DHF N5   N N N 81  
DHF C6   C N N 82  
DHF C7   C N N 83  
DHF N8   N N N 84  
DHF C8A  C Y N 85  
DHF C9   C N N 86  
DHF N10  N N N 87  
DHF C11  C Y N 88  
DHF C12  C Y N 89  
DHF C13  C Y N 90  
DHF C14  C Y N 91  
DHF C15  C Y N 92  
DHF C16  C Y N 93  
DHF C    C N N 94  
DHF O    O N N 95  
DHF N    N N N 96  
DHF CA   C N S 97  
DHF CB   C N N 98  
DHF CG   C N N 99  
DHF CD   C N N 100 
DHF OE1  O N N 101 
DHF OE2  O N N 102 
DHF CT   C N N 103 
DHF O1   O N N 104 
DHF O2   O N N 105 
DHF HN1  H N N 106 
DHF HN21 H N N 107 
DHF HN22 H N N 108 
DHF H71  H N N 109 
DHF H72  H N N 110 
DHF HN8  H N N 111 
DHF H91  H N N 112 
DHF H92  H N N 113 
DHF HN0  H N N 114 
DHF H12  H N N 115 
DHF H13  H N N 116 
DHF H15  H N N 117 
DHF H16  H N N 118 
DHF HN   H N N 119 
DHF HA   H N N 120 
DHF HB1  H N N 121 
DHF HB2  H N N 122 
DHF HG1  H N N 123 
DHF HG2  H N N 124 
DHF HOE2 H N N 125 
DHF HO2  H N N 126 
GLN N    N N N 127 
GLN CA   C N S 128 
GLN C    C N N 129 
GLN O    O N N 130 
GLN CB   C N N 131 
GLN CG   C N N 132 
GLN CD   C N N 133 
GLN OE1  O N N 134 
GLN NE2  N N N 135 
GLN OXT  O N N 136 
GLN H    H N N 137 
GLN H2   H N N 138 
GLN HA   H N N 139 
GLN HB2  H N N 140 
GLN HB3  H N N 141 
GLN HG2  H N N 142 
GLN HG3  H N N 143 
GLN HE21 H N N 144 
GLN HE22 H N N 145 
GLN HXT  H N N 146 
GLU N    N N N 147 
GLU CA   C N S 148 
GLU C    C N N 149 
GLU O    O N N 150 
GLU CB   C N N 151 
GLU CG   C N N 152 
GLU CD   C N N 153 
GLU OE1  O N N 154 
GLU OE2  O N N 155 
GLU OXT  O N N 156 
GLU H    H N N 157 
GLU H2   H N N 158 
GLU HA   H N N 159 
GLU HB2  H N N 160 
GLU HB3  H N N 161 
GLU HG2  H N N 162 
GLU HG3  H N N 163 
GLU HE2  H N N 164 
GLU HXT  H N N 165 
GLY N    N N N 166 
GLY CA   C N N 167 
GLY C    C N N 168 
GLY O    O N N 169 
GLY OXT  O N N 170 
GLY H    H N N 171 
GLY H2   H N N 172 
GLY HA2  H N N 173 
GLY HA3  H N N 174 
GLY HXT  H N N 175 
HIS N    N N N 176 
HIS CA   C N S 177 
HIS C    C N N 178 
HIS O    O N N 179 
HIS CB   C N N 180 
HIS CG   C Y N 181 
HIS ND1  N Y N 182 
HIS CD2  C Y N 183 
HIS CE1  C Y N 184 
HIS NE2  N Y N 185 
HIS OXT  O N N 186 
HIS H    H N N 187 
HIS H2   H N N 188 
HIS HA   H N N 189 
HIS HB2  H N N 190 
HIS HB3  H N N 191 
HIS HD1  H N N 192 
HIS HD2  H N N 193 
HIS HE1  H N N 194 
HIS HE2  H N N 195 
HIS HXT  H N N 196 
HOH O    O N N 197 
HOH H1   H N N 198 
HOH H2   H N N 199 
ILE N    N N N 200 
ILE CA   C N S 201 
ILE C    C N N 202 
ILE O    O N N 203 
ILE CB   C N S 204 
ILE CG1  C N N 205 
ILE CG2  C N N 206 
ILE CD1  C N N 207 
ILE OXT  O N N 208 
ILE H    H N N 209 
ILE H2   H N N 210 
ILE HA   H N N 211 
ILE HB   H N N 212 
ILE HG12 H N N 213 
ILE HG13 H N N 214 
ILE HG21 H N N 215 
ILE HG22 H N N 216 
ILE HG23 H N N 217 
ILE HD11 H N N 218 
ILE HD12 H N N 219 
ILE HD13 H N N 220 
ILE HXT  H N N 221 
LEU N    N N N 222 
LEU CA   C N S 223 
LEU C    C N N 224 
LEU O    O N N 225 
LEU CB   C N N 226 
LEU CG   C N N 227 
LEU CD1  C N N 228 
LEU CD2  C N N 229 
LEU OXT  O N N 230 
LEU H    H N N 231 
LEU H2   H N N 232 
LEU HA   H N N 233 
LEU HB2  H N N 234 
LEU HB3  H N N 235 
LEU HG   H N N 236 
LEU HD11 H N N 237 
LEU HD12 H N N 238 
LEU HD13 H N N 239 
LEU HD21 H N N 240 
LEU HD22 H N N 241 
LEU HD23 H N N 242 
LEU HXT  H N N 243 
LYS N    N N N 244 
LYS CA   C N S 245 
LYS C    C N N 246 
LYS O    O N N 247 
LYS CB   C N N 248 
LYS CG   C N N 249 
LYS CD   C N N 250 
LYS CE   C N N 251 
LYS NZ   N N N 252 
LYS OXT  O N N 253 
LYS H    H N N 254 
LYS H2   H N N 255 
LYS HA   H N N 256 
LYS HB2  H N N 257 
LYS HB3  H N N 258 
LYS HG2  H N N 259 
LYS HG3  H N N 260 
LYS HD2  H N N 261 
LYS HD3  H N N 262 
LYS HE2  H N N 263 
LYS HE3  H N N 264 
LYS HZ1  H N N 265 
LYS HZ2  H N N 266 
LYS HZ3  H N N 267 
LYS HXT  H N N 268 
MET N    N N N 269 
MET CA   C N S 270 
MET C    C N N 271 
MET O    O N N 272 
MET CB   C N N 273 
MET CG   C N N 274 
MET SD   S N N 275 
MET CE   C N N 276 
MET OXT  O N N 277 
MET H    H N N 278 
MET H2   H N N 279 
MET HA   H N N 280 
MET HB2  H N N 281 
MET HB3  H N N 282 
MET HG2  H N N 283 
MET HG3  H N N 284 
MET HE1  H N N 285 
MET HE2  H N N 286 
MET HE3  H N N 287 
MET HXT  H N N 288 
NDP PA   P N S 289 
NDP O1A  O N N 290 
NDP O2A  O N N 291 
NDP O5B  O N N 292 
NDP C5B  C N N 293 
NDP C4B  C N R 294 
NDP O4B  O N N 295 
NDP C3B  C N R 296 
NDP O3B  O N N 297 
NDP C2B  C N R 298 
NDP O2B  O N N 299 
NDP C1B  C N R 300 
NDP N9A  N Y N 301 
NDP C8A  C Y N 302 
NDP N7A  N Y N 303 
NDP C5A  C Y N 304 
NDP C6A  C Y N 305 
NDP N6A  N N N 306 
NDP N1A  N Y N 307 
NDP C2A  C Y N 308 
NDP N3A  N Y N 309 
NDP C4A  C Y N 310 
NDP O3   O N N 311 
NDP PN   P N S 312 
NDP O1N  O N N 313 
NDP O2N  O N N 314 
NDP O5D  O N N 315 
NDP C5D  C N N 316 
NDP C4D  C N R 317 
NDP O4D  O N N 318 
NDP C3D  C N S 319 
NDP O3D  O N N 320 
NDP C2D  C N R 321 
NDP O2D  O N N 322 
NDP C1D  C N R 323 
NDP N1N  N N N 324 
NDP C2N  C N N 325 
NDP C3N  C N N 326 
NDP C7N  C N N 327 
NDP O7N  O N N 328 
NDP N7N  N N N 329 
NDP C4N  C N N 330 
NDP C5N  C N N 331 
NDP C6N  C N N 332 
NDP P2B  P N N 333 
NDP O1X  O N N 334 
NDP O2X  O N N 335 
NDP O3X  O N N 336 
NDP HOA2 H N N 337 
NDP H51A H N N 338 
NDP H52A H N N 339 
NDP H4B  H N N 340 
NDP H3B  H N N 341 
NDP HO3A H N N 342 
NDP H2B  H N N 343 
NDP H1B  H N N 344 
NDP H8A  H N N 345 
NDP H61A H N N 346 
NDP H62A H N N 347 
NDP H2A  H N N 348 
NDP H21N H N N 349 
NDP H51N H N N 350 
NDP H52N H N N 351 
NDP H4D  H N N 352 
NDP H3D  H N N 353 
NDP HO3N H N N 354 
NDP H2D  H N N 355 
NDP HO2N H N N 356 
NDP H1D  H N N 357 
NDP H2N  H N N 358 
NDP H71N H N N 359 
NDP H72N H N N 360 
NDP H41N H N N 361 
NDP H42N H N N 362 
NDP H5N  H N N 363 
NDP H6N  H N N 364 
NDP HOP2 H N N 365 
NDP HOP3 H N N 366 
PHE N    N N N 367 
PHE CA   C N S 368 
PHE C    C N N 369 
PHE O    O N N 370 
PHE CB   C N N 371 
PHE CG   C Y N 372 
PHE CD1  C Y N 373 
PHE CD2  C Y N 374 
PHE CE1  C Y N 375 
PHE CE2  C Y N 376 
PHE CZ   C Y N 377 
PHE OXT  O N N 378 
PHE H    H N N 379 
PHE H2   H N N 380 
PHE HA   H N N 381 
PHE HB2  H N N 382 
PHE HB3  H N N 383 
PHE HD1  H N N 384 
PHE HD2  H N N 385 
PHE HE1  H N N 386 
PHE HE2  H N N 387 
PHE HZ   H N N 388 
PHE HXT  H N N 389 
PRO N    N N N 390 
PRO CA   C N S 391 
PRO C    C N N 392 
PRO O    O N N 393 
PRO CB   C N N 394 
PRO CG   C N N 395 
PRO CD   C N N 396 
PRO OXT  O N N 397 
PRO H    H N N 398 
PRO HA   H N N 399 
PRO HB2  H N N 400 
PRO HB3  H N N 401 
PRO HG2  H N N 402 
PRO HG3  H N N 403 
PRO HD2  H N N 404 
PRO HD3  H N N 405 
PRO HXT  H N N 406 
SER N    N N N 407 
SER CA   C N S 408 
SER C    C N N 409 
SER O    O N N 410 
SER CB   C N N 411 
SER OG   O N N 412 
SER OXT  O N N 413 
SER H    H N N 414 
SER H2   H N N 415 
SER HA   H N N 416 
SER HB2  H N N 417 
SER HB3  H N N 418 
SER HG   H N N 419 
SER HXT  H N N 420 
THR N    N N N 421 
THR CA   C N S 422 
THR C    C N N 423 
THR O    O N N 424 
THR CB   C N R 425 
THR OG1  O N N 426 
THR CG2  C N N 427 
THR OXT  O N N 428 
THR H    H N N 429 
THR H2   H N N 430 
THR HA   H N N 431 
THR HB   H N N 432 
THR HG1  H N N 433 
THR HG21 H N N 434 
THR HG22 H N N 435 
THR HG23 H N N 436 
THR HXT  H N N 437 
TRP N    N N N 438 
TRP CA   C N S 439 
TRP C    C N N 440 
TRP O    O N N 441 
TRP CB   C N N 442 
TRP CG   C Y N 443 
TRP CD1  C Y N 444 
TRP CD2  C Y N 445 
TRP NE1  N Y N 446 
TRP CE2  C Y N 447 
TRP CE3  C Y N 448 
TRP CZ2  C Y N 449 
TRP CZ3  C Y N 450 
TRP CH2  C Y N 451 
TRP OXT  O N N 452 
TRP H    H N N 453 
TRP H2   H N N 454 
TRP HA   H N N 455 
TRP HB2  H N N 456 
TRP HB3  H N N 457 
TRP HD1  H N N 458 
TRP HE1  H N N 459 
TRP HE3  H N N 460 
TRP HZ2  H N N 461 
TRP HZ3  H N N 462 
TRP HH2  H N N 463 
TRP HXT  H N N 464 
TYR N    N N N 465 
TYR CA   C N S 466 
TYR C    C N N 467 
TYR O    O N N 468 
TYR CB   C N N 469 
TYR CG   C Y N 470 
TYR CD1  C Y N 471 
TYR CD2  C Y N 472 
TYR CE1  C Y N 473 
TYR CE2  C Y N 474 
TYR CZ   C Y N 475 
TYR OH   O N N 476 
TYR OXT  O N N 477 
TYR H    H N N 478 
TYR H2   H N N 479 
TYR HA   H N N 480 
TYR HB2  H N N 481 
TYR HB3  H N N 482 
TYR HD1  H N N 483 
TYR HD2  H N N 484 
TYR HE1  H N N 485 
TYR HE2  H N N 486 
TYR HH   H N N 487 
TYR HXT  H N N 488 
VAL N    N N N 489 
VAL CA   C N S 490 
VAL C    C N N 491 
VAL O    O N N 492 
VAL CB   C N N 493 
VAL CG1  C N N 494 
VAL CG2  C N N 495 
VAL OXT  O N N 496 
VAL H    H N N 497 
VAL H2   H N N 498 
VAL HA   H N N 499 
VAL HB   H N N 500 
VAL HG11 H N N 501 
VAL HG12 H N N 502 
VAL HG13 H N N 503 
VAL HG21 H N N 504 
VAL HG22 H N N 505 
VAL HG23 H N N 506 
VAL HXT  H N N 507 
# 
loop_
_chem_comp_bond.comp_id 
_chem_comp_bond.atom_id_1 
_chem_comp_bond.atom_id_2 
_chem_comp_bond.value_order 
_chem_comp_bond.pdbx_aromatic_flag 
_chem_comp_bond.pdbx_stereo_config 
_chem_comp_bond.pdbx_ordinal 
ALA N   CA   sing N N 1   
ALA N   H    sing N N 2   
ALA N   H2   sing N N 3   
ALA CA  C    sing N N 4   
ALA CA  CB   sing N N 5   
ALA CA  HA   sing N N 6   
ALA C   O    doub N N 7   
ALA C   OXT  sing N N 8   
ALA CB  HB1  sing N N 9   
ALA CB  HB2  sing N N 10  
ALA CB  HB3  sing N N 11  
ALA OXT HXT  sing N N 12  
ARG N   CA   sing N N 13  
ARG N   H    sing N N 14  
ARG N   H2   sing N N 15  
ARG CA  C    sing N N 16  
ARG CA  CB   sing N N 17  
ARG CA  HA   sing N N 18  
ARG C   O    doub N N 19  
ARG C   OXT  sing N N 20  
ARG CB  CG   sing N N 21  
ARG CB  HB2  sing N N 22  
ARG CB  HB3  sing N N 23  
ARG CG  CD   sing N N 24  
ARG CG  HG2  sing N N 25  
ARG CG  HG3  sing N N 26  
ARG CD  NE   sing N N 27  
ARG CD  HD2  sing N N 28  
ARG CD  HD3  sing N N 29  
ARG NE  CZ   sing N N 30  
ARG NE  HE   sing N N 31  
ARG CZ  NH1  sing N N 32  
ARG CZ  NH2  doub N N 33  
ARG NH1 HH11 sing N N 34  
ARG NH1 HH12 sing N N 35  
ARG NH2 HH21 sing N N 36  
ARG NH2 HH22 sing N N 37  
ARG OXT HXT  sing N N 38  
ASN N   CA   sing N N 39  
ASN N   H    sing N N 40  
ASN N   H2   sing N N 41  
ASN CA  C    sing N N 42  
ASN CA  CB   sing N N 43  
ASN CA  HA   sing N N 44  
ASN C   O    doub N N 45  
ASN C   OXT  sing N N 46  
ASN CB  CG   sing N N 47  
ASN CB  HB2  sing N N 48  
ASN CB  HB3  sing N N 49  
ASN CG  OD1  doub N N 50  
ASN CG  ND2  sing N N 51  
ASN ND2 HD21 sing N N 52  
ASN ND2 HD22 sing N N 53  
ASN OXT HXT  sing N N 54  
ASP N   CA   sing N N 55  
ASP N   H    sing N N 56  
ASP N   H2   sing N N 57  
ASP CA  C    sing N N 58  
ASP CA  CB   sing N N 59  
ASP CA  HA   sing N N 60  
ASP C   O    doub N N 61  
ASP C   OXT  sing N N 62  
ASP CB  CG   sing N N 63  
ASP CB  HB2  sing N N 64  
ASP CB  HB3  sing N N 65  
ASP CG  OD1  doub N N 66  
ASP CG  OD2  sing N N 67  
ASP OD2 HD2  sing N N 68  
ASP OXT HXT  sing N N 69  
DHF N1  C2   sing Y N 70  
DHF N1  C8A  sing Y N 71  
DHF N1  HN1  sing N N 72  
DHF C2  NA2  sing N N 73  
DHF C2  N3   doub Y N 74  
DHF NA2 HN21 sing N N 75  
DHF NA2 HN22 sing N N 76  
DHF N3  C4   sing Y N 77  
DHF C4  O4   doub N N 78  
DHF C4  C4A  sing Y N 79  
DHF C4A N5   sing N N 80  
DHF C4A C8A  doub Y N 81  
DHF N5  C6   doub N N 82  
DHF C6  C7   sing N N 83  
DHF C6  C9   sing N N 84  
DHF C7  N8   sing N N 85  
DHF C7  H71  sing N N 86  
DHF C7  H72  sing N N 87  
DHF N8  C8A  sing N N 88  
DHF N8  HN8  sing N N 89  
DHF C9  N10  sing N N 90  
DHF C9  H91  sing N N 91  
DHF C9  H92  sing N N 92  
DHF N10 C14  sing N N 93  
DHF N10 HN0  sing N N 94  
DHF C11 C12  doub Y N 95  
DHF C11 C16  sing Y N 96  
DHF C11 C    sing N N 97  
DHF C12 C13  sing Y N 98  
DHF C12 H12  sing N N 99  
DHF C13 C14  doub Y N 100 
DHF C13 H13  sing N N 101 
DHF C14 C15  sing Y N 102 
DHF C15 C16  doub Y N 103 
DHF C15 H15  sing N N 104 
DHF C16 H16  sing N N 105 
DHF C   O    doub N N 106 
DHF C   N    sing N N 107 
DHF N   CA   sing N N 108 
DHF N   HN   sing N N 109 
DHF CA  CB   sing N N 110 
DHF CA  CT   sing N N 111 
DHF CA  HA   sing N N 112 
DHF CB  CG   sing N N 113 
DHF CB  HB1  sing N N 114 
DHF CB  HB2  sing N N 115 
DHF CG  CD   sing N N 116 
DHF CG  HG1  sing N N 117 
DHF CG  HG2  sing N N 118 
DHF CD  OE1  doub N N 119 
DHF CD  OE2  sing N N 120 
DHF OE2 HOE2 sing N N 121 
DHF CT  O1   doub N N 122 
DHF CT  O2   sing N N 123 
DHF O2  HO2  sing N N 124 
GLN N   CA   sing N N 125 
GLN N   H    sing N N 126 
GLN N   H2   sing N N 127 
GLN CA  C    sing N N 128 
GLN CA  CB   sing N N 129 
GLN CA  HA   sing N N 130 
GLN C   O    doub N N 131 
GLN C   OXT  sing N N 132 
GLN CB  CG   sing N N 133 
GLN CB  HB2  sing N N 134 
GLN CB  HB3  sing N N 135 
GLN CG  CD   sing N N 136 
GLN CG  HG2  sing N N 137 
GLN CG  HG3  sing N N 138 
GLN CD  OE1  doub N N 139 
GLN CD  NE2  sing N N 140 
GLN NE2 HE21 sing N N 141 
GLN NE2 HE22 sing N N 142 
GLN OXT HXT  sing N N 143 
GLU N   CA   sing N N 144 
GLU N   H    sing N N 145 
GLU N   H2   sing N N 146 
GLU CA  C    sing N N 147 
GLU CA  CB   sing N N 148 
GLU CA  HA   sing N N 149 
GLU C   O    doub N N 150 
GLU C   OXT  sing N N 151 
GLU CB  CG   sing N N 152 
GLU CB  HB2  sing N N 153 
GLU CB  HB3  sing N N 154 
GLU CG  CD   sing N N 155 
GLU CG  HG2  sing N N 156 
GLU CG  HG3  sing N N 157 
GLU CD  OE1  doub N N 158 
GLU CD  OE2  sing N N 159 
GLU OE2 HE2  sing N N 160 
GLU OXT HXT  sing N N 161 
GLY N   CA   sing N N 162 
GLY N   H    sing N N 163 
GLY N   H2   sing N N 164 
GLY CA  C    sing N N 165 
GLY CA  HA2  sing N N 166 
GLY CA  HA3  sing N N 167 
GLY C   O    doub N N 168 
GLY C   OXT  sing N N 169 
GLY OXT HXT  sing N N 170 
HIS N   CA   sing N N 171 
HIS N   H    sing N N 172 
HIS N   H2   sing N N 173 
HIS CA  C    sing N N 174 
HIS CA  CB   sing N N 175 
HIS CA  HA   sing N N 176 
HIS C   O    doub N N 177 
HIS C   OXT  sing N N 178 
HIS CB  CG   sing N N 179 
HIS CB  HB2  sing N N 180 
HIS CB  HB3  sing N N 181 
HIS CG  ND1  sing Y N 182 
HIS CG  CD2  doub Y N 183 
HIS ND1 CE1  doub Y N 184 
HIS ND1 HD1  sing N N 185 
HIS CD2 NE2  sing Y N 186 
HIS CD2 HD2  sing N N 187 
HIS CE1 NE2  sing Y N 188 
HIS CE1 HE1  sing N N 189 
HIS NE2 HE2  sing N N 190 
HIS OXT HXT  sing N N 191 
HOH O   H1   sing N N 192 
HOH O   H2   sing N N 193 
ILE N   CA   sing N N 194 
ILE N   H    sing N N 195 
ILE N   H2   sing N N 196 
ILE CA  C    sing N N 197 
ILE CA  CB   sing N N 198 
ILE CA  HA   sing N N 199 
ILE C   O    doub N N 200 
ILE C   OXT  sing N N 201 
ILE CB  CG1  sing N N 202 
ILE CB  CG2  sing N N 203 
ILE CB  HB   sing N N 204 
ILE CG1 CD1  sing N N 205 
ILE CG1 HG12 sing N N 206 
ILE CG1 HG13 sing N N 207 
ILE CG2 HG21 sing N N 208 
ILE CG2 HG22 sing N N 209 
ILE CG2 HG23 sing N N 210 
ILE CD1 HD11 sing N N 211 
ILE CD1 HD12 sing N N 212 
ILE CD1 HD13 sing N N 213 
ILE OXT HXT  sing N N 214 
LEU N   CA   sing N N 215 
LEU N   H    sing N N 216 
LEU N   H2   sing N N 217 
LEU CA  C    sing N N 218 
LEU CA  CB   sing N N 219 
LEU CA  HA   sing N N 220 
LEU C   O    doub N N 221 
LEU C   OXT  sing N N 222 
LEU CB  CG   sing N N 223 
LEU CB  HB2  sing N N 224 
LEU CB  HB3  sing N N 225 
LEU CG  CD1  sing N N 226 
LEU CG  CD2  sing N N 227 
LEU CG  HG   sing N N 228 
LEU CD1 HD11 sing N N 229 
LEU CD1 HD12 sing N N 230 
LEU CD1 HD13 sing N N 231 
LEU CD2 HD21 sing N N 232 
LEU CD2 HD22 sing N N 233 
LEU CD2 HD23 sing N N 234 
LEU OXT HXT  sing N N 235 
LYS N   CA   sing N N 236 
LYS N   H    sing N N 237 
LYS N   H2   sing N N 238 
LYS CA  C    sing N N 239 
LYS CA  CB   sing N N 240 
LYS CA  HA   sing N N 241 
LYS C   O    doub N N 242 
LYS C   OXT  sing N N 243 
LYS CB  CG   sing N N 244 
LYS CB  HB2  sing N N 245 
LYS CB  HB3  sing N N 246 
LYS CG  CD   sing N N 247 
LYS CG  HG2  sing N N 248 
LYS CG  HG3  sing N N 249 
LYS CD  CE   sing N N 250 
LYS CD  HD2  sing N N 251 
LYS CD  HD3  sing N N 252 
LYS CE  NZ   sing N N 253 
LYS CE  HE2  sing N N 254 
LYS CE  HE3  sing N N 255 
LYS NZ  HZ1  sing N N 256 
LYS NZ  HZ2  sing N N 257 
LYS NZ  HZ3  sing N N 258 
LYS OXT HXT  sing N N 259 
MET N   CA   sing N N 260 
MET N   H    sing N N 261 
MET N   H2   sing N N 262 
MET CA  C    sing N N 263 
MET CA  CB   sing N N 264 
MET CA  HA   sing N N 265 
MET C   O    doub N N 266 
MET C   OXT  sing N N 267 
MET CB  CG   sing N N 268 
MET CB  HB2  sing N N 269 
MET CB  HB3  sing N N 270 
MET CG  SD   sing N N 271 
MET CG  HG2  sing N N 272 
MET CG  HG3  sing N N 273 
MET SD  CE   sing N N 274 
MET CE  HE1  sing N N 275 
MET CE  HE2  sing N N 276 
MET CE  HE3  sing N N 277 
MET OXT HXT  sing N N 278 
NDP PA  O1A  doub N N 279 
NDP PA  O2A  sing N N 280 
NDP PA  O5B  sing N N 281 
NDP PA  O3   sing N N 282 
NDP O2A HOA2 sing N N 283 
NDP O5B C5B  sing N N 284 
NDP C5B C4B  sing N N 285 
NDP C5B H51A sing N N 286 
NDP C5B H52A sing N N 287 
NDP C4B O4B  sing N N 288 
NDP C4B C3B  sing N N 289 
NDP C4B H4B  sing N N 290 
NDP O4B C1B  sing N N 291 
NDP C3B O3B  sing N N 292 
NDP C3B C2B  sing N N 293 
NDP C3B H3B  sing N N 294 
NDP O3B HO3A sing N N 295 
NDP C2B O2B  sing N N 296 
NDP C2B C1B  sing N N 297 
NDP C2B H2B  sing N N 298 
NDP O2B P2B  sing N N 299 
NDP C1B N9A  sing N N 300 
NDP C1B H1B  sing N N 301 
NDP N9A C8A  sing Y N 302 
NDP N9A C4A  sing Y N 303 
NDP C8A N7A  doub Y N 304 
NDP C8A H8A  sing N N 305 
NDP N7A C5A  sing Y N 306 
NDP C5A C6A  sing Y N 307 
NDP C5A C4A  doub Y N 308 
NDP C6A N6A  sing N N 309 
NDP C6A N1A  doub Y N 310 
NDP N6A H61A sing N N 311 
NDP N6A H62A sing N N 312 
NDP N1A C2A  sing Y N 313 
NDP C2A N3A  doub Y N 314 
NDP C2A H2A  sing N N 315 
NDP N3A C4A  sing Y N 316 
NDP O3  PN   sing N N 317 
NDP PN  O1N  doub N N 318 
NDP PN  O2N  sing N N 319 
NDP PN  O5D  sing N N 320 
NDP O2N H21N sing N N 321 
NDP O5D C5D  sing N N 322 
NDP C5D C4D  sing N N 323 
NDP C5D H51N sing N N 324 
NDP C5D H52N sing N N 325 
NDP C4D O4D  sing N N 326 
NDP C4D C3D  sing N N 327 
NDP C4D H4D  sing N N 328 
NDP O4D C1D  sing N N 329 
NDP C3D O3D  sing N N 330 
NDP C3D C2D  sing N N 331 
NDP C3D H3D  sing N N 332 
NDP O3D HO3N sing N N 333 
NDP C2D O2D  sing N N 334 
NDP C2D C1D  sing N N 335 
NDP C2D H2D  sing N N 336 
NDP O2D HO2N sing N N 337 
NDP C1D N1N  sing N N 338 
NDP C1D H1D  sing N N 339 
NDP N1N C2N  sing N N 340 
NDP N1N C6N  sing N N 341 
NDP C2N C3N  doub N N 342 
NDP C2N H2N  sing N N 343 
NDP C3N C7N  sing N N 344 
NDP C3N C4N  sing N N 345 
NDP C7N O7N  doub N N 346 
NDP C7N N7N  sing N N 347 
NDP N7N H71N sing N N 348 
NDP N7N H72N sing N N 349 
NDP C4N C5N  sing N N 350 
NDP C4N H41N sing N N 351 
NDP C4N H42N sing N N 352 
NDP C5N C6N  doub N N 353 
NDP C5N H5N  sing N N 354 
NDP C6N H6N  sing N N 355 
NDP P2B O1X  doub N N 356 
NDP P2B O2X  sing N N 357 
NDP P2B O3X  sing N N 358 
NDP O2X HOP2 sing N N 359 
NDP O3X HOP3 sing N N 360 
PHE N   CA   sing N N 361 
PHE N   H    sing N N 362 
PHE N   H2   sing N N 363 
PHE CA  C    sing N N 364 
PHE CA  CB   sing N N 365 
PHE CA  HA   sing N N 366 
PHE C   O    doub N N 367 
PHE C   OXT  sing N N 368 
PHE CB  CG   sing N N 369 
PHE CB  HB2  sing N N 370 
PHE CB  HB3  sing N N 371 
PHE CG  CD1  doub Y N 372 
PHE CG  CD2  sing Y N 373 
PHE CD1 CE1  sing Y N 374 
PHE CD1 HD1  sing N N 375 
PHE CD2 CE2  doub Y N 376 
PHE CD2 HD2  sing N N 377 
PHE CE1 CZ   doub Y N 378 
PHE CE1 HE1  sing N N 379 
PHE CE2 CZ   sing Y N 380 
PHE CE2 HE2  sing N N 381 
PHE CZ  HZ   sing N N 382 
PHE OXT HXT  sing N N 383 
PRO N   CA   sing N N 384 
PRO N   CD   sing N N 385 
PRO N   H    sing N N 386 
PRO CA  C    sing N N 387 
PRO CA  CB   sing N N 388 
PRO CA  HA   sing N N 389 
PRO C   O    doub N N 390 
PRO C   OXT  sing N N 391 
PRO CB  CG   sing N N 392 
PRO CB  HB2  sing N N 393 
PRO CB  HB3  sing N N 394 
PRO CG  CD   sing N N 395 
PRO CG  HG2  sing N N 396 
PRO CG  HG3  sing N N 397 
PRO CD  HD2  sing N N 398 
PRO CD  HD3  sing N N 399 
PRO OXT HXT  sing N N 400 
SER N   CA   sing N N 401 
SER N   H    sing N N 402 
SER N   H2   sing N N 403 
SER CA  C    sing N N 404 
SER CA  CB   sing N N 405 
SER CA  HA   sing N N 406 
SER C   O    doub N N 407 
SER C   OXT  sing N N 408 
SER CB  OG   sing N N 409 
SER CB  HB2  sing N N 410 
SER CB  HB3  sing N N 411 
SER OG  HG   sing N N 412 
SER OXT HXT  sing N N 413 
THR N   CA   sing N N 414 
THR N   H    sing N N 415 
THR N   H2   sing N N 416 
THR CA  C    sing N N 417 
THR CA  CB   sing N N 418 
THR CA  HA   sing N N 419 
THR C   O    doub N N 420 
THR C   OXT  sing N N 421 
THR CB  OG1  sing N N 422 
THR CB  CG2  sing N N 423 
THR CB  HB   sing N N 424 
THR OG1 HG1  sing N N 425 
THR CG2 HG21 sing N N 426 
THR CG2 HG22 sing N N 427 
THR CG2 HG23 sing N N 428 
THR OXT HXT  sing N N 429 
TRP N   CA   sing N N 430 
TRP N   H    sing N N 431 
TRP N   H2   sing N N 432 
TRP CA  C    sing N N 433 
TRP CA  CB   sing N N 434 
TRP CA  HA   sing N N 435 
TRP C   O    doub N N 436 
TRP C   OXT  sing N N 437 
TRP CB  CG   sing N N 438 
TRP CB  HB2  sing N N 439 
TRP CB  HB3  sing N N 440 
TRP CG  CD1  doub Y N 441 
TRP CG  CD2  sing Y N 442 
TRP CD1 NE1  sing Y N 443 
TRP CD1 HD1  sing N N 444 
TRP CD2 CE2  doub Y N 445 
TRP CD2 CE3  sing Y N 446 
TRP NE1 CE2  sing Y N 447 
TRP NE1 HE1  sing N N 448 
TRP CE2 CZ2  sing Y N 449 
TRP CE3 CZ3  doub Y N 450 
TRP CE3 HE3  sing N N 451 
TRP CZ2 CH2  doub Y N 452 
TRP CZ2 HZ2  sing N N 453 
TRP CZ3 CH2  sing Y N 454 
TRP CZ3 HZ3  sing N N 455 
TRP CH2 HH2  sing N N 456 
TRP OXT HXT  sing N N 457 
TYR N   CA   sing N N 458 
TYR N   H    sing N N 459 
TYR N   H2   sing N N 460 
TYR CA  C    sing N N 461 
TYR CA  CB   sing N N 462 
TYR CA  HA   sing N N 463 
TYR C   O    doub N N 464 
TYR C   OXT  sing N N 465 
TYR CB  CG   sing N N 466 
TYR CB  HB2  sing N N 467 
TYR CB  HB3  sing N N 468 
TYR CG  CD1  doub Y N 469 
TYR CG  CD2  sing Y N 470 
TYR CD1 CE1  sing Y N 471 
TYR CD1 HD1  sing N N 472 
TYR CD2 CE2  doub Y N 473 
TYR CD2 HD2  sing N N 474 
TYR CE1 CZ   doub Y N 475 
TYR CE1 HE1  sing N N 476 
TYR CE2 CZ   sing Y N 477 
TYR CE2 HE2  sing N N 478 
TYR CZ  OH   sing N N 479 
TYR OH  HH   sing N N 480 
TYR OXT HXT  sing N N 481 
VAL N   CA   sing N N 482 
VAL N   H    sing N N 483 
VAL N   H2   sing N N 484 
VAL CA  C    sing N N 485 
VAL CA  CB   sing N N 486 
VAL CA  HA   sing N N 487 
VAL C   O    doub N N 488 
VAL C   OXT  sing N N 489 
VAL CB  CG1  sing N N 490 
VAL CB  CG2  sing N N 491 
VAL CB  HB   sing N N 492 
VAL CG1 HG11 sing N N 493 
VAL CG1 HG12 sing N N 494 
VAL CG1 HG13 sing N N 495 
VAL CG2 HG21 sing N N 496 
VAL CG2 HG22 sing N N 497 
VAL CG2 HG23 sing N N 498 
VAL OXT HXT  sing N N 499 
# 
_atom_sites.entry_id                    3FRD 
_atom_sites.fract_transf_matrix[1][1]   0.00480663 
_atom_sites.fract_transf_matrix[1][2]   0.00104861 
_atom_sites.fract_transf_matrix[1][3]   -0.01380137 
_atom_sites.fract_transf_matrix[2][1]   0.01380737 
_atom_sites.fract_transf_matrix[2][2]   0.00412130 
_atom_sites.fract_transf_matrix[2][3]   -0.00265568 
_atom_sites.fract_transf_matrix[3][1]   0.00268845 
_atom_sites.fract_transf_matrix[3][2]   -0.00883627 
_atom_sites.fract_transf_matrix[3][3]   0.00026494 
_atom_sites.fract_transf_vector[1]      0.400425 
_atom_sites.fract_transf_vector[2]      0.171794 
_atom_sites.fract_transf_vector[3]      0.356266 
# 
loop_
_atom_type.symbol 
C 
N 
O 
P 
S 
# 
loop_
_atom_site.group_PDB 
_atom_site.id 
_atom_site.type_symbol 
_atom_site.label_atom_id 
_atom_site.label_alt_id 
_atom_site.label_comp_id 
_atom_site.label_asym_id 
_atom_site.label_entity_id 
_atom_site.label_seq_id 
_atom_site.pdbx_PDB_ins_code 
_atom_site.Cartn_x 
_atom_site.Cartn_y 
_atom_site.Cartn_z 
_atom_site.occupancy 
_atom_site.B_iso_or_equiv 
_atom_site.pdbx_formal_charge 
_atom_site.auth_seq_id 
_atom_site.auth_comp_id 
_atom_site.auth_asym_id 
_atom_site.auth_atom_id 
_atom_site.pdbx_PDB_model_num 
ATOM   1    N N   . THR A 1 1   ? -3.502  15.214  1.746   1.00 47.03 ? 1   THR X N   1 
ATOM   2    C CA  . THR A 1 1   ? -4.037  14.093  2.579   1.00 46.46 ? 1   THR X CA  1 
ATOM   3    C C   . THR A 1 1   ? -3.141  12.856  2.447   1.00 45.65 ? 1   THR X C   1 
ATOM   4    O O   . THR A 1 1   ? -2.745  12.487  1.341   1.00 45.95 ? 1   THR X O   1 
ATOM   5    C CB  . THR A 1 1   ? -5.469  13.719  2.156   1.00 47.22 ? 1   THR X CB  1 
ATOM   6    O OG1 . THR A 1 1   ? -6.297  14.889  2.186   1.00 48.47 ? 1   THR X OG1 1 
ATOM   7    C CG2 . THR A 1 1   ? -6.051  12.651  3.081   1.00 47.30 ? 1   THR X CG2 1 
ATOM   8    N N   . LEU A 1 2   ? -2.838  12.225  3.579   1.00 44.24 ? 2   LEU X N   1 
ATOM   9    C CA  . LEU A 1 2   ? -1.789  11.214  3.656   1.00 42.98 ? 2   LEU X CA  1 
ATOM   10   C C   . LEU A 1 2   ? -2.329  9.909   4.255   1.00 41.46 ? 2   LEU X C   1 
ATOM   11   O O   . LEU A 1 2   ? -2.601  9.840   5.451   1.00 41.39 ? 2   LEU X O   1 
ATOM   12   C CB  . LEU A 1 2   ? -0.622  11.743  4.497   1.00 43.25 ? 2   LEU X CB  1 
ATOM   13   C CG  . LEU A 1 2   ? 0.734   11.057  4.273   1.00 43.66 ? 2   LEU X CG  1 
ATOM   14   C CD1 . LEU A 1 2   ? 1.147   11.117  2.806   1.00 43.60 ? 2   LEU X CD1 1 
ATOM   15   C CD2 . LEU A 1 2   ? 1.811   11.661  5.163   1.00 43.56 ? 2   LEU X CD2 1 
ATOM   16   N N   . SER A 1 3   ? -2.483  8.885   3.411   1.00 39.85 ? 3   SER X N   1 
ATOM   17   C CA  . SER A 1 3   ? -2.985  7.571   3.840   1.00 37.97 ? 3   SER X CA  1 
ATOM   18   C C   . SER A 1 3   ? -1.977  6.449   3.549   1.00 37.07 ? 3   SER X C   1 
ATOM   19   O O   . SER A 1 3   ? -1.211  6.524   2.579   1.00 37.17 ? 3   SER X O   1 
ATOM   20   C CB  . SER A 1 3   ? -4.294  7.255   3.124   1.00 37.84 ? 3   SER X CB  1 
ATOM   21   O OG  . SER A 1 3   ? -5.252  8.265   3.368   1.00 38.18 ? 3   SER X OG  1 
ATOM   22   N N   . ILE A 1 4   ? -1.992  5.404   4.381   1.00 34.69 ? 4   ILE X N   1 
ATOM   23   C CA  . ILE A 1 4   ? -1.405  4.121   4.010   1.00 32.20 ? 4   ILE X CA  1 
ATOM   24   C C   . ILE A 1 4   ? -2.411  3.307   3.208   1.00 30.99 ? 4   ILE X C   1 
ATOM   25   O O   . ILE A 1 4   ? -3.614  3.334   3.475   1.00 30.54 ? 4   ILE X O   1 
ATOM   26   C CB  . ILE A 1 4   ? -0.904  3.348   5.256   1.00 31.80 ? 4   ILE X CB  1 
ATOM   27   C CG1 . ILE A 1 4   ? 0.562   3.701   5.534   1.00 31.86 ? 4   ILE X CG1 1 
ATOM   28   C CG2 . ILE A 1 4   ? -1.073  1.834   5.080   1.00 31.10 ? 4   ILE X CG2 1 
ATOM   29   C CD1 . ILE A 1 4   ? 1.082   3.272   6.907   1.00 31.48 ? 4   ILE X CD1 1 
ATOM   30   N N   . LEU A 1 5   ? -1.910  2.622   2.188   1.00 29.45 ? 5   LEU X N   1 
ATOM   31   C CA  . LEU A 1 5   ? -2.666  1.633   1.453   1.00 29.06 ? 5   LEU X CA  1 
ATOM   32   C C   . LEU A 1 5   ? -1.863  0.338   1.447   1.00 29.09 ? 5   LEU X C   1 
ATOM   33   O O   . LEU A 1 5   ? -0.737  0.327   0.948   1.00 29.22 ? 5   LEU X O   1 
ATOM   34   C CB  . LEU A 1 5   ? -2.865  2.126   0.024   1.00 28.96 ? 5   LEU X CB  1 
ATOM   35   C CG  . LEU A 1 5   ? -3.769  1.315   -0.893  1.00 29.44 ? 5   LEU X CG  1 
ATOM   36   C CD1 . LEU A 1 5   ? -5.064  0.950   -0.189  1.00 28.84 ? 5   LEU X CD1 1 
ATOM   37   C CD2 . LEU A 1 5   ? -4.043  2.089   -2.205  1.00 28.88 ? 5   LEU X CD2 1 
ATOM   38   N N   . VAL A 1 6   ? -2.434  -0.740  1.996   1.00 27.91 ? 6   VAL X N   1 
ATOM   39   C CA  . VAL A 1 6   ? -1.721  -2.024  2.157   1.00 26.98 ? 6   VAL X CA  1 
ATOM   40   C C   . VAL A 1 6   ? -2.710  -3.216  2.242   1.00 26.16 ? 6   VAL X C   1 
ATOM   41   O O   . VAL A 1 6   ? -3.833  -3.093  2.744   1.00 26.04 ? 6   VAL X O   1 
ATOM   42   C CB  . VAL A 1 6   ? -0.765  -2.019  3.405   1.00 27.17 ? 6   VAL X CB  1 
ATOM   43   C CG1 . VAL A 1 6   ? -1.551  -1.923  4.703   1.00 26.62 ? 6   VAL X CG1 1 
ATOM   44   C CG2 . VAL A 1 6   ? 0.152   -3.265  3.429   1.00 27.02 ? 6   VAL X CG2 1 
ATOM   45   N N   . ALA A 1 7   ? -2.285  -4.349  1.711   1.00 23.34 ? 7   ALA X N   1 
ATOM   46   C CA  . ALA A 1 7   ? -2.854  -5.636  2.046   1.00 24.02 ? 7   ALA X CA  1 
ATOM   47   C C   . ALA A 1 7   ? -1.839  -6.422  2.881   1.00 23.74 ? 7   ALA X C   1 
ATOM   48   O O   . ALA A 1 7   ? -0.664  -6.533  2.503   1.00 24.74 ? 7   ALA X O   1 
ATOM   49   C CB  . ALA A 1 7   ? -3.199  -6.397  0.785   1.00 22.18 ? 7   ALA X CB  1 
ATOM   50   N N   . HIS A 1 8   ? -2.275  -6.949  4.020   1.00 22.90 ? 8   HIS X N   1 
ATOM   51   C CA  . HIS A 1 8   ? -1.411  -7.817  4.816   1.00 22.28 ? 8   HIS X CA  1 
ATOM   52   C C   . HIS A 1 8   ? -2.191  -9.013  5.329   1.00 22.33 ? 8   HIS X C   1 
ATOM   53   O O   . HIS A 1 8   ? -3.426  -8.930  5.473   1.00 21.79 ? 8   HIS X O   1 
ATOM   54   C CB  . HIS A 1 8   ? -0.735  -7.022  5.948   1.00 21.96 ? 8   HIS X CB  1 
ATOM   55   C CG  . HIS A 1 8   ? -1.628  -6.679  7.114   1.00 21.83 ? 8   HIS X CG  1 
ATOM   56   N ND1 . HIS A 1 8   ? -2.255  -7.632  7.890   1.00 21.59 ? 8   HIS X ND1 1 
ATOM   57   C CD2 . HIS A 1 8   ? -1.918  -5.483  7.681   1.00 21.18 ? 8   HIS X CD2 1 
ATOM   58   C CE1 . HIS A 1 8   ? -2.919  -7.036  8.868   1.00 22.12 ? 8   HIS X CE1 1 
ATOM   59   N NE2 . HIS A 1 8   ? -2.734  -5.731  8.760   1.00 22.87 ? 8   HIS X NE2 1 
ATOM   60   N N   . ASP A 1 9   ? -1.503  -10.139 5.537   1.00 20.86 ? 9   ASP X N   1 
ATOM   61   C CA  . ASP A 1 9   ? -2.178  -11.351 6.007   1.00 21.19 ? 9   ASP X CA  1 
ATOM   62   C C   . ASP A 1 9   ? -2.312  -11.371 7.550   1.00 20.99 ? 9   ASP X C   1 
ATOM   63   O O   . ASP A 1 9   ? -2.054  -10.366 8.207   1.00 21.13 ? 9   ASP X O   1 
ATOM   64   C CB  . ASP A 1 9   ? -1.529  -12.615 5.417   1.00 20.40 ? 9   ASP X CB  1 
ATOM   65   C CG  . ASP A 1 9   ? -0.263  -13.068 6.170   1.00 20.02 ? 9   ASP X CG  1 
ATOM   66   O OD1 . ASP A 1 9   ? 0.186   -12.375 7.120   1.00 18.90 ? 9   ASP X OD1 1 
ATOM   67   O OD2 . ASP A 1 9   ? 0.279   -14.127 5.788   1.00 18.82 ? 9   ASP X OD2 1 
ATOM   68   N N   . LEU A 1 10  ? -2.758  -12.489 8.107   1.00 21.72 ? 10  LEU X N   1 
ATOM   69   C CA  . LEU A 1 10  ? -3.032  -12.593 9.537   1.00 22.51 ? 10  LEU X CA  1 
ATOM   70   C C   . LEU A 1 10  ? -1.784  -12.310 10.383  1.00 24.05 ? 10  LEU X C   1 
ATOM   71   O O   . LEU A 1 10  ? -1.891  -11.932 11.556  1.00 24.02 ? 10  LEU X O   1 
ATOM   72   C CB  . LEU A 1 10  ? -3.601  -13.978 9.865   1.00 21.71 ? 10  LEU X CB  1 
ATOM   73   C CG  . LEU A 1 10  ? -4.980  -14.207 9.241   1.00 21.76 ? 10  LEU X CG  1 
ATOM   74   C CD1 . LEU A 1 10  ? -5.433  -15.674 9.301   1.00 21.96 ? 10  LEU X CD1 1 
ATOM   75   C CD2 . LEU A 1 10  ? -5.998  -13.265 9.892   1.00 20.28 ? 10  LEU X CD2 1 
ATOM   76   N N   . GLN A 1 11  ? -0.608  -12.490 9.786   1.00 24.17 ? 11  GLN X N   1 
ATOM   77   C CA  . GLN A 1 11  ? 0.654   -12.301 10.497  1.00 25.20 ? 11  GLN X CA  1 
ATOM   78   C C   . GLN A 1 11  ? 1.400   -11.070 9.974   1.00 24.00 ? 11  GLN X C   1 
ATOM   79   O O   . GLN A 1 11  ? 2.553   -10.857 10.290  1.00 22.62 ? 11  GLN X O   1 
ATOM   80   C CB  . GLN A 1 11  ? 1.498   -13.578 10.413  1.00 26.59 ? 11  GLN X CB  1 
ATOM   81   C CG  . GLN A 1 11  ? 0.703   -14.764 10.970  1.00 28.34 ? 11  GLN X CG  1 
ATOM   82   C CD  . GLN A 1 11  ? 1.419   -16.078 10.954  1.00 28.97 ? 11  GLN X CD  1 
ATOM   83   O OE1 . GLN A 1 11  ? 1.453   -16.772 11.975  1.00 31.39 ? 11  GLN X OE1 1 
ATOM   84   N NE2 . GLN A 1 11  ? 1.949   -16.469 9.795   1.00 30.43 ? 11  GLN X NE2 1 
ATOM   85   N N   . ARG A 1 12  ? 0.690   -10.258 9.203   1.00 23.79 ? 12  ARG X N   1 
ATOM   86   C CA  . ARG A 1 12  ? 1.189   -8.988  8.687   1.00 23.79 ? 12  ARG X CA  1 
ATOM   87   C C   . ARG A 1 12  ? 2.267   -9.148  7.614   1.00 23.11 ? 12  ARG X C   1 
ATOM   88   O O   . ARG A 1 12  ? 3.061   -8.246  7.412   1.00 23.46 ? 12  ARG X O   1 
ATOM   89   C CB  . ARG A 1 12  ? 1.688   -8.109  9.831   1.00 24.60 ? 12  ARG X CB  1 
ATOM   90   C CG  . ARG A 1 12  ? 0.583   -7.306  10.512  1.00 25.64 ? 12  ARG X CG  1 
ATOM   91   C CD  . ARG A 1 12  ? 1.131   -6.480  11.669  1.00 26.03 ? 12  ARG X CD  1 
ATOM   92   N NE  . ARG A 1 12  ? 1.555   -7.370  12.730  1.00 26.88 ? 12  ARG X NE  1 
ATOM   93   C CZ  . ARG A 1 12  ? 2.793   -7.838  12.898  1.00 27.99 ? 12  ARG X CZ  1 
ATOM   94   N NH1 . ARG A 1 12  ? 3.794   -7.469  12.088  1.00 26.86 ? 12  ARG X NH1 1 
ATOM   95   N NH2 . ARG A 1 12  ? 3.022   -8.681  13.907  1.00 27.78 ? 12  ARG X NH2 1 
ATOM   96   N N   . VAL A 1 13  ? 2.250   -10.270 6.901   1.00 22.21 ? 13  VAL X N   1 
ATOM   97   C CA  . VAL A 1 13  ? 3.013   -10.423 5.666   1.00 22.77 ? 13  VAL X CA  1 
ATOM   98   C C   . VAL A 1 13  ? 2.437   -9.531  4.562   1.00 23.36 ? 13  VAL X C   1 
ATOM   99   O O   . VAL A 1 13  ? 1.208   -9.460  4.385   1.00 21.80 ? 13  VAL X O   1 
ATOM   100  C CB  . VAL A 1 13  ? 3.024   -11.895 5.189   1.00 22.16 ? 13  VAL X CB  1 
ATOM   101  C CG1 . VAL A 1 13  ? 3.587   -11.999 3.763   1.00 22.44 ? 13  VAL X CG1 1 
ATOM   102  C CG2 . VAL A 1 13  ? 3.857   -12.754 6.157   1.00 22.16 ? 13  VAL X CG2 1 
ATOM   103  N N   . ILE A 1 14  ? 3.330   -8.853  3.838   1.00 23.15 ? 14  ILE X N   1 
ATOM   104  C CA  . ILE A 1 14  ? 2.947   -8.017  2.694   1.00 23.35 ? 14  ILE X CA  1 
ATOM   105  C C   . ILE A 1 14  ? 3.634   -8.472  1.394   1.00 24.83 ? 14  ILE X C   1 
ATOM   106  O O   . ILE A 1 14  ? 3.171   -8.172  0.290   1.00 24.57 ? 14  ILE X O   1 
ATOM   107  C CB  . ILE A 1 14  ? 3.216   -6.509  2.968   1.00 23.04 ? 14  ILE X CB  1 
ATOM   108  C CG1 . ILE A 1 14  ? 4.700   -6.230  3.211   1.00 22.88 ? 14  ILE X CG1 1 
ATOM   109  C CG2 . ILE A 1 14  ? 2.398   -6.024  4.180   1.00 22.30 ? 14  ILE X CG2 1 
ATOM   110  C CD1 . ILE A 1 14  ? 5.072   -4.782  3.047   1.00 22.83 ? 14  ILE X CD1 1 
ATOM   111  N N   . GLY A 1 15  ? 4.721   -9.227  1.513   1.00 25.72 ? 15  GLY X N   1 
ATOM   112  C CA  . GLY A 1 15  ? 5.477   -9.626  0.322   1.00 26.32 ? 15  GLY X CA  1 
ATOM   113  C C   . GLY A 1 15  ? 6.197   -10.945 0.493   1.00 26.96 ? 15  GLY X C   1 
ATOM   114  O O   . GLY A 1 15  ? 6.515   -11.343 1.615   1.00 26.51 ? 15  GLY X O   1 
ATOM   115  N N   . PHE A 1 16  ? 6.433   -11.631 -0.622  1.00 27.19 ? 16  PHE X N   1 
ATOM   116  C CA  . PHE A 1 16  ? 7.424   -12.689 -0.684  1.00 28.19 ? 16  PHE X CA  1 
ATOM   117  C C   . PHE A 1 16  ? 8.182   -12.630 -2.005  1.00 28.90 ? 16  PHE X C   1 
ATOM   118  O O   . PHE A 1 16  ? 7.575   -12.583 -3.068  1.00 27.69 ? 16  PHE X O   1 
ATOM   119  C CB  . PHE A 1 16  ? 6.775   -14.063 -0.559  1.00 28.59 ? 16  PHE X CB  1 
ATOM   120  C CG  . PHE A 1 16  ? 7.767   -15.190 -0.457  1.00 28.57 ? 16  PHE X CG  1 
ATOM   121  C CD1 . PHE A 1 16  ? 7.789   -16.201 -1.405  1.00 29.10 ? 16  PHE X CD1 1 
ATOM   122  C CD2 . PHE A 1 16  ? 8.685   -15.232 0.582   1.00 28.57 ? 16  PHE X CD2 1 
ATOM   123  C CE1 . PHE A 1 16  ? 8.712   -17.222 -1.316  1.00 29.23 ? 16  PHE X CE1 1 
ATOM   124  C CE2 . PHE A 1 16  ? 9.599   -16.262 0.683   1.00 28.89 ? 16  PHE X CE2 1 
ATOM   125  C CZ  . PHE A 1 16  ? 9.614   -17.259 -0.265  1.00 29.02 ? 16  PHE X CZ  1 
ATOM   126  N N   . GLU A 1 17  ? 9.507   -12.661 -1.911  1.00 29.50 ? 17  GLU X N   1 
ATOM   127  C CA  . GLU A 1 17  ? 10.379  -12.542 -3.071  1.00 30.16 ? 17  GLU X CA  1 
ATOM   128  C C   . GLU A 1 17  ? 9.869   -11.465 -4.042  1.00 30.84 ? 17  GLU X C   1 
ATOM   129  O O   . GLU A 1 17  ? 9.589   -11.738 -5.208  1.00 30.99 ? 17  GLU X O   1 
ATOM   130  C CB  . GLU A 1 17  ? 10.532  -13.907 -3.723  1.00 30.13 ? 17  GLU X CB  1 
ATOM   131  C CG  . GLU A 1 17  ? 11.347  -14.839 -2.836  1.00 30.74 ? 17  GLU X CG  1 
ATOM   132  C CD  . GLU A 1 17  ? 11.460  -16.238 -3.373  1.00 31.08 ? 17  GLU X CD  1 
ATOM   133  O OE1 . GLU A 1 17  ? 10.589  -16.661 -4.153  1.00 31.85 ? 17  GLU X OE1 1 
ATOM   134  O OE2 . GLU A 1 17  ? 12.423  -16.932 -2.992  1.00 32.42 ? 17  GLU X OE2 1 
ATOM   135  N N   . ASN A 1 18  ? 9.717   -10.255 -3.508  1.00 31.97 ? 18  ASN X N   1 
ATOM   136  C CA  . ASN A 1 18  ? 9.347   -9.065  -4.267  1.00 32.78 ? 18  ASN X CA  1 
ATOM   137  C C   . ASN A 1 18  ? 8.057   -9.195  -5.075  1.00 32.91 ? 18  ASN X C   1 
ATOM   138  O O   . ASN A 1 18  ? 7.810   -8.411  -5.991  1.00 33.07 ? 18  ASN X O   1 
ATOM   139  C CB  . ASN A 1 18  ? 10.502  -8.637  -5.175  1.00 34.02 ? 18  ASN X CB  1 
ATOM   140  C CG  . ASN A 1 18  ? 11.676  -8.067  -4.399  1.00 35.61 ? 18  ASN X CG  1 
ATOM   141  O OD1 . ASN A 1 18  ? 11.504  -7.359  -3.400  1.00 38.01 ? 18  ASN X OD1 1 
ATOM   142  N ND2 . ASN A 1 18  ? 12.884  -8.366  -4.862  1.00 37.04 ? 18  ASN X ND2 1 
ATOM   143  N N   . GLN A 1 19  ? 7.224   -10.167 -4.717  1.00 33.41 ? 19  GLN X N   1 
ATOM   144  C CA  . GLN A 1 19  ? 5.829   -10.193 -5.145  1.00 33.79 ? 19  GLN X CA  1 
ATOM   145  C C   . GLN A 1 19  ? 4.853   -10.305 -3.980  1.00 32.93 ? 19  GLN X C   1 
ATOM   146  O O   . GLN A 1 19  ? 5.245   -10.582 -2.861  1.00 30.98 ? 19  GLN X O   1 
ATOM   147  C CB  . GLN A 1 19  ? 5.598   -11.374 -6.068  1.00 34.40 ? 19  GLN X CB  1 
ATOM   148  C CG  . GLN A 1 19  ? 6.528   -11.407 -7.225  1.00 35.82 ? 19  GLN X CG  1 
ATOM   149  C CD  . GLN A 1 19  ? 6.296   -12.638 -8.063  1.00 36.98 ? 19  GLN X CD  1 
ATOM   150  O OE1 . GLN A 1 19  ? 5.309   -12.725 -8.798  1.00 39.07 ? 19  GLN X OE1 1 
ATOM   151  N NE2 . GLN A 1 19  ? 7.191   -13.615 -7.944  1.00 38.47 ? 19  GLN X NE2 1 
ATOM   152  N N   . LEU A 1 20  ? 3.571   -10.131 -4.288  1.00 32.67 ? 20  LEU X N   1 
ATOM   153  C CA  . LEU A 1 20  ? 2.475   -10.486 -3.388  1.00 33.10 ? 20  LEU X CA  1 
ATOM   154  C C   . LEU A 1 20  ? 2.309   -11.982 -3.365  1.00 32.60 ? 20  LEU X C   1 
ATOM   155  O O   . LEU A 1 20  ? 2.310   -12.598 -4.409  1.00 32.44 ? 20  LEU X O   1 
ATOM   156  C CB  . LEU A 1 20  ? 1.161   -9.857  -3.874  1.00 33.88 ? 20  LEU X CB  1 
ATOM   157  C CG  . LEU A 1 20  ? 1.146   -8.328  -3.921  1.00 34.87 ? 20  LEU X CG  1 
ATOM   158  C CD1 . LEU A 1 20  ? -0.078  -7.819  -4.727  1.00 35.77 ? 20  LEU X CD1 1 
ATOM   159  C CD2 . LEU A 1 20  ? 1.151   -7.764  -2.513  1.00 34.33 ? 20  LEU X CD2 1 
ATOM   160  N N   . PRO A 1 21  ? 2.168   -12.577 -2.164  1.00 32.69 ? 21  PRO X N   1 
ATOM   161  C CA  . PRO A 1 21  ? 2.001   -14.023 -2.026  1.00 32.40 ? 21  PRO X CA  1 
ATOM   162  C C   . PRO A 1 21  ? 0.631   -14.554 -2.435  1.00 32.43 ? 21  PRO X C   1 
ATOM   163  O O   . PRO A 1 21  ? 0.475   -15.753 -2.634  1.00 32.46 ? 21  PRO X O   1 
ATOM   164  C CB  . PRO A 1 21  ? 2.233   -14.265 -0.524  1.00 32.57 ? 21  PRO X CB  1 
ATOM   165  C CG  . PRO A 1 21  ? 2.739   -12.979 0.034   1.00 32.53 ? 21  PRO X CG  1 
ATOM   166  C CD  . PRO A 1 21  ? 2.211   -11.912 -0.854  1.00 32.32 ? 21  PRO X CD  1 
ATOM   167  N N   . TRP A 1 22  ? -0.362  -13.680 -2.538  1.00 32.55 ? 22  TRP X N   1 
ATOM   168  C CA  . TRP A 1 22  ? -1.721  -14.113 -2.851  1.00 32.83 ? 22  TRP X CA  1 
ATOM   169  C C   . TRP A 1 22  ? -2.119  -13.546 -4.203  1.00 34.03 ? 22  TRP X C   1 
ATOM   170  O O   . TRP A 1 22  ? -1.550  -12.560 -4.655  1.00 33.65 ? 22  TRP X O   1 
ATOM   171  C CB  . TRP A 1 22  ? -2.696  -13.627 -1.787  1.00 29.83 ? 22  TRP X CB  1 
ATOM   172  C CG  . TRP A 1 22  ? -2.441  -12.219 -1.389  1.00 29.08 ? 22  TRP X CG  1 
ATOM   173  C CD1 . TRP A 1 22  ? -2.848  -11.087 -2.053  1.00 29.02 ? 22  TRP X CD1 1 
ATOM   174  C CD2 . TRP A 1 22  ? -1.696  -11.773 -0.256  1.00 28.43 ? 22  TRP X CD2 1 
ATOM   175  N NE1 . TRP A 1 22  ? -2.393  -9.968  -1.401  1.00 28.83 ? 22  TRP X NE1 1 
ATOM   176  C CE2 . TRP A 1 22  ? -1.691  -10.361 -0.289  1.00 28.94 ? 22  TRP X CE2 1 
ATOM   177  C CE3 . TRP A 1 22  ? -1.036  -12.426 0.789   1.00 28.59 ? 22  TRP X CE3 1 
ATOM   178  C CZ2 . TRP A 1 22  ? -1.057  -9.601  0.686   1.00 28.68 ? 22  TRP X CZ2 1 
ATOM   179  C CZ3 . TRP A 1 22  ? -0.424  -11.671 1.756   1.00 28.47 ? 22  TRP X CZ3 1 
ATOM   180  C CH2 . TRP A 1 22  ? -0.419  -10.279 1.693   1.00 28.92 ? 22  TRP X CH2 1 
ATOM   181  N N   . HIS A 1 23  ? -3.108  -14.156 -4.843  1.00 37.31 ? 23  HIS X N   1 
ATOM   182  C CA  . HIS A 1 23  ? -3.821  -13.450 -5.906  1.00 38.38 ? 23  HIS X CA  1 
ATOM   183  C C   . HIS A 1 23  ? -5.281  -13.161 -5.580  1.00 38.83 ? 23  HIS X C   1 
ATOM   184  O O   . HIS A 1 23  ? -6.080  -14.061 -5.317  1.00 39.76 ? 23  HIS X O   1 
ATOM   185  C CB  . HIS A 1 23  ? -3.722  -14.164 -7.265  1.00 39.96 ? 23  HIS X CB  1 
ATOM   186  C CG  . HIS A 1 23  ? -3.993  -13.243 -8.419  1.00 40.54 ? 23  HIS X CG  1 
ATOM   187  N ND1 . HIS A 1 23  ? -3.223  -12.124 -8.670  1.00 41.58 ? 23  HIS X ND1 1 
ATOM   188  C CD2 . HIS A 1 23  ? -4.992  -13.226 -9.336  1.00 41.47 ? 23  HIS X CD2 1 
ATOM   189  C CE1 . HIS A 1 23  ? -3.715  -11.478 -9.714  1.00 41.60 ? 23  HIS X CE1 1 
ATOM   190  N NE2 . HIS A 1 23  ? -4.789  -12.123 -10.135 1.00 41.75 ? 23  HIS X NE2 1 
ATOM   191  N N   . LEU A 1 24  ? -5.611  -11.884 -5.649  1.00 38.87 ? 24  LEU X N   1 
ATOM   192  C CA  . LEU A 1 24  ? -6.871  -11.370 -5.171  1.00 39.39 ? 24  LEU X CA  1 
ATOM   193  C C   . LEU A 1 24  ? -7.224  -10.198 -6.081  1.00 39.93 ? 24  LEU X C   1 
ATOM   194  O O   . LEU A 1 24  ? -6.910  -9.051  -5.764  1.00 39.78 ? 24  LEU X O   1 
ATOM   195  C CB  . LEU A 1 24  ? -6.723  -10.902 -3.720  1.00 39.28 ? 24  LEU X CB  1 
ATOM   196  C CG  . LEU A 1 24  ? -7.920  -11.036 -2.778  1.00 39.26 ? 24  LEU X CG  1 
ATOM   197  C CD1 . LEU A 1 24  ? -8.763  -12.271 -3.072  1.00 38.96 ? 24  LEU X CD1 1 
ATOM   198  C CD2 . LEU A 1 24  ? -7.408  -11.045 -1.344  1.00 39.19 ? 24  LEU X CD2 1 
ATOM   199  N N   . PRO A 1 25  ? -7.843  -10.489 -7.241  1.00 40.26 ? 25  PRO X N   1 
ATOM   200  C CA  . PRO A 1 25  ? -8.166  -9.442  -8.207  1.00 40.76 ? 25  PRO X CA  1 
ATOM   201  C C   . PRO A 1 25  ? -8.931  -8.310  -7.541  1.00 41.18 ? 25  PRO X C   1 
ATOM   202  O O   . PRO A 1 25  ? -8.615  -7.139  -7.744  1.00 41.47 ? 25  PRO X O   1 
ATOM   203  C CB  . PRO A 1 25  ? -9.056  -10.164 -9.220  1.00 40.82 ? 25  PRO X CB  1 
ATOM   204  C CG  . PRO A 1 25  ? -8.611  -11.597 -9.152  1.00 40.94 ? 25  PRO X CG  1 
ATOM   205  C CD  . PRO A 1 25  ? -8.264  -11.823 -7.702  1.00 40.61 ? 25  PRO X CD  1 
ATOM   206  N N   . ASN A 1 26  ? -9.909  -8.684  -6.721  1.00 41.41 ? 26  ASN X N   1 
ATOM   207  C CA  . ASN A 1 26  ? -10.762 -7.729  -6.024  1.00 41.86 ? 26  ASN X CA  1 
ATOM   208  C C   . ASN A 1 26  ? -10.012 -6.648  -5.282  1.00 41.36 ? 26  ASN X C   1 
ATOM   209  O O   . ASN A 1 26  ? -10.449 -5.499  -5.265  1.00 41.43 ? 26  ASN X O   1 
ATOM   210  C CB  . ASN A 1 26  ? -11.648 -8.459  -5.028  1.00 43.36 ? 26  ASN X CB  1 
ATOM   211  C CG  . ASN A 1 26  ? -13.087 -8.396  -5.405  1.00 44.86 ? 26  ASN X CG  1 
ATOM   212  O OD1 . ASN A 1 26  ? -13.790 -7.431  -5.061  1.00 47.14 ? 26  ASN X OD1 1 
ATOM   213  N ND2 . ASN A 1 26  ? -13.549 -9.400  -6.143  1.00 44.91 ? 26  ASN X ND2 1 
ATOM   214  N N   . ASP A 1 27  ? -8.902  -7.015  -4.649  1.00 40.40 ? 27  ASP X N   1 
ATOM   215  C CA  . ASP A 1 27  ? -8.153  -6.059  -3.843  1.00 40.61 ? 27  ASP X CA  1 
ATOM   216  C C   . ASP A 1 27  ? -7.343  -5.123  -4.729  1.00 39.78 ? 27  ASP X C   1 
ATOM   217  O O   . ASP A 1 27  ? -7.063  -3.992  -4.357  1.00 38.49 ? 27  ASP X O   1 
ATOM   218  C CB  . ASP A 1 27  ? -7.229  -6.774  -2.847  1.00 40.23 ? 27  ASP X CB  1 
ATOM   219  C CG  . ASP A 1 27  ? -6.433  -5.800  -1.980  1.00 40.19 ? 27  ASP X CG  1 
ATOM   220  O OD1 . ASP A 1 27  ? -5.207  -5.997  -1.839  1.00 40.02 ? 27  ASP X OD1 1 
ATOM   221  O OD2 . ASP A 1 27  ? -7.027  -4.840  -1.438  1.00 39.10 ? 27  ASP X OD2 1 
ATOM   222  N N   . LEU A 1 28  ? -6.955  -5.595  -5.904  1.00 40.54 ? 28  LEU X N   1 
ATOM   223  C CA  . LEU A 1 28  ? -6.288  -4.722  -6.860  1.00 41.25 ? 28  LEU X CA  1 
ATOM   224  C C   . LEU A 1 28  ? -7.300  -3.760  -7.502  1.00 41.09 ? 28  LEU X C   1 
ATOM   225  O O   . LEU A 1 28  ? -7.005  -2.590  -7.740  1.00 40.51 ? 28  LEU X O   1 
ATOM   226  C CB  . LEU A 1 28  ? -5.570  -5.558  -7.920  1.00 41.91 ? 28  LEU X CB  1 
ATOM   227  C CG  . LEU A 1 28  ? -4.523  -6.531  -7.357  1.00 41.92 ? 28  LEU X CG  1 
ATOM   228  C CD1 . LEU A 1 28  ? -4.349  -7.735  -8.277  1.00 42.32 ? 28  LEU X CD1 1 
ATOM   229  C CD2 . LEU A 1 28  ? -3.200  -5.820  -7.115  1.00 41.73 ? 28  LEU X CD2 1 
ATOM   230  N N   . LYS A 1 29  ? -8.502  -4.261  -7.756  1.00 42.10 ? 29  LYS X N   1 
ATOM   231  C CA  . LYS A 1 29  ? -9.658  -3.405  -8.034  1.00 42.35 ? 29  LYS X CA  1 
ATOM   232  C C   . LYS A 1 29  ? -9.871  -2.387  -6.916  1.00 41.91 ? 29  LYS X C   1 
ATOM   233  O O   . LYS A 1 29  ? -10.187 -1.228  -7.171  1.00 41.29 ? 29  LYS X O   1 
ATOM   234  C CB  . LYS A 1 29  ? -10.905 -4.271  -8.202  1.00 43.16 ? 29  LYS X CB  1 
ATOM   235  C CG  . LYS A 1 29  ? -12.153 -3.528  -8.639  1.00 43.76 ? 29  LYS X CG  1 
ATOM   236  C CD  . LYS A 1 29  ? -13.197 -4.504  -9.185  1.00 44.16 ? 29  LYS X CD  1 
ATOM   237  C CE  . LYS A 1 29  ? -13.927 -3.926  -10.404 1.00 45.01 ? 29  LYS X CE  1 
ATOM   238  N NZ  . LYS A 1 29  ? -14.248 -4.982  -11.436 1.00 44.92 ? 29  LYS X NZ  1 
ATOM   239  N N   . HIS A 1 30  ? -9.687  -2.824  -5.675  1.00 41.94 ? 30  HIS X N   1 
ATOM   240  C CA  . HIS A 1 30  ? -9.860  -1.951  -4.515  1.00 41.57 ? 30  HIS X CA  1 
ATOM   241  C C   . HIS A 1 30  ? -8.822  -0.840  -4.545  1.00 41.19 ? 30  HIS X C   1 
ATOM   242  O O   . HIS A 1 30  ? -9.126  0.322   -4.296  1.00 41.09 ? 30  HIS X O   1 
ATOM   243  C CB  . HIS A 1 30  ? -9.723  -2.771  -3.234  1.00 41.56 ? 30  HIS X CB  1 
ATOM   244  C CG  . HIS A 1 30  ? -9.912  -1.983  -1.976  1.00 41.65 ? 30  HIS X CG  1 
ATOM   245  N ND1 . HIS A 1 30  ? -8.885  -1.747  -1.087  1.00 41.77 ? 30  HIS X ND1 1 
ATOM   246  C CD2 . HIS A 1 30  ? -11.014 -1.406  -1.440  1.00 41.72 ? 30  HIS X CD2 1 
ATOM   247  C CE1 . HIS A 1 30  ? -9.343  -1.044  -0.065  1.00 42.07 ? 30  HIS X CE1 1 
ATOM   248  N NE2 . HIS A 1 30  ? -10.632 -0.823  -0.255  1.00 41.95 ? 30  HIS X NE2 1 
ATOM   249  N N   . VAL A 1 31  ? -7.586  -1.208  -4.848  1.00 41.16 ? 31  VAL X N   1 
ATOM   250  C CA  . VAL A 1 31  ? -6.497  -0.244  -4.915  1.00 41.41 ? 31  VAL X CA  1 
ATOM   251  C C   . VAL A 1 31  ? -6.776  0.749   -6.043  1.00 42.02 ? 31  VAL X C   1 
ATOM   252  O O   . VAL A 1 31  ? -6.621  1.952   -5.880  1.00 41.53 ? 31  VAL X O   1 
ATOM   253  C CB  . VAL A 1 31  ? -5.149  -0.958  -5.182  1.00 40.80 ? 31  VAL X CB  1 
ATOM   254  C CG1 . VAL A 1 31  ? -4.049  0.058   -5.492  1.00 40.25 ? 31  VAL X CG1 1 
ATOM   255  C CG2 . VAL A 1 31  ? -4.761  -1.862  -3.985  1.00 40.03 ? 31  VAL X CG2 1 
ATOM   256  N N   . LYS A 1 32  ? -7.189  0.214   -7.188  1.00 43.42 ? 32  LYS X N   1 
ATOM   257  C CA  . LYS A 1 32  ? -7.539  1.021   -8.353  1.00 43.93 ? 32  LYS X CA  1 
ATOM   258  C C   . LYS A 1 32  ? -8.579  2.073   -7.991  1.00 44.33 ? 32  LYS X C   1 
ATOM   259  O O   . LYS A 1 32  ? -8.413  3.248   -8.293  1.00 44.41 ? 32  LYS X O   1 
ATOM   260  C CB  . LYS A 1 32  ? -8.067  0.109   -9.459  1.00 44.52 ? 32  LYS X CB  1 
ATOM   261  C CG  . LYS A 1 32  ? -8.160  0.770   -10.828 1.00 44.86 ? 32  LYS X CG  1 
ATOM   262  C CD  . LYS A 1 32  ? -8.924  -0.105  -11.798 1.00 44.84 ? 32  LYS X CD  1 
ATOM   263  C CE  . LYS A 1 32  ? -8.519  0.170   -13.236 1.00 45.24 ? 32  LYS X CE  1 
ATOM   264  N NZ  . LYS A 1 32  ? -9.553  -0.340  -14.180 1.00 45.34 ? 32  LYS X NZ  1 
ATOM   265  N N   . LYS A 1 33  ? -9.643  1.649   -7.320  1.00 44.74 ? 33  LYS X N   1 
ATOM   266  C CA  . LYS A 1 33  ? -10.709 2.565   -6.927  1.00 44.88 ? 33  LYS X CA  1 
ATOM   267  C C   . LYS A 1 33  ? -10.182 3.671   -6.033  1.00 44.43 ? 33  LYS X C   1 
ATOM   268  O O   . LYS A 1 33  ? -10.470 4.842   -6.241  1.00 43.96 ? 33  LYS X O   1 
ATOM   269  C CB  . LYS A 1 33  ? -11.813 1.815   -6.187  1.00 45.47 ? 33  LYS X CB  1 
ATOM   270  C CG  . LYS A 1 33  ? -13.213 2.294   -6.524  1.00 45.79 ? 33  LYS X CG  1 
ATOM   271  C CD  . LYS A 1 33  ? -14.200 1.930   -5.417  1.00 45.95 ? 33  LYS X CD  1 
ATOM   272  C CE  . LYS A 1 33  ? -15.473 2.750   -5.516  1.00 46.16 ? 33  LYS X CE  1 
ATOM   273  N NZ  . LYS A 1 33  ? -16.153 2.531   -6.825  1.00 46.64 ? 33  LYS X NZ  1 
ATOM   274  N N   . LEU A 1 34  ? -9.417  3.291   -5.022  1.00 44.50 ? 34  LEU X N   1 
ATOM   275  C CA  . LEU A 1 34  ? -8.966  4.250   -4.025  1.00 44.19 ? 34  LEU X CA  1 
ATOM   276  C C   . LEU A 1 34  ? -7.966  5.242   -4.615  1.00 43.44 ? 34  LEU X C   1 
ATOM   277  O O   . LEU A 1 34  ? -7.942  6.402   -4.215  1.00 43.18 ? 34  LEU X O   1 
ATOM   278  C CB  . LEU A 1 34  ? -8.347  3.529   -2.817  1.00 44.70 ? 34  LEU X CB  1 
ATOM   279  C CG  . LEU A 1 34  ? -9.323  2.932   -1.792  1.00 44.73 ? 34  LEU X CG  1 
ATOM   280  C CD1 . LEU A 1 34  ? -8.592  1.960   -0.874  1.00 44.86 ? 34  LEU X CD1 1 
ATOM   281  C CD2 . LEU A 1 34  ? -9.996  4.023   -0.983  1.00 44.51 ? 34  LEU X CD2 1 
ATOM   282  N N   . SER A 1 35  ? -7.129  4.791   -5.548  1.00 43.60 ? 35  SER X N   1 
ATOM   283  C CA  . SER A 1 35  ? -5.902  5.544   -5.885  1.00 43.54 ? 35  SER X CA  1 
ATOM   284  C C   . SER A 1 35  ? -5.998  6.262   -7.234  1.00 43.69 ? 35  SER X C   1 
ATOM   285  O O   . SER A 1 35  ? -5.319  7.266   -7.450  1.00 43.30 ? 35  SER X O   1 
ATOM   286  C CB  . SER A 1 35  ? -4.651  4.646   -5.856  1.00 42.74 ? 35  SER X CB  1 
ATOM   287  O OG  . SER A 1 35  ? -4.690  3.643   -6.858  1.00 41.79 ? 35  SER X OG  1 
ATOM   288  N N   . THR A 1 36  ? -6.832  5.742   -8.133  1.00 44.26 ? 36  THR X N   1 
ATOM   289  C CA  . THR A 1 36  ? -7.085  6.402   -9.416  1.00 44.47 ? 36  THR X CA  1 
ATOM   290  C C   . THR A 1 36  ? -7.415  7.883   -9.213  1.00 44.79 ? 36  THR X C   1 
ATOM   291  O O   . THR A 1 36  ? -8.279  8.241   -8.406  1.00 45.01 ? 36  THR X O   1 
ATOM   292  C CB  . THR A 1 36  ? -8.213  5.709   -10.200 1.00 44.83 ? 36  THR X CB  1 
ATOM   293  O OG1 . THR A 1 36  ? -7.746  4.447   -10.694 1.00 45.05 ? 36  THR X OG1 1 
ATOM   294  C CG2 . THR A 1 36  ? -8.658  6.557   -11.381 1.00 44.72 ? 36  THR X CG2 1 
ATOM   295  N N   . GLY A 1 37  ? -6.688  8.739   -9.928  1.00 44.95 ? 37  GLY X N   1 
ATOM   296  C CA  . GLY A 1 37  ? -6.906  10.178  -9.867  1.00 44.79 ? 37  GLY X CA  1 
ATOM   297  C C   . GLY A 1 37  ? -6.116  10.850  -8.767  1.00 44.63 ? 37  GLY X C   1 
ATOM   298  O O   . GLY A 1 37  ? -6.242  12.043  -8.553  1.00 43.66 ? 37  GLY X O   1 
ATOM   299  N N   . HIS A 1 38  ? -5.305  10.082  -8.050  1.00 45.25 ? 38  HIS X N   1 
ATOM   300  C CA  . HIS A 1 38  ? -4.506  10.643  -6.954  1.00 45.22 ? 38  HIS X CA  1 
ATOM   301  C C   . HIS A 1 38  ? -3.065  10.188  -7.091  1.00 45.06 ? 38  HIS X C   1 
ATOM   302  O O   . HIS A 1 38  ? -2.609  9.890   -8.203  1.00 45.38 ? 38  HIS X O   1 
ATOM   303  C CB  . HIS A 1 38  ? -5.067  10.223  -5.586  1.00 46.19 ? 38  HIS X CB  1 
ATOM   304  C CG  . HIS A 1 38  ? -6.547  10.399  -5.469  1.00 46.91 ? 38  HIS X CG  1 
ATOM   305  N ND1 . HIS A 1 38  ? -7.446  9.598   -6.145  1.00 47.42 ? 38  HIS X ND1 1 
ATOM   306  C CD2 . HIS A 1 38  ? -7.287  11.295  -4.771  1.00 47.38 ? 38  HIS X CD2 1 
ATOM   307  C CE1 . HIS A 1 38  ? -8.676  9.987   -5.863  1.00 47.63 ? 38  HIS X CE1 1 
ATOM   308  N NE2 . HIS A 1 38  ? -8.608  11.015  -5.033  1.00 47.79 ? 38  HIS X NE2 1 
ATOM   309  N N   . THR A 1 39  ? -2.374  10.118  -5.954  1.00 44.22 ? 39  THR X N   1 
ATOM   310  C CA  . THR A 1 39  ? -0.940  9.888   -5.909  1.00 43.81 ? 39  THR X CA  1 
ATOM   311  C C   . THR A 1 39  ? -0.583  8.629   -5.102  1.00 43.32 ? 39  THR X C   1 
ATOM   312  O O   . THR A 1 39  ? -1.011  8.474   -3.950  1.00 43.32 ? 39  THR X O   1 
ATOM   313  C CB  . THR A 1 39  ? -0.235  11.109  -5.299  1.00 44.05 ? 39  THR X CB  1 
ATOM   314  O OG1 . THR A 1 39  ? -0.224  12.166  -6.267  1.00 44.31 ? 39  THR X OG1 1 
ATOM   315  C CG2 . THR A 1 39  ? 1.197   10.774  -4.888  1.00 44.06 ? 39  THR X CG2 1 
ATOM   316  N N   . LEU A 1 40  ? 0.184   7.733   -5.725  1.00 42.17 ? 40  LEU X N   1 
ATOM   317  C CA  . LEU A 1 40  ? 0.861   6.639   -5.030  1.00 41.28 ? 40  LEU X CA  1 
ATOM   318  C C   . LEU A 1 40  ? 2.335   6.980   -4.793  1.00 40.60 ? 40  LEU X C   1 
ATOM   319  O O   . LEU A 1 40  ? 3.055   7.336   -5.724  1.00 40.50 ? 40  LEU X O   1 
ATOM   320  C CB  . LEU A 1 40  ? 0.758   5.334   -5.833  1.00 40.89 ? 40  LEU X CB  1 
ATOM   321  C CG  . LEU A 1 40  ? -0.652  4.810   -6.127  1.00 41.17 ? 40  LEU X CG  1 
ATOM   322  C CD1 . LEU A 1 40  ? -0.625  3.569   -7.002  1.00 40.73 ? 40  LEU X CD1 1 
ATOM   323  C CD2 . LEU A 1 40  ? -1.404  4.524   -4.837  1.00 40.83 ? 40  LEU X CD2 1 
ATOM   324  N N   . VAL A 1 41  ? 2.771   6.864   -3.543  1.00 39.70 ? 41  VAL X N   1 
ATOM   325  C CA  . VAL A 1 41  ? 4.193   6.903   -3.199  1.00 39.04 ? 41  VAL X CA  1 
ATOM   326  C C   . VAL A 1 41  ? 4.682   5.518   -2.778  1.00 38.61 ? 41  VAL X C   1 
ATOM   327  O O   . VAL A 1 41  ? 4.101   4.894   -1.883  1.00 38.36 ? 41  VAL X O   1 
ATOM   328  C CB  . VAL A 1 41  ? 4.455   7.882   -2.054  1.00 38.23 ? 41  VAL X CB  1 
ATOM   329  C CG1 . VAL A 1 41  ? 5.893   7.777   -1.580  1.00 37.00 ? 41  VAL X CG1 1 
ATOM   330  C CG2 . VAL A 1 41  ? 4.114   9.292   -2.491  1.00 38.26 ? 41  VAL X CG2 1 
ATOM   331  N N   . MET A 1 42  ? 5.745   5.047   -3.428  1.00 37.53 ? 42  MET X N   1 
ATOM   332  C CA  . MET A 1 42  ? 6.239   3.686   -3.238  1.00 37.46 ? 42  MET X CA  1 
ATOM   333  C C   . MET A 1 42  ? 7.766   3.626   -3.274  1.00 37.46 ? 42  MET X C   1 
ATOM   334  O O   . MET A 1 42  ? 8.417   4.420   -3.956  1.00 37.77 ? 42  MET X O   1 
ATOM   335  C CB  . MET A 1 42  ? 5.684   2.788   -4.327  1.00 37.53 ? 42  MET X CB  1 
ATOM   336  C CG  . MET A 1 42  ? 6.239   3.094   -5.693  1.00 37.59 ? 42  MET X CG  1 
ATOM   337  S SD  . MET A 1 42  ? 5.333   2.231   -6.970  1.00 37.88 ? 42  MET X SD  1 
ATOM   338  C CE  . MET A 1 42  ? 3.990   3.398   -7.266  1.00 37.50 ? 42  MET X CE  1 
ATOM   339  N N   . GLY A 1 43  ? 8.339   2.671   -2.550  1.00 36.74 ? 43  GLY X N   1 
ATOM   340  C CA  . GLY A 1 43  ? 9.781   2.430   -2.610  1.00 36.00 ? 43  GLY X CA  1 
ATOM   341  C C   . GLY A 1 43  ? 10.198  1.766   -3.902  1.00 34.79 ? 43  GLY X C   1 
ATOM   342  O O   . GLY A 1 43  ? 9.363   1.231   -4.639  1.00 34.40 ? 43  GLY X O   1 
ATOM   343  N N   . ARG A 1 44  ? 11.501  1.782   -4.161  1.00 35.42 ? 44  ARG X N   1 
ATOM   344  C CA  . ARG A 1 44  ? 12.050  1.359   -5.449  1.00 35.36 ? 44  ARG X CA  1 
ATOM   345  C C   . ARG A 1 44  ? 11.743  -0.104  -5.744  1.00 35.03 ? 44  ARG X C   1 
ATOM   346  O O   . ARG A 1 44  ? 11.376  -0.455  -6.868  1.00 34.83 ? 44  ARG X O   1 
ATOM   347  C CB  . ARG A 1 44  ? 13.561  1.580   -5.479  1.00 35.82 ? 44  ARG X CB  1 
ATOM   348  C CG  . ARG A 1 44  ? 14.197  1.305   -6.853  1.00 36.03 ? 44  ARG X CG  1 
ATOM   349  C CD  . ARG A 1 44  ? 14.975  -0.012  -6.883  1.00 36.00 ? 44  ARG X CD  1 
ATOM   350  N NE  . ARG A 1 44  ? 15.924  -0.096  -5.781  1.00 35.92 ? 44  ARG X NE  1 
ATOM   351  C CZ  . ARG A 1 44  ? 16.489  -1.220  -5.358  1.00 35.63 ? 44  ARG X CZ  1 
ATOM   352  N NH1 . ARG A 1 44  ? 16.209  -2.369  -5.950  1.00 35.85 ? 44  ARG X NH1 1 
ATOM   353  N NH2 . ARG A 1 44  ? 17.323  -1.191  -4.331  1.00 36.42 ? 44  ARG X NH2 1 
ATOM   354  N N   . LYS A 1 45  ? 11.894  -0.960  -4.735  1.00 35.16 ? 45  LYS X N   1 
ATOM   355  C CA  . LYS A 1 45  ? 11.680  -2.387  -4.927  1.00 35.19 ? 45  LYS X CA  1 
ATOM   356  C C   . LYS A 1 45  ? 10.232  -2.651  -5.313  1.00 35.26 ? 45  LYS X C   1 
ATOM   357  O O   . LYS A 1 45  ? 9.949   -3.458  -6.206  1.00 34.85 ? 45  LYS X O   1 
ATOM   358  C CB  . LYS A 1 45  ? 12.060  -3.170  -3.666  1.00 35.04 ? 45  LYS X CB  1 
ATOM   359  C CG  . LYS A 1 45  ? 13.536  -3.105  -3.342  1.00 34.89 ? 45  LYS X CG  1 
ATOM   360  C CD  . LYS A 1 45  ? 13.878  -3.876  -2.071  1.00 35.07 ? 45  LYS X CD  1 
ATOM   361  C CE  . LYS A 1 45  ? 15.371  -3.822  -1.754  1.00 35.03 ? 45  LYS X CE  1 
ATOM   362  N NZ  . LYS A 1 45  ? 15.786  -4.837  -0.718  1.00 35.19 ? 45  LYS X NZ  1 
ATOM   363  N N   . THR A 1 46  ? 9.313   -1.958  -4.649  1.00 35.49 ? 46  THR X N   1 
ATOM   364  C CA  . THR A 1 46  ? 7.907   -2.048  -4.997  1.00 36.31 ? 46  THR X CA  1 
ATOM   365  C C   . THR A 1 46  ? 7.632   -1.599  -6.442  1.00 36.88 ? 46  THR X C   1 
ATOM   366  O O   . THR A 1 46  ? 6.926   -2.278  -7.181  1.00 35.51 ? 46  THR X O   1 
ATOM   367  C CB  . THR A 1 46  ? 7.042   -1.218  -4.030  1.00 35.94 ? 46  THR X CB  1 
ATOM   368  O OG1 . THR A 1 46  ? 7.046   -1.840  -2.739  1.00 35.03 ? 46  THR X OG1 1 
ATOM   369  C CG2 . THR A 1 46  ? 5.614   -1.119  -4.550  1.00 35.80 ? 46  THR X CG2 1 
ATOM   370  N N   . PHE A 1 47  ? 8.192   -0.470  -6.858  1.00 39.33 ? 47  PHE X N   1 
ATOM   371  C CA  . PHE A 1 47  ? 8.012   -0.050  -8.249  1.00 40.57 ? 47  PHE X CA  1 
ATOM   372  C C   . PHE A 1 47  ? 8.506   -1.131  -9.190  1.00 41.44 ? 47  PHE X C   1 
ATOM   373  O O   . PHE A 1 47  ? 7.823   -1.508  -10.152 1.00 40.70 ? 47  PHE X O   1 
ATOM   374  C CB  . PHE A 1 47  ? 8.752   1.243   -8.572  1.00 41.49 ? 47  PHE X CB  1 
ATOM   375  C CG  . PHE A 1 47  ? 8.665   1.616   -10.030 1.00 41.46 ? 47  PHE X CG  1 
ATOM   376  C CD1 . PHE A 1 47  ? 9.761   1.486   -10.864 1.00 42.03 ? 47  PHE X CD1 1 
ATOM   377  C CD2 . PHE A 1 47  ? 7.465   2.047   -10.572 1.00 41.79 ? 47  PHE X CD2 1 
ATOM   378  C CE1 . PHE A 1 47  ? 9.674   1.813   -12.208 1.00 41.92 ? 47  PHE X CE1 1 
ATOM   379  C CE2 . PHE A 1 47  ? 7.372   2.377   -11.907 1.00 42.01 ? 47  PHE X CE2 1 
ATOM   380  C CZ  . PHE A 1 47  ? 8.481   2.258   -12.730 1.00 41.93 ? 47  PHE X CZ  1 
ATOM   381  N N   . GLU A 1 48  ? 9.705   -1.626  -8.908  1.00 42.95 ? 48  GLU X N   1 
ATOM   382  C CA  . GLU A 1 48  ? 10.325  -2.620  -9.763  1.00 44.40 ? 48  GLU X CA  1 
ATOM   383  C C   . GLU A 1 48  ? 9.468   -3.864  -9.826  1.00 46.28 ? 48  GLU X C   1 
ATOM   384  O O   . GLU A 1 48  ? 9.426   -4.553  -10.840 1.00 46.73 ? 48  GLU X O   1 
ATOM   385  C CB  . GLU A 1 48  ? 11.706  -2.982  -9.238  1.00 45.94 ? 48  GLU X CB  1 
ATOM   386  C CG  . GLU A 1 48  ? 12.809  -2.632  -10.196 1.00 47.00 ? 48  GLU X CG  1 
ATOM   387  C CD  . GLU A 1 48  ? 13.241  -1.196  -10.077 1.00 47.90 ? 48  GLU X CD  1 
ATOM   388  O OE1 . GLU A 1 48  ? 13.839  -0.864  -9.028  1.00 48.42 ? 48  GLU X OE1 1 
ATOM   389  O OE2 . GLU A 1 48  ? 12.991  -0.407  -11.027 1.00 48.00 ? 48  GLU X OE2 1 
ATOM   390  N N   . SER A 1 49  ? 8.780   -4.151  -8.730  1.00 47.39 ? 49  SER X N   1 
ATOM   391  C CA  . SER A 1 49  ? 7.912   -5.294  -8.683  1.00 48.94 ? 49  SER X CA  1 
ATOM   392  C C   . SER A 1 49  ? 6.716   -5.049  -9.584  1.00 49.72 ? 49  SER X C   1 
ATOM   393  O O   . SER A 1 49  ? 6.304   -5.941  -10.327 1.00 49.97 ? 49  SER X O   1 
ATOM   394  C CB  . SER A 1 49  ? 7.453   -5.549  -7.251  1.00 49.37 ? 49  SER X CB  1 
ATOM   395  O OG  . SER A 1 49  ? 6.401   -6.496  -7.234  1.00 50.29 ? 49  SER X OG  1 
ATOM   396  N N   . ILE A 1 50  ? 6.156   -3.843  -9.514  1.00 50.72 ? 50  ILE X N   1 
ATOM   397  C CA  . ILE A 1 50  ? 5.059   -3.457  -10.407 1.00 51.23 ? 50  ILE X CA  1 
ATOM   398  C C   . ILE A 1 50  ? 5.570   -3.313  -11.830 1.00 51.82 ? 50  ILE X C   1 
ATOM   399  O O   . ILE A 1 50  ? 4.949   -3.799  -12.769 1.00 52.29 ? 50  ILE X O   1 
ATOM   400  C CB  . ILE A 1 50  ? 4.414   -2.122  -10.002 1.00 50.88 ? 50  ILE X CB  1 
ATOM   401  C CG1 . ILE A 1 50  ? 3.967   -2.157  -8.543  1.00 51.24 ? 50  ILE X CG1 1 
ATOM   402  C CG2 . ILE A 1 50  ? 3.217   -1.838  -10.873 1.00 50.83 ? 50  ILE X CG2 1 
ATOM   403  C CD1 . ILE A 1 50  ? 3.325   -0.867  -8.089  1.00 51.08 ? 50  ILE X CD1 1 
ATOM   404  N N   . GLY A 1 51  ? 6.704   -2.640  -11.984 1.00 52.79 ? 51  GLY X N   1 
ATOM   405  C CA  . GLY A 1 51  ? 7.457   -2.691  -13.239 1.00 53.42 ? 51  GLY X CA  1 
ATOM   406  C C   . GLY A 1 51  ? 7.018   -1.632  -14.241 1.00 54.15 ? 51  GLY X C   1 
ATOM   407  O O   . GLY A 1 51  ? 7.748   -1.320  -15.182 1.00 54.86 ? 51  GLY X O   1 
ATOM   408  N N   . LYS A 1 52  ? 5.827   -1.077  -14.042 1.00 54.37 ? 52  LYS X N   1 
ATOM   409  C CA  . LYS A 1 52  ? 5.330   0.020   -14.874 1.00 54.38 ? 52  LYS X CA  1 
ATOM   410  C C   . LYS A 1 52  ? 4.487   0.953   -14.025 1.00 53.88 ? 52  LYS X C   1 
ATOM   411  O O   . LYS A 1 52  ? 3.901   0.534   -13.034 1.00 54.33 ? 52  LYS X O   1 
ATOM   412  C CB  . LYS A 1 52  ? 4.474   -0.520  -16.023 1.00 55.12 ? 52  LYS X CB  1 
ATOM   413  C CG  . LYS A 1 52  ? 3.140   -1.127  -15.577 1.00 55.52 ? 52  LYS X CG  1 
ATOM   414  C CD  . LYS A 1 52  ? 2.204   -1.360  -16.760 1.00 55.78 ? 52  LYS X CD  1 
ATOM   415  C CE  . LYS A 1 52  ? 0.807   -0.780  -16.502 1.00 56.08 ? 52  LYS X CE  1 
ATOM   416  N NZ  . LYS A 1 52  ? -0.103  -0.961  -17.675 1.00 56.21 ? 52  LYS X NZ  1 
ATOM   417  N N   . PRO A 1 53  ? 4.417   2.225   -14.407 1.00 53.32 ? 53  PRO X N   1 
ATOM   418  C CA  . PRO A 1 53  ? 3.570   3.111   -13.626 1.00 53.02 ? 53  PRO X CA  1 
ATOM   419  C C   . PRO A 1 53  ? 2.135   2.619   -13.669 1.00 52.59 ? 53  PRO X C   1 
ATOM   420  O O   . PRO A 1 53  ? 1.738   1.956   -14.620 1.00 52.92 ? 53  PRO X O   1 
ATOM   421  C CB  . PRO A 1 53  ? 3.711   4.465   -14.334 1.00 53.44 ? 53  PRO X CB  1 
ATOM   422  C CG  . PRO A 1 53  ? 4.960   4.357   -15.149 1.00 53.50 ? 53  PRO X CG  1 
ATOM   423  C CD  . PRO A 1 53  ? 5.074   2.913   -15.527 1.00 53.42 ? 53  PRO X CD  1 
ATOM   424  N N   . LEU A 1 54  ? 1.364   2.916   -12.635 1.00 52.11 ? 54  LEU X N   1 
ATOM   425  C CA  . LEU A 1 54  ? -0.022  2.507   -12.614 1.00 51.57 ? 54  LEU X CA  1 
ATOM   426  C C   . LEU A 1 54  ? -0.861  3.578   -13.297 1.00 51.20 ? 54  LEU X C   1 
ATOM   427  O O   . LEU A 1 54  ? -0.778  4.763   -12.958 1.00 50.27 ? 54  LEU X O   1 
ATOM   428  C CB  . LEU A 1 54  ? -0.499  2.244   -11.182 1.00 51.61 ? 54  LEU X CB  1 
ATOM   429  C CG  . LEU A 1 54  ? 0.044   0.946   -10.562 1.00 51.26 ? 54  LEU X CG  1 
ATOM   430  C CD1 . LEU A 1 54  ? -0.581  0.709   -9.195  1.00 51.42 ? 54  LEU X CD1 1 
ATOM   431  C CD2 . LEU A 1 54  ? -0.202  -0.245  -11.482 1.00 51.27 ? 54  LEU X CD2 1 
ATOM   432  N N   . PRO A 1 55  ? -1.649  3.153   -14.293 1.00 50.87 ? 55  PRO X N   1 
ATOM   433  C CA  . PRO A 1 55  ? -2.374  4.035   -15.195 1.00 50.29 ? 55  PRO X CA  1 
ATOM   434  C C   . PRO A 1 55  ? -3.307  4.949   -14.431 1.00 49.94 ? 55  PRO X C   1 
ATOM   435  O O   . PRO A 1 55  ? -4.058  4.488   -13.570 1.00 50.04 ? 55  PRO X O   1 
ATOM   436  C CB  . PRO A 1 55  ? -3.171  3.064   -16.070 1.00 50.80 ? 55  PRO X CB  1 
ATOM   437  C CG  . PRO A 1 55  ? -2.418  1.769   -15.996 1.00 51.12 ? 55  PRO X CG  1 
ATOM   438  C CD  . PRO A 1 55  ? -1.866  1.729   -14.608 1.00 50.97 ? 55  PRO X CD  1 
ATOM   439  N N   . ASN A 1 56  ? -3.247  6.241   -14.740 1.00 48.94 ? 56  ASN X N   1 
ATOM   440  C CA  . ASN A 1 56  ? -4.345  7.166   -14.464 1.00 47.90 ? 56  ASN X CA  1 
ATOM   441  C C   . ASN A 1 56  ? -4.240  7.726   -13.062 1.00 47.07 ? 56  ASN X C   1 
ATOM   442  O O   . ASN A 1 56  ? -5.243  8.106   -12.464 1.00 46.88 ? 56  ASN X O   1 
ATOM   443  C CB  . ASN A 1 56  ? -5.702  6.496   -14.663 1.00 48.08 ? 56  ASN X CB  1 
ATOM   444  C CG  . ASN A 1 56  ? -5.977  6.159   -16.115 1.00 48.54 ? 56  ASN X CG  1 
ATOM   445  O OD1 . ASN A 1 56  ? -6.608  5.144   -16.415 1.00 48.97 ? 56  ASN X OD1 1 
ATOM   446  N ND2 . ASN A 1 56  ? -5.501  7.005   -17.028 1.00 48.49 ? 56  ASN X ND2 1 
ATOM   447  N N   . ARG A 1 57  ? -3.012  7.780   -12.551 1.00 46.18 ? 57  ARG X N   1 
ATOM   448  C CA  . ARG A 1 57  ? -2.720  8.434   -11.279 1.00 45.45 ? 57  ARG X CA  1 
ATOM   449  C C   . ARG A 1 57  ? -1.248  8.820   -11.270 1.00 44.61 ? 57  ARG X C   1 
ATOM   450  O O   . ARG A 1 57  ? -0.483  8.353   -12.119 1.00 44.52 ? 57  ARG X O   1 
ATOM   451  C CB  . ARG A 1 57  ? -3.039  7.497   -10.103 1.00 45.41 ? 57  ARG X CB  1 
ATOM   452  C CG  . ARG A 1 57  ? -2.009  6.393   -9.869  1.00 45.02 ? 57  ARG X CG  1 
ATOM   453  C CD  . ARG A 1 57  ? -2.667  5.110   -9.391  1.00 45.15 ? 57  ARG X CD  1 
ATOM   454  N NE  . ARG A 1 57  ? -3.384  4.423   -10.461 1.00 45.24 ? 57  ARG X NE  1 
ATOM   455  C CZ  . ARG A 1 57  ? -3.941  3.221   -10.344 1.00 45.19 ? 57  ARG X CZ  1 
ATOM   456  N NH1 . ARG A 1 57  ? -3.879  2.559   -9.201  1.00 45.73 ? 57  ARG X NH1 1 
ATOM   457  N NH2 . ARG A 1 57  ? -4.562  2.676   -11.374 1.00 45.36 ? 57  ARG X NH2 1 
ATOM   458  N N   . ARG A 1 58  ? -0.856  9.677   -10.333 1.00 43.47 ? 58  ARG X N   1 
ATOM   459  C CA  . ARG A 1 58  ? 0.554   10.000  -10.137 1.00 43.38 ? 58  ARG X CA  1 
ATOM   460  C C   . ARG A 1 58  ? 1.299   8.870   -9.407  1.00 43.15 ? 58  ARG X C   1 
ATOM   461  O O   . ARG A 1 58  ? 0.964   8.528   -8.274  1.00 42.60 ? 58  ARG X O   1 
ATOM   462  C CB  . ARG A 1 58  ? 0.690   11.297  -9.346  1.00 43.44 ? 58  ARG X CB  1 
ATOM   463  C CG  . ARG A 1 58  ? 2.110   11.806  -9.251  1.00 43.53 ? 58  ARG X CG  1 
ATOM   464  C CD  . ARG A 1 58  ? 2.182   13.125  -8.511  1.00 44.03 ? 58  ARG X CD  1 
ATOM   465  N NE  . ARG A 1 58  ? 3.506   13.731  -8.637  1.00 44.21 ? 58  ARG X NE  1 
ATOM   466  C CZ  . ARG A 1 58  ? 3.879   14.847  -8.020  1.00 44.53 ? 58  ARG X CZ  1 
ATOM   467  N NH1 . ARG A 1 58  ? 3.032   15.485  -7.228  1.00 44.64 ? 58  ARG X NH1 1 
ATOM   468  N NH2 . ARG A 1 58  ? 5.099   15.330  -8.199  1.00 44.68 ? 58  ARG X NH2 1 
ATOM   469  N N   . ASN A 1 59  ? 2.301   8.297   -10.075 1.00 42.82 ? 59  ASN X N   1 
ATOM   470  C CA  . ASN A 1 59  ? 3.209   7.329   -9.469  1.00 42.02 ? 59  ASN X CA  1 
ATOM   471  C C   . ASN A 1 59  ? 4.518   7.991   -9.057  1.00 41.81 ? 59  ASN X C   1 
ATOM   472  O O   . ASN A 1 59  ? 5.285   8.421   -9.913  1.00 42.40 ? 59  ASN X O   1 
ATOM   473  C CB  . ASN A 1 59  ? 3.519   6.206   -10.458 1.00 41.97 ? 59  ASN X CB  1 
ATOM   474  C CG  . ASN A 1 59  ? 2.280   5.476   -10.937 1.00 41.90 ? 59  ASN X CG  1 
ATOM   475  O OD1 . ASN A 1 59  ? 2.218   4.249   -10.887 1.00 41.63 ? 59  ASN X OD1 1 
ATOM   476  N ND2 . ASN A 1 59  ? 1.302   6.221   -11.439 1.00 41.25 ? 59  ASN X ND2 1 
ATOM   477  N N   . VAL A 1 60  ? 4.772   8.063   -7.753  1.00 41.19 ? 60  VAL X N   1 
ATOM   478  C CA  . VAL A 1 60  ? 6.016   8.617   -7.216  1.00 40.33 ? 60  VAL X CA  1 
ATOM   479  C C   . VAL A 1 60  ? 6.863   7.522   -6.574  1.00 40.31 ? 60  VAL X C   1 
ATOM   480  O O   . VAL A 1 60  ? 6.367   6.740   -5.768  1.00 39.91 ? 60  VAL X O   1 
ATOM   481  C CB  . VAL A 1 60  ? 5.733   9.671   -6.146  1.00 39.70 ? 60  VAL X CB  1 
ATOM   482  C CG1 . VAL A 1 60  ? 7.015   10.180  -5.556  1.00 39.81 ? 60  VAL X CG1 1 
ATOM   483  C CG2 . VAL A 1 60  ? 4.891   10.816  -6.719  1.00 39.62 ? 60  VAL X CG2 1 
ATOM   484  N N   . VAL A 1 61  ? 8.146   7.470   -6.927  1.00 40.16 ? 61  VAL X N   1 
ATOM   485  C CA  . VAL A 1 61  ? 9.046   6.438   -6.413  1.00 39.59 ? 61  VAL X CA  1 
ATOM   486  C C   . VAL A 1 61  ? 10.142  7.067   -5.561  1.00 39.21 ? 61  VAL X C   1 
ATOM   487  O O   . VAL A 1 61  ? 10.868  7.942   -6.008  1.00 38.49 ? 61  VAL X O   1 
ATOM   488  C CB  . VAL A 1 61  ? 9.692   5.617   -7.547  1.00 39.50 ? 61  VAL X CB  1 
ATOM   489  C CG1 . VAL A 1 61  ? 10.728  4.649   -6.984  1.00 39.44 ? 61  VAL X CG1 1 
ATOM   490  C CG2 . VAL A 1 61  ? 8.629   4.867   -8.337  1.00 39.33 ? 61  VAL X CG2 1 
ATOM   491  N N   . LEU A 1 62  ? 10.243  6.603   -4.322  1.00 39.22 ? 62  LEU X N   1 
ATOM   492  C CA  . LEU A 1 62  ? 11.317  6.978   -3.428  1.00 39.37 ? 62  LEU X CA  1 
ATOM   493  C C   . LEU A 1 62  ? 12.506  6.044   -3.616  1.00 39.59 ? 62  LEU X C   1 
ATOM   494  O O   . LEU A 1 62  ? 12.407  4.837   -3.397  1.00 40.07 ? 62  LEU X O   1 
ATOM   495  C CB  . LEU A 1 62  ? 10.813  6.936   -1.987  1.00 39.23 ? 62  LEU X CB  1 
ATOM   496  C CG  . LEU A 1 62  ? 11.770  7.334   -0.864  1.00 39.30 ? 62  LEU X CG  1 
ATOM   497  C CD1 . LEU A 1 62  ? 12.247  8.766   -1.014  1.00 38.68 ? 62  LEU X CD1 1 
ATOM   498  C CD2 . LEU A 1 62  ? 11.085  7.116   0.480   1.00 39.17 ? 62  LEU X CD2 1 
ATOM   499  N N   . THR A 1 63  ? 13.629  6.612   -4.039  1.00 40.29 ? 63  THR X N   1 
ATOM   500  C CA  . THR A 1 63  ? 14.855  5.853   -4.241  1.00 40.81 ? 63  THR X CA  1 
ATOM   501  C C   . THR A 1 63  ? 16.050  6.733   -3.916  1.00 41.50 ? 63  THR X C   1 
ATOM   502  O O   . THR A 1 63  ? 15.968  7.954   -4.017  1.00 42.29 ? 63  THR X O   1 
ATOM   503  C CB  . THR A 1 63  ? 14.978  5.329   -5.695  1.00 40.71 ? 63  THR X CB  1 
ATOM   504  O OG1 . THR A 1 63  ? 16.254  4.697   -5.874  1.00 40.73 ? 63  THR X OG1 1 
ATOM   505  C CG2 . THR A 1 63  ? 14.817  6.457   -6.712  1.00 40.07 ? 63  THR X CG2 1 
ATOM   506  N N   . SER A 1 64  ? 17.153  6.116   -3.506  1.00 42.09 ? 64  SER X N   1 
ATOM   507  C CA  . SER A 1 64  ? 18.395  6.854   -3.297  1.00 42.37 ? 64  SER X CA  1 
ATOM   508  C C   . SER A 1 64  ? 19.113  7.099   -4.629  1.00 42.94 ? 64  SER X C   1 
ATOM   509  O O   . SER A 1 64  ? 20.085  7.840   -4.689  1.00 43.07 ? 64  SER X O   1 
ATOM   510  C CB  . SER A 1 64  ? 19.308  6.119   -2.313  1.00 42.02 ? 64  SER X CB  1 
ATOM   511  O OG  . SER A 1 64  ? 20.002  5.056   -2.940  1.00 41.95 ? 64  SER X OG  1 
ATOM   512  N N   . ASP A 1 65  ? 18.609  6.489   -5.697  1.00 43.73 ? 65  ASP X N   1 
ATOM   513  C CA  . ASP A 1 65  ? 19.326  6.421   -6.962  1.00 43.51 ? 65  ASP X CA  1 
ATOM   514  C C   . ASP A 1 65  ? 19.099  7.685   -7.796  1.00 43.29 ? 65  ASP X C   1 
ATOM   515  O O   . ASP A 1 65  ? 18.037  7.892   -8.376  1.00 42.31 ? 65  ASP X O   1 
ATOM   516  C CB  . ASP A 1 65  ? 18.886  5.182   -7.743  1.00 44.15 ? 65  ASP X CB  1 
ATOM   517  C CG  . ASP A 1 65  ? 19.685  4.975   -9.020  1.00 44.35 ? 65  ASP X CG  1 
ATOM   518  O OD1 . ASP A 1 65  ? 19.518  3.918   -9.670  1.00 45.15 ? 65  ASP X OD1 1 
ATOM   519  O OD2 . ASP A 1 65  ? 20.478  5.867   -9.371  1.00 44.68 ? 65  ASP X OD2 1 
ATOM   520  N N   . THR A 1 66  ? 20.124  8.519   -7.864  1.00 43.88 ? 66  THR X N   1 
ATOM   521  C CA  . THR A 1 66  ? 20.075  9.745   -8.652  1.00 44.98 ? 66  THR X CA  1 
ATOM   522  C C   . THR A 1 66  ? 19.977  9.488   -10.163 1.00 45.48 ? 66  THR X C   1 
ATOM   523  O O   . THR A 1 66  ? 19.603  10.382  -10.923 1.00 46.06 ? 66  THR X O   1 
ATOM   524  C CB  . THR A 1 66  ? 21.324  10.573  -8.399  1.00 45.09 ? 66  THR X CB  1 
ATOM   525  O OG1 . THR A 1 66  ? 22.467  9.832   -8.847  1.00 45.46 ? 66  THR X OG1 1 
ATOM   526  C CG2 . THR A 1 66  ? 21.468  10.883  -6.907  1.00 45.03 ? 66  THR X CG2 1 
ATOM   527  N N   . SER A 1 67  ? 20.310  8.275   -10.594 1.00 45.81 ? 67  SER X N   1 
ATOM   528  C CA  . SER A 1 67  ? 20.194  7.893   -11.998 1.00 46.27 ? 67  SER X CA  1 
ATOM   529  C C   . SER A 1 67  ? 18.759  7.546   -12.377 1.00 46.74 ? 67  SER X C   1 
ATOM   530  O O   . SER A 1 67  ? 18.428  7.413   -13.556 1.00 45.90 ? 67  SER X O   1 
ATOM   531  C CB  . SER A 1 67  ? 21.090  6.687   -12.287 1.00 46.48 ? 67  SER X CB  1 
ATOM   532  O OG  . SER A 1 67  ? 22.389  7.095   -12.683 1.00 46.81 ? 67  SER X OG  1 
ATOM   533  N N   . PHE A 1 68  ? 17.909  7.378   -11.369 1.00 47.40 ? 68  PHE X N   1 
ATOM   534  C CA  . PHE A 1 68  ? 16.522  7.012   -11.598 1.00 47.78 ? 68  PHE X CA  1 
ATOM   535  C C   . PHE A 1 68  ? 15.801  8.118   -12.350 1.00 47.97 ? 68  PHE X C   1 
ATOM   536  O O   . PHE A 1 68  ? 15.620  9.214   -11.838 1.00 47.67 ? 68  PHE X O   1 
ATOM   537  C CB  . PHE A 1 68  ? 15.813  6.736   -10.267 1.00 47.98 ? 68  PHE X CB  1 
ATOM   538  C CG  . PHE A 1 68  ? 14.492  6.048   -10.421 1.00 47.70 ? 68  PHE X CG  1 
ATOM   539  C CD1 . PHE A 1 68  ? 14.398  4.673   -10.307 1.00 47.85 ? 68  PHE X CD1 1 
ATOM   540  C CD2 . PHE A 1 68  ? 13.349  6.774   -10.688 1.00 48.16 ? 68  PHE X CD2 1 
ATOM   541  C CE1 . PHE A 1 68  ? 13.186  4.032   -10.446 1.00 47.75 ? 68  PHE X CE1 1 
ATOM   542  C CE2 . PHE A 1 68  ? 12.129  6.138   -10.835 1.00 48.20 ? 68  PHE X CE2 1 
ATOM   543  C CZ  . PHE A 1 68  ? 12.054  4.761   -10.709 1.00 47.95 ? 68  PHE X CZ  1 
ATOM   544  N N   . ASN A 1 69  ? 15.398  7.822   -13.576 1.00 49.30 ? 69  ASN X N   1 
ATOM   545  C CA  . ASN A 1 69  ? 14.490  8.680   -14.307 1.00 50.11 ? 69  ASN X CA  1 
ATOM   546  C C   . ASN A 1 69  ? 13.620  7.832   -15.214 1.00 50.95 ? 69  ASN X C   1 
ATOM   547  O O   . ASN A 1 69  ? 14.000  7.536   -16.352 1.00 50.96 ? 69  ASN X O   1 
ATOM   548  C CB  . ASN A 1 69  ? 15.271  9.693   -15.143 1.00 50.78 ? 69  ASN X CB  1 
ATOM   549  C CG  . ASN A 1 69  ? 14.389  10.801  -15.698 1.00 50.92 ? 69  ASN X CG  1 
ATOM   550  O OD1 . ASN A 1 69  ? 13.391  11.183  -15.087 1.00 51.82 ? 69  ASN X OD1 1 
ATOM   551  N ND2 . ASN A 1 69  ? 14.763  11.328  -16.857 1.00 51.44 ? 69  ASN X ND2 1 
ATOM   552  N N   . VAL A 1 70  ? 12.462  7.427   -14.702 1.00 51.01 ? 70  VAL X N   1 
ATOM   553  C CA  . VAL A 1 70  ? 11.599  6.504   -15.420 1.00 51.15 ? 70  VAL X CA  1 
ATOM   554  C C   . VAL A 1 70  ? 10.460  7.270   -16.071 1.00 51.87 ? 70  VAL X C   1 
ATOM   555  O O   . VAL A 1 70  ? 10.164  8.410   -15.706 1.00 51.99 ? 70  VAL X O   1 
ATOM   556  C CB  . VAL A 1 70  ? 11.038  5.403   -14.498 1.00 50.94 ? 70  VAL X CB  1 
ATOM   557  C CG1 . VAL A 1 70  ? 10.166  4.428   -15.283 1.00 50.87 ? 70  VAL X CG1 1 
ATOM   558  C CG2 . VAL A 1 70  ? 12.172  4.653   -13.824 1.00 50.42 ? 70  VAL X CG2 1 
ATOM   559  N N   . GLU A 1 71  ? 9.841   6.641   -17.060 1.00 52.41 ? 71  GLU X N   1 
ATOM   560  C CA  . GLU A 1 71  ? 8.850   7.303   -17.885 1.00 52.58 ? 71  GLU X CA  1 
ATOM   561  C C   . GLU A 1 71  ? 7.468   7.089   -17.267 1.00 52.06 ? 71  GLU X C   1 
ATOM   562  O O   . GLU A 1 71  ? 7.020   5.950   -17.110 1.00 52.03 ? 71  GLU X O   1 
ATOM   563  C CB  . GLU A 1 71  ? 8.898   6.735   -19.306 1.00 54.26 ? 71  GLU X CB  1 
ATOM   564  C CG  . GLU A 1 71  ? 10.289  6.762   -19.944 1.00 55.60 ? 71  GLU X CG  1 
ATOM   565  C CD  . GLU A 1 71  ? 11.113  5.510   -19.651 1.00 56.69 ? 71  GLU X CD  1 
ATOM   566  O OE1 . GLU A 1 71  ? 11.243  4.653   -20.557 1.00 57.48 ? 71  GLU X OE1 1 
ATOM   567  O OE2 . GLU A 1 71  ? 11.643  5.386   -18.524 1.00 57.42 ? 71  GLU X OE2 1 
ATOM   568  N N   . GLY A 1 72  ? 6.810   8.186   -16.907 1.00 51.08 ? 72  GLY X N   1 
ATOM   569  C CA  . GLY A 1 72  ? 5.518   8.128   -16.240 1.00 50.73 ? 72  GLY X CA  1 
ATOM   570  C C   . GLY A 1 72  ? 5.642   8.265   -14.734 1.00 50.28 ? 72  GLY X C   1 
ATOM   571  O O   . GLY A 1 72  ? 4.651   8.160   -14.011 1.00 50.58 ? 72  GLY X O   1 
ATOM   572  N N   . VAL A 1 73  ? 6.859   8.501   -14.257 1.00 49.51 ? 73  VAL X N   1 
ATOM   573  C CA  . VAL A 1 73  ? 7.141   8.409   -12.831 1.00 48.78 ? 73  VAL X CA  1 
ATOM   574  C C   . VAL A 1 73  ? 7.854   9.655   -12.357 1.00 48.39 ? 73  VAL X C   1 
ATOM   575  O O   . VAL A 1 73  ? 8.752   10.162  -13.017 1.00 48.95 ? 73  VAL X O   1 
ATOM   576  C CB  . VAL A 1 73  ? 8.002   7.165   -12.496 1.00 48.06 ? 73  VAL X CB  1 
ATOM   577  C CG1 . VAL A 1 73  ? 8.608   7.285   -11.110 1.00 47.65 ? 73  VAL X CG1 1 
ATOM   578  C CG2 . VAL A 1 73  ? 7.174   5.895   -12.617 1.00 47.98 ? 73  VAL X CG2 1 
ATOM   579  N N   . ASP A 1 74  ? 7.456   10.145  -11.197 1.00 47.97 ? 74  ASP X N   1 
ATOM   580  C CA  . ASP A 1 74  ? 8.206   11.183  -10.526 1.00 47.95 ? 74  ASP X CA  1 
ATOM   581  C C   . ASP A 1 74  ? 9.025   10.564  -9.405  1.00 47.54 ? 74  ASP X C   1 
ATOM   582  O O   . ASP A 1 74  ? 8.547   9.705   -8.670  1.00 47.59 ? 74  ASP X O   1 
ATOM   583  C CB  . ASP A 1 74  ? 7.253   12.253  -9.997  1.00 48.10 ? 74  ASP X CB  1 
ATOM   584  C CG  . ASP A 1 74  ? 6.247   12.697  -11.045 1.00 48.48 ? 74  ASP X CG  1 
ATOM   585  O OD1 . ASP A 1 74  ? 5.040   12.696  -10.747 1.00 48.87 ? 74  ASP X OD1 1 
ATOM   586  O OD2 . ASP A 1 74  ? 6.661   13.027  -12.178 1.00 48.46 ? 74  ASP X OD2 1 
ATOM   587  N N   . VAL A 1 75  ? 10.277  10.977  -9.296  1.00 47.14 ? 75  VAL X N   1 
ATOM   588  C CA  . VAL A 1 75  ? 11.172  10.385  -8.317  1.00 47.23 ? 75  VAL X CA  1 
ATOM   589  C C   . VAL A 1 75  ? 11.299  11.353  -7.170  1.00 46.86 ? 75  VAL X C   1 
ATOM   590  O O   . VAL A 1 75  ? 11.281  12.562  -7.374  1.00 46.74 ? 75  VAL X O   1 
ATOM   591  C CB  . VAL A 1 75  ? 12.569  10.077  -8.902  1.00 47.10 ? 75  VAL X CB  1 
ATOM   592  C CG1 . VAL A 1 75  ? 13.233  11.347  -9.401  1.00 47.51 ? 75  VAL X CG1 1 
ATOM   593  C CG2 . VAL A 1 75  ? 13.441  9.418   -7.854  1.00 47.36 ? 75  VAL X CG2 1 
ATOM   594  N N   . ILE A 1 76  ? 11.403  10.814  -5.961  1.00 46.89 ? 76  ILE X N   1 
ATOM   595  C CA  . ILE A 1 76  ? 11.844  11.584  -4.810  1.00 46.72 ? 76  ILE X CA  1 
ATOM   596  C C   . ILE A 1 76  ? 12.913  10.801  -4.063  1.00 46.75 ? 76  ILE X C   1 
ATOM   597  O O   . ILE A 1 76  ? 13.025  9.585   -4.231  1.00 46.15 ? 76  ILE X O   1 
ATOM   598  C CB  . ILE A 1 76  ? 10.658  11.905  -3.871  1.00 46.59 ? 76  ILE X CB  1 
ATOM   599  C CG1 . ILE A 1 76  ? 9.987   10.615  -3.376  1.00 46.31 ? 76  ILE X CG1 1 
ATOM   600  C CG2 . ILE A 1 76  ? 9.642   12.793  -4.588  1.00 46.43 ? 76  ILE X CG2 1 
ATOM   601  C CD1 . ILE A 1 76  ? 8.924   10.824  -2.309  1.00 45.96 ? 76  ILE X CD1 1 
ATOM   602  N N   . HIS A 1 77  ? 13.691  11.495  -3.236  1.00 47.54 ? 77  HIS X N   1 
ATOM   603  C CA  . HIS A 1 77  ? 14.921  10.934  -2.676  1.00 48.33 ? 77  HIS X CA  1 
ATOM   604  C C   . HIS A 1 77  ? 14.999  11.063  -1.156  1.00 48.63 ? 77  HIS X C   1 
ATOM   605  O O   . HIS A 1 77  ? 15.965  10.611  -0.546  1.00 48.08 ? 77  HIS X O   1 
ATOM   606  C CB  . HIS A 1 77  ? 16.142  11.616  -3.301  1.00 49.27 ? 77  HIS X CB  1 
ATOM   607  C CG  . HIS A 1 77  ? 16.251  11.414  -4.779  1.00 49.63 ? 77  HIS X CG  1 
ATOM   608  N ND1 . HIS A 1 77  ? 16.230  10.165  -5.362  1.00 50.02 ? 77  HIS X ND1 1 
ATOM   609  C CD2 . HIS A 1 77  ? 16.363  12.301  -5.794  1.00 49.90 ? 77  HIS X CD2 1 
ATOM   610  C CE1 . HIS A 1 77  ? 16.330  10.291  -6.673  1.00 50.16 ? 77  HIS X CE1 1 
ATOM   611  N NE2 . HIS A 1 77  ? 16.409  11.577  -6.962  1.00 50.10 ? 77  HIS X NE2 1 
ATOM   612  N N   . SER A 1 78  ? 13.991  11.680  -0.549  1.00 49.48 ? 78  SER X N   1 
ATOM   613  C CA  . SER A 1 78  ? 13.811  11.613  0.903   1.00 50.17 ? 78  SER X CA  1 
ATOM   614  C C   . SER A 1 78  ? 12.334  11.551  1.278   1.00 50.43 ? 78  SER X C   1 
ATOM   615  O O   . SER A 1 78  ? 11.477  11.957  0.496   1.00 50.29 ? 78  SER X O   1 
ATOM   616  C CB  . SER A 1 78  ? 14.449  12.825  1.578   1.00 50.50 ? 78  SER X CB  1 
ATOM   617  O OG  . SER A 1 78  ? 13.679  13.995  1.335   1.00 51.23 ? 78  SER X OG  1 
ATOM   618  N N   . ILE A 1 79  ? 12.050  11.054  2.480   1.00 51.13 ? 79  ILE X N   1 
ATOM   619  C CA  . ILE A 1 79  ? 10.685  11.035  3.027   1.00 51.40 ? 79  ILE X CA  1 
ATOM   620  C C   . ILE A 1 79  ? 10.057  12.427  3.147   1.00 51.64 ? 79  ILE X C   1 
ATOM   621  O O   . ILE A 1 79  ? 8.854   12.601  2.926   1.00 51.37 ? 79  ILE X O   1 
ATOM   622  C CB  . ILE A 1 79  ? 10.655  10.386  4.422   1.00 51.57 ? 79  ILE X CB  1 
ATOM   623  C CG1 . ILE A 1 79  ? 10.956  8.886   4.325   1.00 51.48 ? 79  ILE X CG1 1 
ATOM   624  C CG2 . ILE A 1 79  ? 9.294   10.619  5.084   1.00 51.51 ? 79  ILE X CG2 1 
ATOM   625  C CD1 . ILE A 1 79  ? 9.733   8.033   4.100   1.00 51.54 ? 79  ILE X CD1 1 
ATOM   626  N N   . GLU A 1 80  ? 10.871  13.416  3.503   1.00 52.42 ? 80  GLU X N   1 
ATOM   627  C CA  . GLU A 1 80  ? 10.404  14.794  3.618   1.00 52.99 ? 80  GLU X CA  1 
ATOM   628  C C   . GLU A 1 80  ? 9.717   15.262  2.336   1.00 53.23 ? 80  GLU X C   1 
ATOM   629  O O   . GLU A 1 80  ? 8.742   16.018  2.374   1.00 53.15 ? 80  GLU X O   1 
ATOM   630  C CB  . GLU A 1 80  ? 11.576  15.718  3.942   1.00 53.84 ? 80  GLU X CB  1 
ATOM   631  C CG  . GLU A 1 80  ? 11.994  15.687  5.395   1.00 54.82 ? 80  GLU X CG  1 
ATOM   632  C CD  . GLU A 1 80  ? 10.880  16.139  6.333   1.00 55.86 ? 80  GLU X CD  1 
ATOM   633  O OE1 . GLU A 1 80  ? 10.650  15.445  7.348   1.00 56.46 ? 80  GLU X OE1 1 
ATOM   634  O OE2 . GLU A 1 80  ? 10.238  17.185  6.057   1.00 56.22 ? 80  GLU X OE2 1 
ATOM   635  N N   . ASP A 1 81  ? 10.230  14.805  1.201   1.00 53.44 ? 81  ASP X N   1 
ATOM   636  C CA  . ASP A 1 81  ? 9.636   15.127  -0.083  1.00 54.06 ? 81  ASP X CA  1 
ATOM   637  C C   . ASP A 1 81  ? 8.145   14.824  -0.076  1.00 54.60 ? 81  ASP X C   1 
ATOM   638  O O   . ASP A 1 81  ? 7.357   15.551  -0.688  1.00 54.88 ? 81  ASP X O   1 
ATOM   639  C CB  . ASP A 1 81  ? 10.308  14.335  -1.206  1.00 54.46 ? 81  ASP X CB  1 
ATOM   640  C CG  . ASP A 1 81  ? 11.758  14.723  -1.410  1.00 55.24 ? 81  ASP X CG  1 
ATOM   641  O OD1 . ASP A 1 81  ? 12.094  15.909  -1.200  1.00 55.55 ? 81  ASP X OD1 1 
ATOM   642  O OD2 . ASP A 1 81  ? 12.561  13.838  -1.787  1.00 56.06 ? 81  ASP X OD2 1 
ATOM   643  N N   . ILE A 1 82  ? 7.753   13.739  0.590   1.00 54.58 ? 82  ILE X N   1 
ATOM   644  C CA  . ILE A 1 82  ? 6.367   13.282  0.508   1.00 54.51 ? 82  ILE X CA  1 
ATOM   645  C C   . ILE A 1 82  ? 5.464   14.429  0.935   1.00 54.40 ? 82  ILE X C   1 
ATOM   646  O O   . ILE A 1 82  ? 4.419   14.665  0.337   1.00 54.02 ? 82  ILE X O   1 
ATOM   647  C CB  . ILE A 1 82  ? 6.096   12.050  1.405   1.00 54.50 ? 82  ILE X CB  1 
ATOM   648  C CG1 . ILE A 1 82  ? 6.809   10.811  0.855   1.00 54.34 ? 82  ILE X CG1 1 
ATOM   649  C CG2 . ILE A 1 82  ? 4.596   11.782  1.504   1.00 54.38 ? 82  ILE X CG2 1 
ATOM   650  C CD1 . ILE A 1 82  ? 6.931   9.681   1.849   1.00 54.11 ? 82  ILE X CD1 1 
ATOM   651  N N   . TYR A 1 83  ? 5.899   15.158  1.958   1.00 55.00 ? 83  TYR X N   1 
ATOM   652  C CA  . TYR A 1 83  ? 5.059   16.148  2.622   1.00 55.61 ? 83  TYR X CA  1 
ATOM   653  C C   . TYR A 1 83  ? 4.795   17.375  1.740   1.00 55.95 ? 83  TYR X C   1 
ATOM   654  O O   . TYR A 1 83  ? 3.957   18.218  2.072   1.00 55.83 ? 83  TYR X O   1 
ATOM   655  C CB  . TYR A 1 83  ? 5.718   16.602  3.925   1.00 56.02 ? 83  TYR X CB  1 
ATOM   656  C CG  . TYR A 1 83  ? 5.973   15.498  4.922   1.00 56.06 ? 83  TYR X CG  1 
ATOM   657  C CD1 . TYR A 1 83  ? 4.942   14.684  5.371   1.00 56.41 ? 83  TYR X CD1 1 
ATOM   658  C CD2 . TYR A 1 83  ? 7.243   15.283  5.435   1.00 56.32 ? 83  TYR X CD2 1 
ATOM   659  C CE1 . TYR A 1 83  ? 5.172   13.676  6.293   1.00 56.24 ? 83  TYR X CE1 1 
ATOM   660  C CE2 . TYR A 1 83  ? 7.486   14.278  6.360   1.00 56.37 ? 83  TYR X CE2 1 
ATOM   661  C CZ  . TYR A 1 83  ? 6.446   13.477  6.786   1.00 56.40 ? 83  TYR X CZ  1 
ATOM   662  O OH  . TYR A 1 83  ? 6.682   12.475  7.703   1.00 56.17 ? 83  TYR X OH  1 
ATOM   663  N N   . GLN A 1 84  ? 5.505   17.478  0.622   1.00 55.95 ? 84  GLN X N   1 
ATOM   664  C CA  . GLN A 1 84  ? 5.266   18.567  -0.316  1.00 56.01 ? 84  GLN X CA  1 
ATOM   665  C C   . GLN A 1 84  ? 4.385   18.135  -1.482  1.00 55.88 ? 84  GLN X C   1 
ATOM   666  O O   . GLN A 1 84  ? 4.012   18.956  -2.310  1.00 56.11 ? 84  GLN X O   1 
ATOM   667  C CB  . GLN A 1 84  ? 6.588   19.127  -0.842  1.00 56.96 ? 84  GLN X CB  1 
ATOM   668  C CG  . GLN A 1 84  ? 7.086   20.348  -0.085  1.00 57.62 ? 84  GLN X CG  1 
ATOM   669  C CD  . GLN A 1 84  ? 7.424   20.035  1.358   1.00 58.30 ? 84  GLN X CD  1 
ATOM   670  O OE1 . GLN A 1 84  ? 6.791   20.557  2.282   1.00 58.94 ? 84  GLN X OE1 1 
ATOM   671  N NE2 . GLN A 1 84  ? 8.430   19.182  1.562   1.00 58.30 ? 84  GLN X NE2 1 
ATOM   672  N N   . LEU A 1 85  ? 4.049   16.852  -1.556  1.00 55.20 ? 85  LEU X N   1 
ATOM   673  C CA  . LEU A 1 85  ? 3.127   16.389  -2.591  1.00 54.29 ? 85  LEU X CA  1 
ATOM   674  C C   . LEU A 1 85  ? 1.720   16.919  -2.325  1.00 53.69 ? 85  LEU X C   1 
ATOM   675  O O   . LEU A 1 85  ? 1.229   16.837  -1.200  1.00 53.71 ? 85  LEU X O   1 
ATOM   676  C CB  . LEU A 1 85  ? 3.099   14.859  -2.654  1.00 54.63 ? 85  LEU X CB  1 
ATOM   677  C CG  . LEU A 1 85  ? 4.423   14.170  -3.007  1.00 54.68 ? 85  LEU X CG  1 
ATOM   678  C CD1 . LEU A 1 85  ? 4.264   12.655  -2.927  1.00 54.17 ? 85  LEU X CD1 1 
ATOM   679  C CD2 . LEU A 1 85  ? 4.906   14.611  -4.390  1.00 54.46 ? 85  LEU X CD2 1 
ATOM   680  N N   . PRO A 1 86  ? 1.071   17.477  -3.360  1.00 52.89 ? 86  PRO X N   1 
ATOM   681  C CA  . PRO A 1 86  ? -0.333  17.876  -3.282  1.00 51.79 ? 86  PRO X CA  1 
ATOM   682  C C   . PRO A 1 86  ? -1.327  16.718  -3.404  1.00 50.88 ? 86  PRO X C   1 
ATOM   683  O O   . PRO A 1 86  ? -1.064  15.712  -4.087  1.00 50.67 ? 86  PRO X O   1 
ATOM   684  C CB  . PRO A 1 86  ? -0.490  18.821  -4.476  1.00 52.21 ? 86  PRO X CB  1 
ATOM   685  C CG  . PRO A 1 86  ? 0.502   18.338  -5.469  1.00 52.57 ? 86  PRO X CG  1 
ATOM   686  C CD  . PRO A 1 86  ? 1.663   17.791  -4.674  1.00 52.84 ? 86  PRO X CD  1 
ATOM   687  N N   . GLY A 1 87  ? -2.473  16.881  -2.752  1.00 49.20 ? 87  GLY X N   1 
ATOM   688  C CA  . GLY A 1 87  ? -3.632  16.054  -3.024  1.00 48.29 ? 87  GLY X CA  1 
ATOM   689  C C   . GLY A 1 87  ? -3.744  14.942  -2.003  1.00 47.19 ? 87  GLY X C   1 
ATOM   690  O O   . GLY A 1 87  ? -3.159  15.019  -0.918  1.00 46.56 ? 87  GLY X O   1 
ATOM   691  N N   . HIS A 1 88  ? -4.493  13.903  -2.350  1.00 46.16 ? 88  HIS X N   1 
ATOM   692  C CA  . HIS A 1 88  ? -4.519  12.698  -1.531  1.00 45.29 ? 88  HIS X CA  1 
ATOM   693  C C   . HIS A 1 88  ? -3.372  11.763  -1.915  1.00 43.96 ? 88  HIS X C   1 
ATOM   694  O O   . HIS A 1 88  ? -3.326  11.224  -3.023  1.00 43.04 ? 88  HIS X O   1 
ATOM   695  C CB  . HIS A 1 88  ? -5.863  11.984  -1.641  1.00 45.32 ? 88  HIS X CB  1 
ATOM   696  C CG  . HIS A 1 88  ? -6.134  11.043  -0.506  1.00 45.44 ? 88  HIS X CG  1 
ATOM   697  N ND1 . HIS A 1 88  ? -7.137  10.099  -0.543  1.00 45.37 ? 88  HIS X ND1 1 
ATOM   698  C CD2 . HIS A 1 88  ? -5.522  10.898  0.694   1.00 45.01 ? 88  HIS X CD2 1 
ATOM   699  C CE1 . HIS A 1 88  ? -7.133  9.416   0.589   1.00 45.64 ? 88  HIS X CE1 1 
ATOM   700  N NE2 . HIS A 1 88  ? -6.161  9.880   1.356   1.00 44.97 ? 88  HIS X NE2 1 
ATOM   701  N N   . VAL A 1 89  ? -2.446  11.601  -0.977  1.00 43.36 ? 89  VAL X N   1 
ATOM   702  C CA  . VAL A 1 89  ? -1.244  10.801  -1.175  1.00 43.12 ? 89  VAL X CA  1 
ATOM   703  C C   . VAL A 1 89  ? -1.342  9.485   -0.401  1.00 42.36 ? 89  VAL X C   1 
ATOM   704  O O   . VAL A 1 89  ? -1.346  9.482   0.828   1.00 42.35 ? 89  VAL X O   1 
ATOM   705  C CB  . VAL A 1 89  ? -0.005  11.593  -0.712  1.00 43.28 ? 89  VAL X CB  1 
ATOM   706  C CG1 . VAL A 1 89  ? 1.261   10.763  -0.865  1.00 43.08 ? 89  VAL X CG1 1 
ATOM   707  C CG2 . VAL A 1 89  ? 0.094   12.903  -1.495  1.00 43.15 ? 89  VAL X CG2 1 
ATOM   708  N N   . PHE A 1 90  ? -1.426  8.378   -1.138  1.00 41.56 ? 90  PHE X N   1 
ATOM   709  C CA  . PHE A 1 90  ? -1.339  7.033   -0.574  1.00 40.70 ? 90  PHE X CA  1 
ATOM   710  C C   . PHE A 1 90  ? 0.112   6.521   -0.537  1.00 40.10 ? 90  PHE X C   1 
ATOM   711  O O   . PHE A 1 90  ? 0.751   6.353   -1.592  1.00 37.92 ? 90  PHE X O   1 
ATOM   712  C CB  . PHE A 1 90  ? -2.206  6.063   -1.381  1.00 41.09 ? 90  PHE X CB  1 
ATOM   713  C CG  . PHE A 1 90  ? -3.668  6.433   -1.402  1.00 41.50 ? 90  PHE X CG  1 
ATOM   714  C CD1 . PHE A 1 90  ? -4.557  5.861   -0.493  1.00 41.32 ? 90  PHE X CD1 1 
ATOM   715  C CD2 . PHE A 1 90  ? -4.151  7.361   -2.321  1.00 41.34 ? 90  PHE X CD2 1 
ATOM   716  C CE1 . PHE A 1 90  ? -5.899  6.194   -0.500  1.00 41.19 ? 90  PHE X CE1 1 
ATOM   717  C CE2 . PHE A 1 90  ? -5.501  7.707   -2.335  1.00 41.71 ? 90  PHE X CE2 1 
ATOM   718  C CZ  . PHE A 1 90  ? -6.379  7.122   -1.417  1.00 41.53 ? 90  PHE X CZ  1 
ATOM   719  N N   . ILE A 1 91  ? 0.607   6.276   0.680   1.00 38.61 ? 91  ILE X N   1 
ATOM   720  C CA  . ILE A 1 91  ? 1.801   5.452   0.912   1.00 38.26 ? 91  ILE X CA  1 
ATOM   721  C C   . ILE A 1 91  ? 1.585   3.960   0.642   1.00 37.15 ? 91  ILE X C   1 
ATOM   722  O O   . ILE A 1 91  ? 0.785   3.295   1.300   1.00 36.42 ? 91  ILE X O   1 
ATOM   723  C CB  . ILE A 1 91  ? 2.279   5.563   2.355   1.00 38.32 ? 91  ILE X CB  1 
ATOM   724  C CG1 . ILE A 1 91  ? 2.557   7.026   2.733   1.00 38.36 ? 91  ILE X CG1 1 
ATOM   725  C CG2 . ILE A 1 91  ? 3.495   4.665   2.556   1.00 38.46 ? 91  ILE X CG2 1 
ATOM   726  C CD1 . ILE A 1 91  ? 3.674   7.715   1.916   1.00 38.66 ? 91  ILE X CD1 1 
ATOM   727  N N   . PHE A 1 92  ? 2.331   3.436   -0.320  1.00 36.03 ? 92  PHE X N   1 
ATOM   728  C CA  . PHE A 1 92  ? 1.914   2.271   -1.066  1.00 35.47 ? 92  PHE X CA  1 
ATOM   729  C C   . PHE A 1 92  ? 2.847   1.076   -0.804  1.00 34.93 ? 92  PHE X C   1 
ATOM   730  O O   . PHE A 1 92  ? 2.629   -0.028  -1.321  1.00 35.38 ? 92  PHE X O   1 
ATOM   731  C CB  . PHE A 1 92  ? 1.921   2.623   -2.544  1.00 36.71 ? 92  PHE X CB  1 
ATOM   732  C CG  . PHE A 1 92  ? 1.163   1.669   -3.406  1.00 36.62 ? 92  PHE X CG  1 
ATOM   733  C CD1 . PHE A 1 92  ? 1.743   1.159   -4.554  1.00 36.98 ? 92  PHE X CD1 1 
ATOM   734  C CD2 . PHE A 1 92  ? -0.136  1.303   -3.088  1.00 37.09 ? 92  PHE X CD2 1 
ATOM   735  C CE1 . PHE A 1 92  ? 1.040   0.293   -5.387  1.00 37.27 ? 92  PHE X CE1 1 
ATOM   736  C CE2 . PHE A 1 92  ? -0.846  0.429   -3.900  1.00 37.39 ? 92  PHE X CE2 1 
ATOM   737  C CZ  . PHE A 1 92  ? -0.256  -0.077  -5.064  1.00 37.31 ? 92  PHE X CZ  1 
ATOM   738  N N   . GLY A 1 93  ? 3.865   1.300   0.012   1.00 33.58 ? 93  GLY X N   1 
ATOM   739  C CA  . GLY A 1 93  ? 4.828   0.258   0.346   1.00 33.63 ? 93  GLY X CA  1 
ATOM   740  C C   . GLY A 1 93  ? 6.243   0.621   -0.079  1.00 32.66 ? 93  GLY X C   1 
ATOM   741  O O   . GLY A 1 93  ? 6.454   1.628   -0.734  1.00 30.52 ? 93  GLY X O   1 
ATOM   742  N N   . GLY A 1 94  ? 7.218   -0.198  0.314   1.00 32.72 ? 94  GLY X N   1 
ATOM   743  C CA  . GLY A 1 94  ? 6.938   -1.463  0.984   1.00 32.64 ? 94  GLY X CA  1 
ATOM   744  C C   . GLY A 1 94  ? 7.286   -1.371  2.444   1.00 32.13 ? 94  GLY X C   1 
ATOM   745  O O   . GLY A 1 94  ? 7.035   -0.348  3.076   1.00 33.19 ? 94  GLY X O   1 
ATOM   746  N N   . GLN A 1 95  ? 7.872   -2.437  2.988   1.00 32.14 ? 95  GLN X N   1 
ATOM   747  C CA  . GLN A 1 95  ? 8.026   -2.550  4.424   1.00 31.99 ? 95  GLN X CA  1 
ATOM   748  C C   . GLN A 1 95  ? 8.717   -1.327  4.945   1.00 32.12 ? 95  GLN X C   1 
ATOM   749  O O   . GLN A 1 95  ? 8.345   -0.781  5.975   1.00 32.31 ? 95  GLN X O   1 
ATOM   750  C CB  . GLN A 1 95  ? 8.834   -3.788  4.816   1.00 31.97 ? 95  GLN X CB  1 
ATOM   751  C CG  . GLN A 1 95  ? 9.351   -3.710  6.249   1.00 31.51 ? 95  GLN X CG  1 
ATOM   752  C CD  . GLN A 1 95  ? 9.872   -5.019  6.756   1.00 31.06 ? 95  GLN X CD  1 
ATOM   753  O OE1 . GLN A 1 95  ? 9.656   -6.061  6.145   1.00 30.18 ? 95  GLN X OE1 1 
ATOM   754  N NE2 . GLN A 1 95  ? 10.556  -4.982  7.887   1.00 30.70 ? 95  GLN X NE2 1 
ATOM   755  N N   . THR A 1 96  ? 9.741   -0.894  4.222   1.00 33.28 ? 96  THR X N   1 
ATOM   756  C CA  . THR A 1 96  ? 10.567  0.236   4.643   1.00 32.93 ? 96  THR X CA  1 
ATOM   757  C C   . THR A 1 96  ? 9.733   1.517   4.777   1.00 32.52 ? 96  THR X C   1 
ATOM   758  O O   . THR A 1 96  ? 9.769   2.207   5.795   1.00 31.96 ? 96  THR X O   1 
ATOM   759  C CB  . THR A 1 96  ? 11.716  0.457   3.625   1.00 33.53 ? 96  THR X CB  1 
ATOM   760  O OG1 . THR A 1 96  ? 11.176  0.893   2.360   1.00 33.78 ? 96  THR X OG1 1 
ATOM   761  C CG2 . THR A 1 96  ? 12.487  -0.851  3.414   1.00 33.10 ? 96  THR X CG2 1 
ATOM   762  N N   . LEU A 1 97  ? 8.966   1.823   3.744   1.00 32.98 ? 97  LEU X N   1 
ATOM   763  C CA  . LEU A 1 97  ? 8.158   3.043   3.736   1.00 33.50 ? 97  LEU X CA  1 
ATOM   764  C C   . LEU A 1 97  ? 7.007   2.981   4.759   1.00 33.38 ? 97  LEU X C   1 
ATOM   765  O O   . LEU A 1 97  ? 6.720   3.969   5.445   1.00 33.73 ? 97  LEU X O   1 
ATOM   766  C CB  . LEU A 1 97  ? 7.601   3.295   2.336   1.00 34.16 ? 97  LEU X CB  1 
ATOM   767  C CG  . LEU A 1 97  ? 7.839   4.697   1.773   1.00 34.63 ? 97  LEU X CG  1 
ATOM   768  C CD1 . LEU A 1 97  ? 6.665   5.095   0.916   1.00 34.91 ? 97  LEU X CD1 1 
ATOM   769  C CD2 . LEU A 1 97  ? 8.100   5.737   2.873   1.00 34.13 ? 97  LEU X CD2 1 
ATOM   770  N N   . PHE A 1 98  ? 6.369   1.818   4.873   1.00 33.20 ? 98  PHE X N   1 
ATOM   771  C CA  . PHE A 1 98  ? 5.353   1.603   5.917   1.00 32.97 ? 98  PHE X CA  1 
ATOM   772  C C   . PHE A 1 98  ? 5.910   1.879   7.300   1.00 33.45 ? 98  PHE X C   1 
ATOM   773  O O   . PHE A 1 98  ? 5.275   2.562   8.117   1.00 33.63 ? 98  PHE X O   1 
ATOM   774  C CB  . PHE A 1 98  ? 4.779   0.183   5.840   1.00 30.05 ? 98  PHE X CB  1 
ATOM   775  C CG  . PHE A 1 98  ? 3.917   -0.048  4.638   1.00 29.54 ? 98  PHE X CG  1 
ATOM   776  C CD1 . PHE A 1 98  ? 3.932   -1.254  3.977   1.00 29.26 ? 98  PHE X CD1 1 
ATOM   777  C CD2 . PHE A 1 98  ? 3.091   0.949   4.166   1.00 29.18 ? 98  PHE X CD2 1 
ATOM   778  C CE1 . PHE A 1 98  ? 3.160   -1.456  2.868   1.00 29.27 ? 98  PHE X CE1 1 
ATOM   779  C CE2 . PHE A 1 98  ? 2.306   0.748   3.064   1.00 29.11 ? 98  PHE X CE2 1 
ATOM   780  C CZ  . PHE A 1 98  ? 2.334   -0.447  2.412   1.00 29.33 ? 98  PHE X CZ  1 
ATOM   781  N N   . GLU A 1 99  ? 7.101   1.358   7.576   1.00 34.64 ? 99  GLU X N   1 
ATOM   782  C CA  . GLU A 1 99  ? 7.699   1.530   8.900   1.00 35.80 ? 99  GLU X CA  1 
ATOM   783  C C   . GLU A 1 99  ? 8.058   2.988   9.129   1.00 36.69 ? 99  GLU X C   1 
ATOM   784  O O   . GLU A 1 99  ? 7.984   3.506   10.251  1.00 36.29 ? 99  GLU X O   1 
ATOM   785  C CB  . GLU A 1 99  ? 8.951   0.664   9.036   1.00 36.03 ? 99  GLU X CB  1 
ATOM   786  C CG  . GLU A 1 99  ? 8.668   -0.829  9.104   1.00 36.24 ? 99  GLU X CG  1 
ATOM   787  C CD  . GLU A 1 99  ? 9.936   -1.655  9.085   1.00 36.59 ? 99  GLU X CD  1 
ATOM   788  O OE1 . GLU A 1 99  ? 9.860   -2.892  9.264   1.00 35.96 ? 99  GLU X OE1 1 
ATOM   789  O OE2 . GLU A 1 99  ? 11.009  -1.048  8.879   1.00 36.71 ? 99  GLU X OE2 1 
ATOM   790  N N   . GLU A 1 100 ? 8.460   3.639   8.046   1.00 38.32 ? 100 GLU X N   1 
ATOM   791  C CA  . GLU A 1 100 ? 8.865   5.028   8.089   1.00 39.52 ? 100 GLU X CA  1 
ATOM   792  C C   . GLU A 1 100 ? 7.636   5.927   8.299   1.00 39.91 ? 100 GLU X C   1 
ATOM   793  O O   . GLU A 1 100 ? 7.728   6.973   8.927   1.00 40.33 ? 100 GLU X O   1 
ATOM   794  C CB  . GLU A 1 100 ? 9.650   5.382   6.808   1.00 39.87 ? 100 GLU X CB  1 
ATOM   795  C CG  . GLU A 1 100 ? 11.027  4.681   6.749   1.00 40.77 ? 100 GLU X CG  1 
ATOM   796  C CD  . GLU A 1 100 ? 11.787  4.885   5.440   1.00 40.68 ? 100 GLU X CD  1 
ATOM   797  O OE1 . GLU A 1 100 ? 12.727  5.699   5.431   1.00 41.86 ? 100 GLU X OE1 1 
ATOM   798  O OE2 . GLU A 1 100 ? 11.475  4.220   4.431   1.00 41.36 ? 100 GLU X OE2 1 
ATOM   799  N N   . MET A 1 101 ? 6.485   5.507   7.795   1.00 40.46 ? 101 MET X N   1 
ATOM   800  C CA  . MET A 1 101 ? 5.339   6.413   7.701   1.00 40.53 ? 101 MET X CA  1 
ATOM   801  C C   . MET A 1 101 ? 4.171   6.078   8.649   1.00 40.67 ? 101 MET X C   1 
ATOM   802  O O   . MET A 1 101 ? 3.287   6.919   8.829   1.00 40.56 ? 101 MET X O   1 
ATOM   803  C CB  . MET A 1 101 ? 4.827   6.468   6.256   1.00 41.21 ? 101 MET X CB  1 
ATOM   804  C CG  . MET A 1 101 ? 5.801   7.114   5.247   1.00 41.70 ? 101 MET X CG  1 
ATOM   805  S SD  . MET A 1 101 ? 6.185   8.851   5.594   1.00 42.31 ? 101 MET X SD  1 
ATOM   806  C CE  . MET A 1 101 ? 4.549   9.580   5.517   1.00 41.57 ? 101 MET X CE  1 
ATOM   807  N N   . ILE A 1 102 ? 4.144   4.882   9.249   1.00 40.31 ? 102 ILE X N   1 
ATOM   808  C CA  . ILE A 1 102 ? 2.932   4.452   9.978   1.00 40.20 ? 102 ILE X CA  1 
ATOM   809  C C   . ILE A 1 102 ? 2.527   5.490   11.018  1.00 40.31 ? 102 ILE X C   1 
ATOM   810  O O   . ILE A 1 102 ? 1.345   5.755   11.199  1.00 40.73 ? 102 ILE X O   1 
ATOM   811  C CB  . ILE A 1 102 ? 3.054   3.061   10.675  1.00 39.96 ? 102 ILE X CB  1 
ATOM   812  C CG1 . ILE A 1 102 ? 1.675   2.625   11.211  1.00 39.81 ? 102 ILE X CG1 1 
ATOM   813  C CG2 . ILE A 1 102 ? 4.043   3.106   11.823  1.00 39.83 ? 102 ILE X CG2 1 
ATOM   814  C CD1 . ILE A 1 102 ? 1.523   1.121   11.508  1.00 39.11 ? 102 ILE X CD1 1 
ATOM   815  N N   . ASP A 1 103 ? 3.506   6.086   11.689  1.00 40.25 ? 103 ASP X N   1 
ATOM   816  C CA  . ASP A 1 103 ? 3.212   7.060   12.735  1.00 40.33 ? 103 ASP X CA  1 
ATOM   817  C C   . ASP A 1 103 ? 2.932   8.450   12.177  1.00 40.05 ? 103 ASP X C   1 
ATOM   818  O O   . ASP A 1 103 ? 2.756   9.395   12.931  1.00 39.00 ? 103 ASP X O   1 
ATOM   819  C CB  . ASP A 1 103 ? 4.370   7.149   13.724  1.00 41.31 ? 103 ASP X CB  1 
ATOM   820  C CG  . ASP A 1 103 ? 4.740   5.812   14.296  1.00 42.40 ? 103 ASP X CG  1 
ATOM   821  O OD1 . ASP A 1 103 ? 5.947   5.520   14.373  1.00 43.90 ? 103 ASP X OD1 1 
ATOM   822  O OD2 . ASP A 1 103 ? 3.829   5.036   14.654  1.00 42.98 ? 103 ASP X OD2 1 
ATOM   823  N N   . LYS A 1 104 ? 2.903   8.581   10.858  1.00 39.70 ? 104 LYS X N   1 
ATOM   824  C CA  . LYS A 1 104 ? 2.798   9.898   10.248  1.00 39.80 ? 104 LYS X CA  1 
ATOM   825  C C   . LYS A 1 104 ? 1.486   10.044  9.494   1.00 39.27 ? 104 LYS X C   1 
ATOM   826  O O   . LYS A 1 104 ? 1.020   11.155  9.245   1.00 39.15 ? 104 LYS X O   1 
ATOM   827  C CB  . LYS A 1 104 ? 3.969   10.151  9.294   1.00 40.47 ? 104 LYS X CB  1 
ATOM   828  C CG  . LYS A 1 104 ? 5.328   10.186  9.962   1.00 40.96 ? 104 LYS X CG  1 
ATOM   829  C CD  . LYS A 1 104 ? 5.340   11.116  11.174  1.00 41.38 ? 104 LYS X CD  1 
ATOM   830  C CE  . LYS A 1 104 ? 6.754   11.339  11.696  1.00 41.50 ? 104 LYS X CE  1 
ATOM   831  N NZ  . LYS A 1 104 ? 7.155   10.379  12.768  1.00 41.82 ? 104 LYS X NZ  1 
ATOM   832  N N   . VAL A 1 105 ? 0.888   8.923   9.116   1.00 38.51 ? 105 VAL X N   1 
ATOM   833  C CA  . VAL A 1 105 ? -0.297  8.989   8.286   1.00 38.19 ? 105 VAL X CA  1 
ATOM   834  C C   . VAL A 1 105 ? -1.523  9.407   9.108   1.00 37.69 ? 105 VAL X C   1 
ATOM   835  O O   . VAL A 1 105 ? -1.555  9.253   10.327  1.00 37.78 ? 105 VAL X O   1 
ATOM   836  C CB  . VAL A 1 105 ? -0.552  7.666   7.560   1.00 37.96 ? 105 VAL X CB  1 
ATOM   837  C CG1 . VAL A 1 105 ? 0.508   7.475   6.482   1.00 37.76 ? 105 VAL X CG1 1 
ATOM   838  C CG2 . VAL A 1 105 ? -0.585  6.494   8.550   1.00 37.10 ? 105 VAL X CG2 1 
ATOM   839  N N   . ASP A 1 106 ? -2.514  9.965   8.422   1.00 37.82 ? 106 ASP X N   1 
ATOM   840  C CA  . ASP A 1 106 ? -3.797  10.297  9.038   1.00 37.08 ? 106 ASP X CA  1 
ATOM   841  C C   . ASP A 1 106 ? -4.620  9.024   9.204   1.00 35.74 ? 106 ASP X C   1 
ATOM   842  O O   . ASP A 1 106 ? -5.210  8.767   10.255  1.00 34.83 ? 106 ASP X O   1 
ATOM   843  C CB  . ASP A 1 106 ? -4.544  11.303  8.162   1.00 37.73 ? 106 ASP X CB  1 
ATOM   844  C CG  . ASP A 1 106 ? -3.683  12.507  7.797   1.00 39.00 ? 106 ASP X CG  1 
ATOM   845  O OD1 . ASP A 1 106 ? -2.989  13.022  8.704   1.00 40.24 ? 106 ASP X OD1 1 
ATOM   846  O OD2 . ASP A 1 106 ? -3.687  12.929  6.618   1.00 38.61 ? 106 ASP X OD2 1 
ATOM   847  N N   . ASP A 1 107 ? -4.648  8.222   8.150   1.00 35.02 ? 107 ASP X N   1 
ATOM   848  C CA  . ASP A 1 107 ? -5.458  7.024   8.154   1.00 34.31 ? 107 ASP X CA  1 
ATOM   849  C C   . ASP A 1 107 ? -4.796  5.890   7.364   1.00 33.33 ? 107 ASP X C   1 
ATOM   850  O O   . ASP A 1 107 ? -3.830  6.089   6.633   1.00 32.53 ? 107 ASP X O   1 
ATOM   851  C CB  . ASP A 1 107 ? -6.840  7.337   7.574   1.00 34.74 ? 107 ASP X CB  1 
ATOM   852  C CG  . ASP A 1 107 ? -6.778  7.869   6.159   1.00 34.99 ? 107 ASP X CG  1 
ATOM   853  O OD1 . ASP A 1 107 ? -7.824  7.881   5.498   1.00 35.81 ? 107 ASP X OD1 1 
ATOM   854  O OD2 . ASP A 1 107 ? -5.694  8.276   5.697   1.00 35.81 ? 107 ASP X OD2 1 
ATOM   855  N N   . MET A 1 108 ? -5.341  4.694   7.502   1.00 31.91 ? 108 MET X N   1 
ATOM   856  C CA  . MET A 1 108 ? -4.847  3.572   6.742   1.00 30.87 ? 108 MET X CA  1 
ATOM   857  C C   . MET A 1 108 ? -6.008  2.856   6.080   1.00 29.72 ? 108 MET X C   1 
ATOM   858  O O   . MET A 1 108 ? -7.046  2.633   6.694   1.00 28.49 ? 108 MET X O   1 
ATOM   859  C CB  . MET A 1 108 ? -4.072  2.621   7.657   1.00 30.31 ? 108 MET X CB  1 
ATOM   860  C CG  . MET A 1 108 ? -3.111  3.321   8.599   1.00 29.77 ? 108 MET X CG  1 
ATOM   861  S SD  . MET A 1 108 ? -1.902  2.186   9.323   1.00 30.31 ? 108 MET X SD  1 
ATOM   862  C CE  . MET A 1 108 ? -2.889  1.423   10.626  1.00 29.12 ? 108 MET X CE  1 
ATOM   863  N N   . TYR A 1 109 ? -5.815  2.493   4.820   1.00 29.06 ? 109 TYR X N   1 
ATOM   864  C CA  . TYR A 1 109 ? -6.681  1.545   4.159   1.00 28.69 ? 109 TYR X CA  1 
ATOM   865  C C   . TYR A 1 109 ? -6.027  0.183   4.057   1.00 28.00 ? 109 TYR X C   1 
ATOM   866  O O   . TYR A 1 109 ? -5.136  -0.051  3.216   1.00 25.11 ? 109 TYR X O   1 
ATOM   867  C CB  . TYR A 1 109 ? -7.024  2.046   2.771   1.00 30.98 ? 109 TYR X CB  1 
ATOM   868  C CG  . TYR A 1 109 ? -7.776  3.356   2.792   1.00 31.31 ? 109 TYR X CG  1 
ATOM   869  C CD1 . TYR A 1 109 ? -7.113  4.554   2.919   1.00 31.61 ? 109 TYR X CD1 1 
ATOM   870  C CD2 . TYR A 1 109 ? -9.156  3.379   2.697   1.00 31.85 ? 109 TYR X CD2 1 
ATOM   871  C CE1 . TYR A 1 109 ? -7.812  5.750   2.947   1.00 31.72 ? 109 TYR X CE1 1 
ATOM   872  C CE2 . TYR A 1 109 ? -9.850  4.558   2.711   1.00 31.56 ? 109 TYR X CE2 1 
ATOM   873  C CZ  . TYR A 1 109 ? -9.175  5.729   2.834   1.00 31.40 ? 109 TYR X CZ  1 
ATOM   874  O OH  . TYR A 1 109 ? -9.880  6.890   2.843   1.00 32.09 ? 109 TYR X OH  1 
ATOM   875  N N   . ILE A 1 110 ? -6.479  -0.724  4.914   1.00 26.29 ? 110 ILE X N   1 
ATOM   876  C CA  . ILE A 1 110 ? -5.837  -2.022  5.049   1.00 26.27 ? 110 ILE X CA  1 
ATOM   877  C C   . ILE A 1 110 ? -6.773  -3.100  4.540   1.00 25.18 ? 110 ILE X C   1 
ATOM   878  O O   . ILE A 1 110 ? -7.943  -3.154  4.931   1.00 26.42 ? 110 ILE X O   1 
ATOM   879  C CB  . ILE A 1 110 ? -5.469  -2.298  6.517   1.00 26.09 ? 110 ILE X CB  1 
ATOM   880  C CG1 . ILE A 1 110 ? -4.581  -1.163  7.033   1.00 25.93 ? 110 ILE X CG1 1 
ATOM   881  C CG2 . ILE A 1 110 ? -4.807  -3.695  6.658   1.00 25.72 ? 110 ILE X CG2 1 
ATOM   882  C CD1 . ILE A 1 110 ? -4.044  -1.340  8.440   1.00 25.96 ? 110 ILE X CD1 1 
ATOM   883  N N   . THR A 1 111 ? -6.280  -3.944  3.649   1.00 23.44 ? 111 THR X N   1 
ATOM   884  C CA  . THR A 1 111 ? -6.960  -5.184  3.355   1.00 23.26 ? 111 THR X CA  1 
ATOM   885  C C   . THR A 1 111 ? -6.303  -6.275  4.190   1.00 23.79 ? 111 THR X C   1 
ATOM   886  O O   . THR A 1 111 ? -5.122  -6.581  4.008   1.00 22.56 ? 111 THR X O   1 
ATOM   887  C CB  . THR A 1 111 ? -6.883  -5.538  1.865   1.00 23.50 ? 111 THR X CB  1 
ATOM   888  O OG1 . THR A 1 111 ? -7.328  -4.414  1.089   1.00 24.74 ? 111 THR X OG1 1 
ATOM   889  C CG2 . THR A 1 111 ? -7.763  -6.739  1.564   1.00 23.38 ? 111 THR X CG2 1 
ATOM   890  N N   . VAL A 1 112 ? -7.060  -6.808  5.140   1.00 23.39 ? 112 VAL X N   1 
ATOM   891  C CA  . VAL A 1 112 ? -6.639  -7.979  5.873   1.00 23.48 ? 112 VAL X CA  1 
ATOM   892  C C   . VAL A 1 112 ? -6.967  -9.204  5.051   1.00 24.11 ? 112 VAL X C   1 
ATOM   893  O O   . VAL A 1 112 ? -8.135  -9.509  4.814   1.00 23.45 ? 112 VAL X O   1 
ATOM   894  C CB  . VAL A 1 112 ? -7.327  -8.075  7.244   1.00 22.80 ? 112 VAL X CB  1 
ATOM   895  C CG1 . VAL A 1 112 ? -6.879  -9.357  7.969   1.00 22.34 ? 112 VAL X CG1 1 
ATOM   896  C CG2 . VAL A 1 112 ? -7.013  -6.848  8.075   1.00 22.03 ? 112 VAL X CG2 1 
ATOM   897  N N   . ILE A 1 113 ? -5.917  -9.887  4.601   1.00 25.22 ? 113 ILE X N   1 
ATOM   898  C CA  . ILE A 1 113 ? -6.043  -11.190 3.977   1.00 24.94 ? 113 ILE X CA  1 
ATOM   899  C C   . ILE A 1 113 ? -6.101  -12.250 5.081   1.00 25.31 ? 113 ILE X C   1 
ATOM   900  O O   . ILE A 1 113 ? -5.171  -12.409 5.874   1.00 23.69 ? 113 ILE X O   1 
ATOM   901  C CB  . ILE A 1 113 ? -4.852  -11.516 3.015   1.00 25.17 ? 113 ILE X CB  1 
ATOM   902  C CG1 . ILE A 1 113 ? -4.487  -10.343 2.088   1.00 25.67 ? 113 ILE X CG1 1 
ATOM   903  C CG2 . ILE A 1 113 ? -5.158  -12.752 2.184   1.00 25.62 ? 113 ILE X CG2 1 
ATOM   904  C CD1 . ILE A 1 113 ? -5.532  -9.974  1.068   1.00 25.19 ? 113 ILE X CD1 1 
ATOM   905  N N   . GLU A 1 114 ? -7.195  -12.991 5.112   1.00 25.49 ? 114 GLU X N   1 
ATOM   906  C CA  . GLU A 1 114 ? -7.483  -13.860 6.241   1.00 26.09 ? 114 GLU X CA  1 
ATOM   907  C C   . GLU A 1 114 ? -6.867  -15.224 6.003   1.00 25.09 ? 114 GLU X C   1 
ATOM   908  O O   . GLU A 1 114 ? -7.558  -16.234 6.017   1.00 24.35 ? 114 GLU X O   1 
ATOM   909  C CB  . GLU A 1 114 ? -8.989  -13.966 6.453   1.00 28.38 ? 114 GLU X CB  1 
ATOM   910  C CG  . GLU A 1 114 ? -9.669  -12.594 6.505   1.00 31.02 ? 114 GLU X CG  1 
ATOM   911  C CD  . GLU A 1 114 ? -9.599  -11.973 7.882   1.00 33.52 ? 114 GLU X CD  1 
ATOM   912  O OE1 . GLU A 1 114 ? -9.224  -12.709 8.823   1.00 34.76 ? 114 GLU X OE1 1 
ATOM   913  O OE2 . GLU A 1 114 ? -9.935  -10.760 8.029   1.00 35.92 ? 114 GLU X OE2 1 
ATOM   914  N N   . GLY A 1 115 ? -5.553  -15.222 5.775   1.00 24.74 ? 115 GLY X N   1 
ATOM   915  C CA  . GLY A 1 115 ? -4.757  -16.439 5.672   1.00 24.84 ? 115 GLY X CA  1 
ATOM   916  C C   . GLY A 1 115 ? -3.343  -16.236 6.195   1.00 24.23 ? 115 GLY X C   1 
ATOM   917  O O   . GLY A 1 115 ? -2.981  -15.129 6.597   1.00 23.27 ? 115 GLY X O   1 
ATOM   918  N N   . LYS A 1 116 ? -2.561  -17.311 6.214   1.00 23.70 ? 116 LYS X N   1 
ATOM   919  C CA  . LYS A 1 116 ? -1.178  -17.256 6.681   1.00 25.45 ? 116 LYS X CA  1 
ATOM   920  C C   . LYS A 1 116 ? -0.286  -17.726 5.531   1.00 24.40 ? 116 LYS X C   1 
ATOM   921  O O   . LYS A 1 116 ? -0.327  -18.892 5.150   1.00 22.90 ? 116 LYS X O   1 
ATOM   922  C CB  . LYS A 1 116 ? -0.960  -18.142 7.918   1.00 26.09 ? 116 LYS X CB  1 
ATOM   923  C CG  . LYS A 1 116 ? -1.651  -17.654 9.191   1.00 27.93 ? 116 LYS X CG  1 
ATOM   924  C CD  . LYS A 1 116 ? -1.940  -18.803 10.162  1.00 28.70 ? 116 LYS X CD  1 
ATOM   925  C CE  . LYS A 1 116 ? -0.675  -19.452 10.724  1.00 30.59 ? 116 LYS X CE  1 
ATOM   926  N NZ  . LYS A 1 116 ? -0.929  -20.802 11.395  1.00 30.81 ? 116 LYS X NZ  1 
ATOM   927  N N   . PHE A 1 117 ? 0.476   -16.795 4.964   1.00 24.58 ? 117 PHE X N   1 
ATOM   928  C CA  . PHE A 1 117 ? 1.310   -17.066 3.798   1.00 24.92 ? 117 PHE X CA  1 
ATOM   929  C C   . PHE A 1 117 ? 2.760   -17.054 4.250   1.00 25.07 ? 117 PHE X C   1 
ATOM   930  O O   . PHE A 1 117 ? 3.075   -16.419 5.239   1.00 24.54 ? 117 PHE X O   1 
ATOM   931  C CB  . PHE A 1 117 ? 1.074   -15.999 2.729   1.00 24.26 ? 117 PHE X CB  1 
ATOM   932  C CG  . PHE A 1 117 ? -0.294  -16.061 2.114   1.00 24.34 ? 117 PHE X CG  1 
ATOM   933  C CD1 . PHE A 1 117 ? -0.484  -16.615 0.866   1.00 24.30 ? 117 PHE X CD1 1 
ATOM   934  C CD2 . PHE A 1 117 ? -1.393  -15.573 2.792   1.00 24.21 ? 117 PHE X CD2 1 
ATOM   935  C CE1 . PHE A 1 117 ? -1.749  -16.693 0.319   1.00 24.49 ? 117 PHE X CE1 1 
ATOM   936  C CE2 . PHE A 1 117 ? -2.651  -15.632 2.244   1.00 23.89 ? 117 PHE X CE2 1 
ATOM   937  C CZ  . PHE A 1 117 ? -2.832  -16.187 1.019   1.00 24.20 ? 117 PHE X CZ  1 
ATOM   938  N N   . ARG A 1 118 ? 3.650   -17.725 3.530   1.00 25.98 ? 118 ARG X N   1 
ATOM   939  C CA  . ARG A 1 118 ? 5.085   -17.478 3.729   1.00 26.75 ? 118 ARG X CA  1 
ATOM   940  C C   . ARG A 1 118 ? 5.474   -16.095 3.205   1.00 25.65 ? 118 ARG X C   1 
ATOM   941  O O   . ARG A 1 118 ? 5.126   -15.719 2.080   1.00 26.11 ? 118 ARG X O   1 
ATOM   942  C CB  . ARG A 1 118 ? 5.928   -18.565 3.047   1.00 28.40 ? 118 ARG X CB  1 
ATOM   943  C CG  . ARG A 1 118 ? 7.348   -18.127 2.752   1.00 29.93 ? 118 ARG X CG  1 
ATOM   944  C CD  . ARG A 1 118 ? 8.258   -19.295 2.399   1.00 31.68 ? 118 ARG X CD  1 
ATOM   945  N NE  . ARG A 1 118 ? 8.026   -20.415 3.294   1.00 33.97 ? 118 ARG X NE  1 
ATOM   946  C CZ  . ARG A 1 118 ? 7.464   -21.560 2.931   1.00 34.80 ? 118 ARG X CZ  1 
ATOM   947  N NH1 . ARG A 1 118 ? 7.082   -21.745 1.675   1.00 35.69 ? 118 ARG X NH1 1 
ATOM   948  N NH2 . ARG A 1 118 ? 7.275   -22.516 3.833   1.00 35.19 ? 118 ARG X NH2 1 
ATOM   949  N N   . GLY A 1 119 ? 6.182   -15.325 4.014   1.00 24.58 ? 119 GLY X N   1 
ATOM   950  C CA  . GLY A 1 119 ? 6.597   -14.001 3.596   1.00 25.20 ? 119 GLY X CA  1 
ATOM   951  C C   . GLY A 1 119 ? 8.020   -13.658 3.978   1.00 25.22 ? 119 GLY X C   1 
ATOM   952  O O   . GLY A 1 119 ? 8.614   -14.305 4.832   1.00 25.42 ? 119 GLY X O   1 
ATOM   953  N N   . ASP A 1 120 ? 8.564   -12.618 3.359   1.00 24.93 ? 120 ASP X N   1 
ATOM   954  C CA  . ASP A 1 120 ? 9.836   -12.095 3.787   1.00 25.13 ? 120 ASP X CA  1 
ATOM   955  C C   . ASP A 1 120 ? 9.762   -10.608 4.018   1.00 24.87 ? 120 ASP X C   1 
ATOM   956  O O   . ASP A 1 120 ? 10.774  -9.977  4.327   1.00 23.91 ? 120 ASP X O   1 
ATOM   957  C CB  . ASP A 1 120 ? 10.936  -12.427 2.764   1.00 26.47 ? 120 ASP X CB  1 
ATOM   958  C CG  . ASP A 1 120 ? 10.596  -11.973 1.357   1.00 26.99 ? 120 ASP X CG  1 
ATOM   959  O OD1 . ASP A 1 120 ? 11.115  -12.587 0.395   1.00 27.72 ? 120 ASP X OD1 1 
ATOM   960  O OD2 . ASP A 1 120 ? 9.786   -11.031 1.212   1.00 27.56 ? 120 ASP X OD2 1 
ATOM   961  N N   . THR A 1 121 ? 8.568   -10.029 3.878   1.00 24.44 ? 121 THR X N   1 
ATOM   962  C CA  . THR A 1 121 ? 8.405   -8.626  4.200   1.00 25.14 ? 121 THR X CA  1 
ATOM   963  C C   . THR A 1 121 ? 7.061   -8.372  4.891   1.00 24.17 ? 121 THR X C   1 
ATOM   964  O O   . THR A 1 121 ? 6.075   -9.049  4.606   1.00 23.59 ? 121 THR X O   1 
ATOM   965  C CB  . THR A 1 121 ? 8.594   -7.724  2.939   1.00 26.15 ? 121 THR X CB  1 
ATOM   966  O OG1 . THR A 1 121 ? 7.730   -8.157  1.891   1.00 27.70 ? 121 THR X OG1 1 
ATOM   967  C CG2 . THR A 1 121 ? 10.000  -7.819  2.428   1.00 27.49 ? 121 THR X CG2 1 
ATOM   968  N N   . PHE A 1 122 ? 7.049   -7.412  5.811   1.00 23.64 ? 122 PHE X N   1 
ATOM   969  C CA  . PHE A 1 122 ? 6.027   -7.327  6.848   1.00 24.93 ? 122 PHE X CA  1 
ATOM   970  C C   . PHE A 1 122 ? 5.541   -5.907  7.080   1.00 24.92 ? 122 PHE X C   1 
ATOM   971  O O   . PHE A 1 122 ? 6.319   -4.954  7.017   1.00 25.43 ? 122 PHE X O   1 
ATOM   972  C CB  . PHE A 1 122 ? 6.563   -7.895  8.171   1.00 25.25 ? 122 PHE X CB  1 
ATOM   973  C CG  . PHE A 1 122 ? 6.585   -9.387  8.212   1.00 25.24 ? 122 PHE X CG  1 
ATOM   974  C CD1 . PHE A 1 122 ? 5.575   -10.090 8.834   1.00 25.61 ? 122 PHE X CD1 1 
ATOM   975  C CD2 . PHE A 1 122 ? 7.606   -10.095 7.601   1.00 25.97 ? 122 PHE X CD2 1 
ATOM   976  C CE1 . PHE A 1 122 ? 5.591   -11.457 8.877   1.00 25.44 ? 122 PHE X CE1 1 
ATOM   977  C CE2 . PHE A 1 122 ? 7.618   -11.479 7.631   1.00 25.40 ? 122 PHE X CE2 1 
ATOM   978  C CZ  . PHE A 1 122 ? 6.613   -12.157 8.266   1.00 25.48 ? 122 PHE X CZ  1 
ATOM   979  N N   . PHE A 1 123 ? 4.248   -5.774  7.368   1.00 25.24 ? 123 PHE X N   1 
ATOM   980  C CA  . PHE A 1 123 ? 3.692   -4.527  7.877   1.00 25.63 ? 123 PHE X CA  1 
ATOM   981  C C   . PHE A 1 123 ? 3.992   -4.443  9.349   1.00 25.70 ? 123 PHE X C   1 
ATOM   982  O O   . PHE A 1 123 ? 3.915   -5.441  10.034  1.00 26.34 ? 123 PHE X O   1 
ATOM   983  C CB  . PHE A 1 123 ? 2.174   -4.476  7.664   1.00 25.50 ? 123 PHE X CB  1 
ATOM   984  C CG  . PHE A 1 123 ? 1.581   -3.098  7.808   1.00 25.43 ? 123 PHE X CG  1 
ATOM   985  C CD1 . PHE A 1 123 ? 1.737   -2.156  6.806   1.00 25.95 ? 123 PHE X CD1 1 
ATOM   986  C CD2 . PHE A 1 123 ? 0.857   -2.749  8.944   1.00 25.42 ? 123 PHE X CD2 1 
ATOM   987  C CE1 . PHE A 1 123 ? 1.195   -0.888  6.934   1.00 26.06 ? 123 PHE X CE1 1 
ATOM   988  C CE2 . PHE A 1 123 ? 0.318   -1.502  9.080   1.00 25.56 ? 123 PHE X CE2 1 
ATOM   989  C CZ  . PHE A 1 123 ? 0.480   -0.562  8.076   1.00 26.06 ? 123 PHE X CZ  1 
ATOM   990  N N   . PRO A 1 124 ? 4.330   -3.250  9.849   1.00 26.96 ? 124 PRO X N   1 
ATOM   991  C CA  . PRO A 1 124 ? 4.658   -3.145  11.259  1.00 27.82 ? 124 PRO X CA  1 
ATOM   992  C C   . PRO A 1 124 ? 3.453   -3.417  12.138  1.00 29.09 ? 124 PRO X C   1 
ATOM   993  O O   . PRO A 1 124 ? 2.320   -3.152  11.727  1.00 29.38 ? 124 PRO X O   1 
ATOM   994  C CB  . PRO A 1 124 ? 5.136   -1.696  11.404  1.00 28.38 ? 124 PRO X CB  1 
ATOM   995  C CG  . PRO A 1 124 ? 4.581   -0.978  10.241  1.00 27.91 ? 124 PRO X CG  1 
ATOM   996  C CD  . PRO A 1 124 ? 4.444   -1.961  9.150   1.00 27.41 ? 124 PRO X CD  1 
ATOM   997  N N   . PRO A 1 125 ? 3.687   -3.972  13.339  1.00 29.99 ? 125 PRO X N   1 
ATOM   998  C CA  . PRO A 1 125 ? 2.610   -4.149  14.296  1.00 30.27 ? 125 PRO X CA  1 
ATOM   999  C C   . PRO A 1 125 ? 1.971   -2.819  14.661  1.00 30.95 ? 125 PRO X C   1 
ATOM   1000 O O   . PRO A 1 125 ? 2.640   -1.781  14.647  1.00 30.78 ? 125 PRO X O   1 
ATOM   1001 C CB  . PRO A 1 125 ? 3.303   -4.783  15.509  1.00 30.87 ? 125 PRO X CB  1 
ATOM   1002 C CG  . PRO A 1 125 ? 4.552   -5.422  14.943  1.00 30.91 ? 125 PRO X CG  1 
ATOM   1003 C CD  . PRO A 1 125 ? 4.976   -4.469  13.860  1.00 30.51 ? 125 PRO X CD  1 
ATOM   1004 N N   . TYR A 1 126 ? 0.671   -2.863  14.936  1.00 31.36 ? 126 TYR X N   1 
ATOM   1005 C CA  . TYR A 1 126 ? -0.097  -1.682  15.306  1.00 32.23 ? 126 TYR X CA  1 
ATOM   1006 C C   . TYR A 1 126 ? -1.274  -2.152  16.138  1.00 34.05 ? 126 TYR X C   1 
ATOM   1007 O O   . TYR A 1 126 ? -1.726  -3.296  15.998  1.00 34.49 ? 126 TYR X O   1 
ATOM   1008 C CB  . TYR A 1 126 ? -0.605  -0.936  14.066  1.00 29.70 ? 126 TYR X CB  1 
ATOM   1009 C CG  . TYR A 1 126 ? -1.526  -1.766  13.178  1.00 29.13 ? 126 TYR X CG  1 
ATOM   1010 C CD1 . TYR A 1 126 ? -2.909  -1.714  13.326  1.00 29.08 ? 126 TYR X CD1 1 
ATOM   1011 C CD2 . TYR A 1 126 ? -1.010  -2.593  12.187  1.00 29.02 ? 126 TYR X CD2 1 
ATOM   1012 C CE1 . TYR A 1 126 ? -3.750  -2.470  12.527  1.00 28.50 ? 126 TYR X CE1 1 
ATOM   1013 C CE2 . TYR A 1 126 ? -1.840  -3.351  11.378  1.00 28.85 ? 126 TYR X CE2 1 
ATOM   1014 C CZ  . TYR A 1 126 ? -3.214  -3.286  11.555  1.00 28.86 ? 126 TYR X CZ  1 
ATOM   1015 O OH  . TYR A 1 126 ? -4.039  -4.025  10.751  1.00 28.21 ? 126 TYR X OH  1 
ATOM   1016 N N   . THR A 1 127 ? -1.769  -1.271  17.002  1.00 35.70 ? 127 THR X N   1 
ATOM   1017 C CA  . THR A 1 127 ? -2.769  -1.652  17.985  1.00 37.10 ? 127 THR X CA  1 
ATOM   1018 C C   . THR A 1 127 ? -4.058  -0.877  17.726  1.00 37.94 ? 127 THR X C   1 
ATOM   1019 O O   . THR A 1 127 ? -4.028  0.295   17.338  1.00 37.79 ? 127 THR X O   1 
ATOM   1020 C CB  . THR A 1 127 ? -2.252  -1.429  19.438  1.00 37.96 ? 127 THR X CB  1 
ATOM   1021 O OG1 . THR A 1 127 ? -3.334  -1.580  20.363  1.00 39.32 ? 127 THR X OG1 1 
ATOM   1022 C CG2 . THR A 1 127 ? -1.650  -0.055  19.604  1.00 38.32 ? 127 THR X CG2 1 
ATOM   1023 N N   . PHE A 1 128 ? -5.198  -1.535  17.902  1.00 39.20 ? 128 PHE X N   1 
ATOM   1024 C CA  . PHE A 1 128 ? -6.475  -0.856  17.723  1.00 40.04 ? 128 PHE X CA  1 
ATOM   1025 C C   . PHE A 1 128 ? -6.756  0.121   18.849  1.00 40.70 ? 128 PHE X C   1 
ATOM   1026 O O   . PHE A 1 128 ? -7.666  0.931   18.760  1.00 41.07 ? 128 PHE X O   1 
ATOM   1027 C CB  . PHE A 1 128 ? -7.610  -1.863  17.572  1.00 40.49 ? 128 PHE X CB  1 
ATOM   1028 C CG  . PHE A 1 128 ? -7.660  -2.498  16.212  1.00 40.61 ? 128 PHE X CG  1 
ATOM   1029 C CD1 . PHE A 1 128 ? -8.040  -1.761  15.107  1.00 40.50 ? 128 PHE X CD1 1 
ATOM   1030 C CD2 . PHE A 1 128 ? -7.283  -3.821  16.031  1.00 40.80 ? 128 PHE X CD2 1 
ATOM   1031 C CE1 . PHE A 1 128 ? -8.071  -2.338  13.850  1.00 40.36 ? 128 PHE X CE1 1 
ATOM   1032 C CE2 . PHE A 1 128 ? -7.312  -4.395  14.771  1.00 40.70 ? 128 PHE X CE2 1 
ATOM   1033 C CZ  . PHE A 1 128 ? -7.709  -3.648  13.687  1.00 40.26 ? 128 PHE X CZ  1 
ATOM   1034 N N   . GLU A 1 129 ? -5.952  0.075   19.901  1.00 41.75 ? 129 GLU X N   1 
ATOM   1035 C CA  . GLU A 1 129 ? -5.947  1.169   20.867  1.00 41.95 ? 129 GLU X CA  1 
ATOM   1036 C C   . GLU A 1 129 ? -5.562  2.514   20.249  1.00 41.39 ? 129 GLU X C   1 
ATOM   1037 O O   . GLU A 1 129 ? -5.830  3.563   20.830  1.00 41.36 ? 129 GLU X O   1 
ATOM   1038 C CB  . GLU A 1 129 ? -5.012  0.862   22.036  1.00 43.10 ? 129 GLU X CB  1 
ATOM   1039 C CG  . GLU A 1 129 ? -4.611  2.118   22.811  1.00 44.10 ? 129 GLU X CG  1 
ATOM   1040 C CD  . GLU A 1 129 ? -3.630  1.848   23.946  1.00 45.20 ? 129 GLU X CD  1 
ATOM   1041 O OE1 . GLU A 1 129 ? -2.586  1.179   23.708  1.00 46.69 ? 129 GLU X OE1 1 
ATOM   1042 O OE2 . GLU A 1 129 ? -3.905  2.328   25.076  1.00 47.32 ? 129 GLU X OE2 1 
ATOM   1043 N N   . ASP A 1 130 ? -4.928  2.502   19.083  1.00 40.44 ? 130 ASP X N   1 
ATOM   1044 C CA  . ASP A 1 130 ? -4.454  3.747   18.485  1.00 39.91 ? 130 ASP X CA  1 
ATOM   1045 C C   . ASP A 1 130 ? -5.250  4.113   17.248  1.00 38.87 ? 130 ASP X C   1 
ATOM   1046 O O   . ASP A 1 130 ? -5.130  5.214   16.720  1.00 38.31 ? 130 ASP X O   1 
ATOM   1047 C CB  . ASP A 1 130 ? -2.990  3.629   18.088  1.00 40.97 ? 130 ASP X CB  1 
ATOM   1048 C CG  . ASP A 1 130 ? -2.071  3.575   19.277  1.00 42.08 ? 130 ASP X CG  1 
ATOM   1049 O OD1 . ASP A 1 130 ? -0.853  3.395   19.064  1.00 43.12 ? 130 ASP X OD1 1 
ATOM   1050 O OD2 . ASP A 1 130 ? -2.565  3.704   20.417  1.00 43.04 ? 130 ASP X OD2 1 
ATOM   1051 N N   . TRP A 1 131 ? -6.034  3.165   16.765  1.00 37.65 ? 131 TRP X N   1 
ATOM   1052 C CA  . TRP A 1 131 ? -6.677  3.307   15.470  1.00 37.02 ? 131 TRP X CA  1 
ATOM   1053 C C   . TRP A 1 131 ? -8.126  2.946   15.616  1.00 36.27 ? 131 TRP X C   1 
ATOM   1054 O O   . TRP A 1 131 ? -8.483  1.970   16.277  1.00 35.70 ? 131 TRP X O   1 
ATOM   1055 C CB  . TRP A 1 131 ? -6.030  2.393   14.435  1.00 36.19 ? 131 TRP X CB  1 
ATOM   1056 C CG  . TRP A 1 131 ? -4.612  2.755   14.142  1.00 35.92 ? 131 TRP X CG  1 
ATOM   1057 C CD1 . TRP A 1 131 ? -3.501  2.198   14.686  1.00 35.84 ? 131 TRP X CD1 1 
ATOM   1058 C CD2 . TRP A 1 131 ? -4.155  3.772   13.245  1.00 36.18 ? 131 TRP X CD2 1 
ATOM   1059 N NE1 . TRP A 1 131 ? -2.376  2.790   14.173  1.00 35.82 ? 131 TRP X NE1 1 
ATOM   1060 C CE2 . TRP A 1 131 ? -2.749  3.766   13.290  1.00 35.70 ? 131 TRP X CE2 1 
ATOM   1061 C CE3 . TRP A 1 131 ? -4.798  4.681   12.401  1.00 35.94 ? 131 TRP X CE3 1 
ATOM   1062 C CZ2 . TRP A 1 131 ? -1.979  4.627   12.531  1.00 35.58 ? 131 TRP X CZ2 1 
ATOM   1063 C CZ3 . TRP A 1 131 ? -4.026  5.538   11.646  1.00 35.88 ? 131 TRP X CZ3 1 
ATOM   1064 C CH2 . TRP A 1 131 ? -2.636  5.506   11.716  1.00 35.88 ? 131 TRP X CH2 1 
ATOM   1065 N N   . GLU A 1 132 ? -8.962  3.745   14.983  1.00 35.67 ? 132 GLU X N   1 
ATOM   1066 C CA  . GLU A 1 132 ? -10.375 3.607   15.120  1.00 34.97 ? 132 GLU X CA  1 
ATOM   1067 C C   . GLU A 1 132 ? -10.951 3.141   13.797  1.00 33.99 ? 132 GLU X C   1 
ATOM   1068 O O   . GLU A 1 132 ? -10.551 3.617   12.739  1.00 33.42 ? 132 GLU X O   1 
ATOM   1069 C CB  . GLU A 1 132 ? -10.946 4.950   15.530  1.00 36.66 ? 132 GLU X CB  1 
ATOM   1070 C CG  . GLU A 1 132 ? -12.181 5.319   14.836  1.00 38.06 ? 132 GLU X CG  1 
ATOM   1071 C CD  . GLU A 1 132 ? -13.158 5.939   15.779  1.00 39.59 ? 132 GLU X CD  1 
ATOM   1072 O OE1 . GLU A 1 132 ? -13.717 5.191   16.613  1.00 41.60 ? 132 GLU X OE1 1 
ATOM   1073 O OE2 . GLU A 1 132 ? -13.358 7.168   15.696  1.00 40.60 ? 132 GLU X OE2 1 
ATOM   1074 N N   . VAL A 1 133 ? -11.879 2.193   13.860  1.00 32.56 ? 133 VAL X N   1 
ATOM   1075 C CA  . VAL A 1 133 ? -12.363 1.512   12.663  1.00 31.51 ? 133 VAL X CA  1 
ATOM   1076 C C   . VAL A 1 133 ? -13.474 2.349   12.012  1.00 30.76 ? 133 VAL X C   1 
ATOM   1077 O O   . VAL A 1 133 ? -14.629 2.280   12.404  1.00 30.82 ? 133 VAL X O   1 
ATOM   1078 C CB  . VAL A 1 133 ? -12.862 0.090   13.010  1.00 31.07 ? 133 VAL X CB  1 
ATOM   1079 C CG1 . VAL A 1 133 ? -13.474 -0.587  11.799  1.00 30.62 ? 133 VAL X CG1 1 
ATOM   1080 C CG2 . VAL A 1 133 ? -11.711 -0.763  13.587  1.00 30.86 ? 133 VAL X CG2 1 
ATOM   1081 N N   . ALA A 1 134 ? -13.112 3.156   11.031  1.00 29.51 ? 134 ALA X N   1 
ATOM   1082 C CA  . ALA A 1 134 ? -14.079 4.010   10.359  1.00 29.17 ? 134 ALA X CA  1 
ATOM   1083 C C   . ALA A 1 134 ? -15.022 3.139   9.518   1.00 28.98 ? 134 ALA X C   1 
ATOM   1084 O O   . ALA A 1 134 ? -16.211 3.463   9.340   1.00 28.20 ? 134 ALA X O   1 
ATOM   1085 C CB  . ALA A 1 134 ? -13.359 5.045   9.498   1.00 28.62 ? 134 ALA X CB  1 
ATOM   1086 N N   . SER A 1 135 ? -14.494 2.013   9.030   1.00 28.09 ? 135 SER X N   1 
ATOM   1087 C CA  . SER A 1 135 ? -15.304 0.997   8.366   1.00 27.40 ? 135 SER X CA  1 
ATOM   1088 C C   . SER A 1 135 ? -14.612 -0.364  8.312   1.00 27.63 ? 135 SER X C   1 
ATOM   1089 O O   . SER A 1 135 ? -13.380 -0.468  8.385   1.00 25.71 ? 135 SER X O   1 
ATOM   1090 C CB  . SER A 1 135 ? -15.644 1.438   6.957   1.00 27.61 ? 135 SER X CB  1 
ATOM   1091 O OG  . SER A 1 135 ? -14.480 1.861   6.284   1.00 28.43 ? 135 SER X OG  1 
ATOM   1092 N N   . SER A 1 136 ? -15.428 -1.402  8.182   1.00 27.49 ? 136 SER X N   1 
ATOM   1093 C CA  . SER A 1 136 ? -14.960 -2.762  7.969   1.00 27.89 ? 136 SER X CA  1 
ATOM   1094 C C   . SER A 1 136 ? -15.985 -3.488  7.107   1.00 28.72 ? 136 SER X C   1 
ATOM   1095 O O   . SER A 1 136 ? -17.156 -3.588  7.475   1.00 29.19 ? 136 SER X O   1 
ATOM   1096 C CB  . SER A 1 136 ? -14.773 -3.469  9.317   1.00 27.59 ? 136 SER X CB  1 
ATOM   1097 O OG  . SER A 1 136 ? -14.367 -4.816  9.166   1.00 26.53 ? 136 SER X OG  1 
ATOM   1098 N N   . VAL A 1 137 ? -15.533 -3.956  5.947   1.00 29.46 ? 137 VAL X N   1 
ATOM   1099 C CA  . VAL A 1 137 ? -16.379 -4.510  4.896   1.00 30.08 ? 137 VAL X CA  1 
ATOM   1100 C C   . VAL A 1 137 ? -15.746 -5.821  4.395   1.00 31.12 ? 137 VAL X C   1 
ATOM   1101 O O   . VAL A 1 137 ? -14.657 -5.812  3.813   1.00 30.18 ? 137 VAL X O   1 
ATOM   1102 C CB  . VAL A 1 137 ? -16.497 -3.542  3.688   1.00 29.65 ? 137 VAL X CB  1 
ATOM   1103 C CG1 . VAL A 1 137 ? -17.350 -4.152  2.583   1.00 29.75 ? 137 VAL X CG1 1 
ATOM   1104 C CG2 . VAL A 1 137 ? -17.067 -2.191  4.106   1.00 29.63 ? 137 VAL X CG2 1 
ATOM   1105 N N   . GLU A 1 138 ? -16.411 -6.944  4.633   1.00 32.58 ? 138 GLU X N   1 
ATOM   1106 C CA  . GLU A 1 138 ? -15.951 -8.222  4.107   1.00 34.43 ? 138 GLU X CA  1 
ATOM   1107 C C   . GLU A 1 138 ? -15.950 -8.226  2.579   1.00 34.82 ? 138 GLU X C   1 
ATOM   1108 O O   . GLU A 1 138 ? -16.937 -7.852  1.940   1.00 33.43 ? 138 GLU X O   1 
ATOM   1109 C CB  . GLU A 1 138 ? -16.823 -9.347  4.631   1.00 35.57 ? 138 GLU X CB  1 
ATOM   1110 C CG  . GLU A 1 138 ? -16.702 -9.578  6.127   1.00 36.70 ? 138 GLU X CG  1 
ATOM   1111 C CD  . GLU A 1 138 ? -17.728 -10.570 6.615   1.00 37.72 ? 138 GLU X CD  1 
ATOM   1112 O OE1 . GLU A 1 138 ? -18.045 -10.570 7.828   1.00 40.04 ? 138 GLU X OE1 1 
ATOM   1113 O OE2 . GLU A 1 138 ? -18.229 -11.341 5.765   1.00 39.75 ? 138 GLU X OE2 1 
ATOM   1114 N N   . GLY A 1 139 ? -14.824 -8.628  1.997   1.00 35.59 ? 139 GLY X N   1 
ATOM   1115 C CA  . GLY A 1 139 ? -14.734 -8.804  0.559   1.00 36.08 ? 139 GLY X CA  1 
ATOM   1116 C C   . GLY A 1 139 ? -15.527 -10.015 0.149   1.00 36.88 ? 139 GLY X C   1 
ATOM   1117 O O   . GLY A 1 139 ? -15.696 -10.949 0.924   1.00 35.35 ? 139 GLY X O   1 
ATOM   1118 N N   . LYS A 1 140 ? -16.013 -9.995  -1.082  1.00 39.23 ? 140 LYS X N   1 
ATOM   1119 C CA  . LYS A 1 140 ? -16.853 -11.062 -1.593  1.00 41.44 ? 140 LYS X CA  1 
ATOM   1120 C C   . LYS A 1 140 ? -15.967 -12.161 -2.155  1.00 42.14 ? 140 LYS X C   1 
ATOM   1121 O O   . LYS A 1 140 ? -15.014 -11.896 -2.881  1.00 42.37 ? 140 LYS X O   1 
ATOM   1122 C CB  . LYS A 1 140 ? -17.797 -10.533 -2.683  1.00 42.90 ? 140 LYS X CB  1 
ATOM   1123 C CG  . LYS A 1 140 ? -18.593 -9.276  -2.299  1.00 43.50 ? 140 LYS X CG  1 
ATOM   1124 C CD  . LYS A 1 140 ? -19.771 -9.598  -1.398  1.00 43.95 ? 140 LYS X CD  1 
ATOM   1125 C CE  . LYS A 1 140 ? -20.918 -8.597  -1.612  1.00 44.28 ? 140 LYS X CE  1 
ATOM   1126 N NZ  . LYS A 1 140 ? -22.065 -8.794  -0.678  1.00 44.14 ? 140 LYS X NZ  1 
ATOM   1127 N N   . LEU A 1 141 ? -16.279 -13.395 -1.788  1.00 43.76 ? 141 LEU X N   1 
ATOM   1128 C CA  . LEU A 1 141 ? -15.672 -14.565 -2.406  1.00 45.08 ? 141 LEU X CA  1 
ATOM   1129 C C   . LEU A 1 141 ? -16.409 -15.012 -3.673  1.00 46.58 ? 141 LEU X C   1 
ATOM   1130 O O   . LEU A 1 141 ? -17.616 -14.803 -3.824  1.00 46.84 ? 141 LEU X O   1 
ATOM   1131 C CB  . LEU A 1 141 ? -15.648 -15.718 -1.415  1.00 45.00 ? 141 LEU X CB  1 
ATOM   1132 C CG  . LEU A 1 141 ? -14.655 -15.599 -0.265  1.00 44.93 ? 141 LEU X CG  1 
ATOM   1133 C CD1 . LEU A 1 141 ? -14.173 -16.988 0.118   1.00 44.94 ? 141 LEU X CD1 1 
ATOM   1134 C CD2 . LEU A 1 141 ? -13.503 -14.690 -0.646  1.00 44.54 ? 141 LEU X CD2 1 
ATOM   1135 N N   . ASP A 1 142 ? -15.658 -15.644 -4.567  1.00 48.00 ? 142 ASP X N   1 
ATOM   1136 C CA  . ASP A 1 142 ? -16.164 -16.110 -5.851  1.00 48.57 ? 142 ASP X CA  1 
ATOM   1137 C C   . ASP A 1 142 ? -15.073 -16.974 -6.476  1.00 49.88 ? 142 ASP X C   1 
ATOM   1138 O O   . ASP A 1 142 ? -14.142 -17.401 -5.787  1.00 50.59 ? 142 ASP X O   1 
ATOM   1139 C CB  . ASP A 1 142 ? -16.494 -14.929 -6.760  1.00 48.89 ? 142 ASP X CB  1 
ATOM   1140 C CG  . ASP A 1 142 ? -15.265 -14.149 -7.156  1.00 48.92 ? 142 ASP X CG  1 
ATOM   1141 O OD1 . ASP A 1 142 ? -15.384 -12.945 -7.441  1.00 48.66 ? 142 ASP X OD1 1 
ATOM   1142 O OD2 . ASP A 1 142 ? -14.172 -14.749 -7.177  1.00 49.85 ? 142 ASP X OD2 1 
ATOM   1143 N N   . GLU A 1 143 ? -15.164 -17.237 -7.775  1.00 50.78 ? 143 GLU X N   1 
ATOM   1144 C CA  . GLU A 1 143 ? -14.247 -18.199 -8.369  1.00 50.01 ? 143 GLU X CA  1 
ATOM   1145 C C   . GLU A 1 143 ? -12.851 -17.600 -8.524  1.00 49.74 ? 143 GLU X C   1 
ATOM   1146 O O   . GLU A 1 143 ? -11.857 -18.322 -8.450  1.00 50.82 ? 143 GLU X O   1 
ATOM   1147 C CB  . GLU A 1 143 ? -14.776 -18.719 -9.707  1.00 51.60 ? 143 GLU X CB  1 
ATOM   1148 C CG  . GLU A 1 143 ? -14.089 -20.013 -10.174 1.00 52.58 ? 143 GLU X CG  1 
ATOM   1149 C CD  . GLU A 1 143 ? -13.805 -20.994 -9.029  1.00 53.95 ? 143 GLU X CD  1 
ATOM   1150 O OE1 . GLU A 1 143 ? -12.691 -20.938 -8.443  1.00 54.36 ? 143 GLU X OE1 1 
ATOM   1151 O OE2 . GLU A 1 143 ? -14.700 -21.822 -8.718  1.00 54.99 ? 143 GLU X OE2 1 
ATOM   1152 N N   . LYS A 1 144 ? -12.769 -16.287 -8.722  1.00 48.11 ? 144 LYS X N   1 
ATOM   1153 C CA  . LYS A 1 144 ? -11.484 -15.637 -8.984  1.00 47.17 ? 144 LYS X CA  1 
ATOM   1154 C C   . LYS A 1 144 ? -10.893 -14.987 -7.726  1.00 46.03 ? 144 LYS X C   1 
ATOM   1155 O O   . LYS A 1 144 ? -9.768  -14.489 -7.750  1.00 45.70 ? 144 LYS X O   1 
ATOM   1156 C CB  . LYS A 1 144 ? -11.638 -14.576 -10.080 1.00 48.21 ? 144 LYS X CB  1 
ATOM   1157 C CG  . LYS A 1 144 ? -12.592 -14.955 -11.216 1.00 48.85 ? 144 LYS X CG  1 
ATOM   1158 C CD  . LYS A 1 144 ? -12.093 -16.174 -11.998 1.00 49.27 ? 144 LYS X CD  1 
ATOM   1159 C CE  . LYS A 1 144 ? -13.103 -16.636 -13.050 1.00 49.34 ? 144 LYS X CE  1 
ATOM   1160 N NZ  . LYS A 1 144 ? -13.149 -18.132 -13.169 1.00 49.59 ? 144 LYS X NZ  1 
ATOM   1161 N N   . ASN A 1 145 ? -11.667 -14.974 -6.642  1.00 44.34 ? 145 ASN X N   1 
ATOM   1162 C CA  . ASN A 1 145 ? -11.257 -14.347 -5.385  1.00 43.11 ? 145 ASN X CA  1 
ATOM   1163 C C   . ASN A 1 145 ? -11.589 -15.253 -4.215  1.00 40.68 ? 145 ASN X C   1 
ATOM   1164 O O   . ASN A 1 145 ? -12.710 -15.219 -3.702  1.00 40.69 ? 145 ASN X O   1 
ATOM   1165 C CB  . ASN A 1 145 ? -11.977 -13.015 -5.192  1.00 42.68 ? 145 ASN X CB  1 
ATOM   1166 C CG  . ASN A 1 145 ? -11.525 -11.964 -6.171  1.00 42.83 ? 145 ASN X CG  1 
ATOM   1167 O OD1 . ASN A 1 145 ? -10.604 -11.186 -5.896  1.00 42.64 ? 145 ASN X OD1 1 
ATOM   1168 N ND2 . ASN A 1 145 ? -12.165 -11.930 -7.324  1.00 42.89 ? 145 ASN X ND2 1 
ATOM   1169 N N   . THR A 1 146 ? -10.629 -16.076 -3.809  1.00 38.28 ? 146 THR X N   1 
ATOM   1170 C CA  . THR A 1 146 ? -10.959 -17.292 -3.094  1.00 36.76 ? 146 THR X CA  1 
ATOM   1171 C C   . THR A 1 146 ? -10.351 -17.293 -1.706  1.00 35.30 ? 146 THR X C   1 
ATOM   1172 O O   . THR A 1 146 ? -10.580 -18.215 -0.930  1.00 35.70 ? 146 THR X O   1 
ATOM   1173 C CB  . THR A 1 146 ? -10.512 -18.577 -3.858  1.00 37.74 ? 146 THR X CB  1 
ATOM   1174 O OG1 . THR A 1 146 ? -9.113  -18.514 -4.140  1.00 38.89 ? 146 THR X OG1 1 
ATOM   1175 C CG2 . THR A 1 146 ? -11.285 -18.745 -5.159  1.00 38.56 ? 146 THR X CG2 1 
ATOM   1176 N N   . ILE A 1 147 ? -9.591  -16.258 -1.371  1.00 34.20 ? 147 ILE X N   1 
ATOM   1177 C CA  . ILE A 1 147 ? -9.189  -16.075 0.022   1.00 33.25 ? 147 ILE X CA  1 
ATOM   1178 C C   . ILE A 1 147 ? -10.053 -14.997 0.690   1.00 31.13 ? 147 ILE X C   1 
ATOM   1179 O O   . ILE A 1 147 ? -10.247 -13.917 0.147   1.00 29.78 ? 147 ILE X O   1 
ATOM   1180 C CB  . ILE A 1 147 ? -7.680  -15.775 0.148   1.00 33.90 ? 147 ILE X CB  1 
ATOM   1181 C CG1 . ILE A 1 147 ? -7.267  -15.672 1.617   1.00 34.89 ? 147 ILE X CG1 1 
ATOM   1182 C CG2 . ILE A 1 147 ? -7.310  -14.497 -0.569  1.00 34.86 ? 147 ILE X CG2 1 
ATOM   1183 C CD1 . ILE A 1 147 ? -7.021  -17.041 2.304   1.00 35.60 ? 147 ILE X CD1 1 
ATOM   1184 N N   . PRO A 1 148 ? -10.570 -15.291 1.884   1.00 29.93 ? 148 PRO X N   1 
ATOM   1185 C CA  . PRO A 1 148 ? -11.356 -14.284 2.574   1.00 29.57 ? 148 PRO X CA  1 
ATOM   1186 C C   . PRO A 1 148 ? -10.526 -13.064 2.937   1.00 28.60 ? 148 PRO X C   1 
ATOM   1187 O O   . PRO A 1 148 ? -9.344  -13.175 3.272   1.00 26.92 ? 148 PRO X O   1 
ATOM   1188 C CB  . PRO A 1 148 ? -11.850 -15.003 3.841   1.00 29.89 ? 148 PRO X CB  1 
ATOM   1189 C CG  . PRO A 1 148 ? -11.540 -16.447 3.642   1.00 30.02 ? 148 PRO X CG  1 
ATOM   1190 C CD  . PRO A 1 148 ? -10.435 -16.532 2.659   1.00 30.27 ? 148 PRO X CD  1 
ATOM   1191 N N   . HIS A 1 149 ? -11.147 -11.897 2.864   1.00 27.97 ? 149 HIS X N   1 
ATOM   1192 C CA  . HIS A 1 149 ? -10.416 -10.659 3.026   1.00 27.82 ? 149 HIS X CA  1 
ATOM   1193 C C   . HIS A 1 149 ? -11.356 -9.575  3.496   1.00 27.42 ? 149 HIS X C   1 
ATOM   1194 O O   . HIS A 1 149 ? -12.548 -9.583  3.156   1.00 27.99 ? 149 HIS X O   1 
ATOM   1195 C CB  . HIS A 1 149 ? -9.729  -10.257 1.714   1.00 27.91 ? 149 HIS X CB  1 
ATOM   1196 C CG  . HIS A 1 149 ? -10.640 -10.235 0.527   1.00 27.88 ? 149 HIS X CG  1 
ATOM   1197 N ND1 . HIS A 1 149 ? -11.183 -11.378 -0.016  1.00 27.82 ? 149 HIS X ND1 1 
ATOM   1198 C CD2 . HIS A 1 149 ? -11.085 -9.206  -0.238  1.00 28.27 ? 149 HIS X CD2 1 
ATOM   1199 C CE1 . HIS A 1 149 ? -11.933 -11.054 -1.058  1.00 28.73 ? 149 HIS X CE1 1 
ATOM   1200 N NE2 . HIS A 1 149 ? -11.882 -9.743  -1.219  1.00 28.18 ? 149 HIS X NE2 1 
ATOM   1201 N N   . THR A 1 150 ? -10.818 -8.646  4.276   1.00 26.58 ? 150 THR X N   1 
ATOM   1202 C CA  . THR A 1 150 ? -11.609 -7.554  4.829   1.00 26.71 ? 150 THR X CA  1 
ATOM   1203 C C   . THR A 1 150 ? -10.987 -6.202  4.573   1.00 25.89 ? 150 THR X C   1 
ATOM   1204 O O   . THR A 1 150 ? -9.836  -5.985  4.921   1.00 24.92 ? 150 THR X O   1 
ATOM   1205 C CB  . THR A 1 150 ? -11.719 -7.718  6.341   1.00 27.12 ? 150 THR X CB  1 
ATOM   1206 O OG1 . THR A 1 150 ? -12.171 -9.046  6.604   1.00 27.62 ? 150 THR X OG1 1 
ATOM   1207 C CG2 . THR A 1 150 ? -12.685 -6.703  6.932   1.00 26.68 ? 150 THR X CG2 1 
ATOM   1208 N N   . PHE A 1 151 ? -11.763 -5.285  3.994   1.00 25.49 ? 151 PHE X N   1 
ATOM   1209 C CA  . PHE A 1 151 ? -11.315 -3.916  3.819   1.00 25.89 ? 151 PHE X CA  1 
ATOM   1210 C C   . PHE A 1 151 ? -11.553 -3.104  5.086   1.00 25.84 ? 151 PHE X C   1 
ATOM   1211 O O   . PHE A 1 151 ? -12.709 -2.905  5.508   1.00 25.77 ? 151 PHE X O   1 
ATOM   1212 C CB  . PHE A 1 151 ? -12.009 -3.260  2.617   1.00 26.90 ? 151 PHE X CB  1 
ATOM   1213 C CG  . PHE A 1 151 ? -11.899 -4.060  1.338   1.00 27.07 ? 151 PHE X CG  1 
ATOM   1214 C CD1 . PHE A 1 151 ? -10.693 -4.169  0.672   1.00 27.29 ? 151 PHE X CD1 1 
ATOM   1215 C CD2 . PHE A 1 151 ? -13.011 -4.692  0.796   1.00 27.76 ? 151 PHE X CD2 1 
ATOM   1216 C CE1 . PHE A 1 151 ? -10.583 -4.889  -0.505  1.00 26.71 ? 151 PHE X CE1 1 
ATOM   1217 C CE2 . PHE A 1 151 ? -12.904 -5.424  -0.393  1.00 27.62 ? 151 PHE X CE2 1 
ATOM   1218 C CZ  . PHE A 1 151 ? -11.673 -5.519  -1.033  1.00 27.22 ? 151 PHE X CZ  1 
ATOM   1219 N N   . LEU A 1 152 ? -10.458 -2.649  5.694   1.00 24.45 ? 152 LEU X N   1 
ATOM   1220 C CA  . LEU A 1 152 ? -10.520 -1.808  6.867   1.00 25.66 ? 152 LEU X CA  1 
ATOM   1221 C C   . LEU A 1 152 ? -10.153 -0.403  6.466   1.00 26.82 ? 152 LEU X C   1 
ATOM   1222 O O   . LEU A 1 152 ? -9.179  -0.193  5.761   1.00 27.09 ? 152 LEU X O   1 
ATOM   1223 C CB  . LEU A 1 152 ? -9.544  -2.288  7.945   1.00 25.52 ? 152 LEU X CB  1 
ATOM   1224 C CG  . LEU A 1 152 ? -9.824  -3.594  8.671   1.00 24.85 ? 152 LEU X CG  1 
ATOM   1225 C CD1 . LEU A 1 152 ? -8.749  -3.816  9.748   1.00 24.12 ? 152 LEU X CD1 1 
ATOM   1226 C CD2 . LEU A 1 152 ? -11.256 -3.622  9.268   1.00 25.09 ? 152 LEU X CD2 1 
ATOM   1227 N N   . HIS A 1 153 ? -10.929 0.571   6.910   1.00 27.88 ? 153 HIS X N   1 
ATOM   1228 C CA  . HIS A 1 153 ? -10.453 1.936   6.915   1.00 28.43 ? 153 HIS X CA  1 
ATOM   1229 C C   . HIS A 1 153 ? -10.280 2.364   8.362   1.00 28.29 ? 153 HIS X C   1 
ATOM   1230 O O   . HIS A 1 153 ? -11.250 2.385   9.130   1.00 27.12 ? 153 HIS X O   1 
ATOM   1231 C CB  . HIS A 1 153 ? -11.429 2.843   6.152   1.00 28.74 ? 153 HIS X CB  1 
ATOM   1232 C CG  . HIS A 1 153 ? -11.038 4.282   6.157   1.00 28.86 ? 153 HIS X CG  1 
ATOM   1233 N ND1 . HIS A 1 153 ? -11.936 5.300   5.913   1.00 29.31 ? 153 HIS X ND1 1 
ATOM   1234 C CD2 . HIS A 1 153 ? -9.843  4.879   6.377   1.00 29.32 ? 153 HIS X CD2 1 
ATOM   1235 C CE1 . HIS A 1 153 ? -11.313 6.461   5.990   1.00 29.26 ? 153 HIS X CE1 1 
ATOM   1236 N NE2 . HIS A 1 153 ? -10.041 6.234   6.268   1.00 29.55 ? 153 HIS X NE2 1 
ATOM   1237 N N   . LEU A 1 154 ? -9.036  2.663   8.739   1.00 28.63 ? 154 LEU X N   1 
ATOM   1238 C CA  . LEU A 1 154 ? -8.687  2.982   10.124  1.00 29.64 ? 154 LEU X CA  1 
ATOM   1239 C C   . LEU A 1 154 ? -8.247  4.427   10.231  1.00 30.38 ? 154 LEU X C   1 
ATOM   1240 O O   . LEU A 1 154 ? -7.573  4.936   9.345   1.00 31.03 ? 154 LEU X O   1 
ATOM   1241 C CB  . LEU A 1 154 ? -7.538  2.099   10.619  1.00 29.54 ? 154 LEU X CB  1 
ATOM   1242 C CG  . LEU A 1 154 ? -7.690  0.578   10.551  1.00 29.71 ? 154 LEU X CG  1 
ATOM   1243 C CD1 . LEU A 1 154 ? -6.402  -0.074  11.097  1.00 29.92 ? 154 LEU X CD1 1 
ATOM   1244 C CD2 . LEU A 1 154 ? -8.917  0.109   11.328  1.00 29.05 ? 154 LEU X CD2 1 
ATOM   1245 N N   . ILE A 1 155 ? -8.600  5.081   11.331  1.00 32.09 ? 155 ILE X N   1 
ATOM   1246 C CA  . ILE A 1 155 ? -8.309  6.498   11.503  1.00 32.72 ? 155 ILE X CA  1 
ATOM   1247 C C   . ILE A 1 155 ? -7.648  6.708   12.848  1.00 33.38 ? 155 ILE X C   1 
ATOM   1248 O O   . ILE A 1 155 ? -8.122  6.216   13.868  1.00 32.74 ? 155 ILE X O   1 
ATOM   1249 C CB  . ILE A 1 155 ? -9.588  7.367   11.413  1.00 32.98 ? 155 ILE X CB  1 
ATOM   1250 C CG1 . ILE A 1 155 ? -10.105 7.403   9.985   1.00 33.12 ? 155 ILE X CG1 1 
ATOM   1251 C CG2 . ILE A 1 155 ? -9.299  8.784   11.865  1.00 33.54 ? 155 ILE X CG2 1 
ATOM   1252 C CD1 . ILE A 1 155 ? -11.437 8.142   9.830   1.00 33.66 ? 155 ILE X CD1 1 
ATOM   1253 N N   . ARG A 1 156 ? -6.530  7.426   12.848  1.00 34.41 ? 156 ARG X N   1 
ATOM   1254 C CA  . ARG A 1 156 ? -5.763  7.575   14.054  1.00 35.31 ? 156 ARG X CA  1 
ATOM   1255 C C   . ARG A 1 156 ? -6.679  8.155   15.110  1.00 36.84 ? 156 ARG X C   1 
ATOM   1256 O O   . ARG A 1 156 ? -7.446  9.074   14.820  1.00 37.59 ? 156 ARG X O   1 
ATOM   1257 C CB  . ARG A 1 156 ? -4.572  8.504   13.819  1.00 35.27 ? 156 ARG X CB  1 
ATOM   1258 C CG  . ARG A 1 156 ? -3.645  8.604   15.012  1.00 35.31 ? 156 ARG X CG  1 
ATOM   1259 C CD  . ARG A 1 156 ? -2.430  9.489   14.715  1.00 35.48 ? 156 ARG X CD  1 
ATOM   1260 N NE  . ARG A 1 156 ? -1.754  9.088   13.484  1.00 35.13 ? 156 ARG X NE  1 
ATOM   1261 C CZ  . ARG A 1 156 ? -0.830  8.139   13.425  1.00 35.25 ? 156 ARG X CZ  1 
ATOM   1262 N NH1 . ARG A 1 156 ? -0.471  7.502   14.527  1.00 35.33 ? 156 ARG X NH1 1 
ATOM   1263 N NH2 . ARG A 1 156 ? -0.268  7.831   12.266  1.00 35.66 ? 156 ARG X NH2 1 
ATOM   1264 N N   . LYS A 1 157 ? -6.602  7.623   16.328  1.00 37.54 ? 157 LYS X N   1 
ATOM   1265 C CA  . LYS A 1 157 ? -7.365  8.155   17.454  1.00 37.90 ? 157 LYS X CA  1 
ATOM   1266 C C   . LYS A 1 157 ? -6.676  9.395   18.023  1.00 39.49 ? 157 LYS X C   1 
ATOM   1267 O O   . LYS A 1 157 ? -5.440  9.468   18.048  1.00 40.58 ? 157 LYS X O   1 
ATOM   1268 C CB  . LYS A 1 157 ? -7.497  7.092   18.544  1.00 38.21 ? 157 LYS X CB  1 
ATOM   1269 C CG  . LYS A 1 157 ? -8.530  6.021   18.248  1.00 38.20 ? 157 LYS X CG  1 
ATOM   1270 C CD  . LYS A 1 157 ? -8.804  5.155   19.465  1.00 37.97 ? 157 LYS X CD  1 
ATOM   1271 C CE  . LYS A 1 157 ? -9.858  4.100   19.174  1.00 37.94 ? 157 LYS X CE  1 
ATOM   1272 N NZ  . LYS A 1 157 ? -9.821  3.011   20.188  1.00 38.11 ? 157 LYS X NZ  1 
HETATM 1273 P PA  . NDP B 2 .   ? 10.426  -1.150  -0.749  1.00 36.32 ? 301 NDP X PA  1 
HETATM 1274 O O1A . NDP B 2 .   ? 9.311   -1.296  -1.713  1.00 37.21 ? 301 NDP X O1A 1 
HETATM 1275 O O2A . NDP B 2 .   ? 10.103  -0.410  0.492   1.00 35.16 ? 301 NDP X O2A 1 
HETATM 1276 O O5B . NDP B 2 .   ? 11.648  -0.450  -1.502  1.00 36.19 ? 301 NDP X O5B 1 
HETATM 1277 C C5B . NDP B 2 .   ? 12.874  -0.411  -0.818  1.00 35.51 ? 301 NDP X C5B 1 
HETATM 1278 C C4B . NDP B 2 .   ? 13.672  0.701   -1.453  1.00 35.66 ? 301 NDP X C4B 1 
HETATM 1279 O O4B . NDP B 2 .   ? 12.972  1.926   -1.403  1.00 35.66 ? 301 NDP X O4B 1 
HETATM 1280 C C3B . NDP B 2 .   ? 14.989  0.974   -0.765  1.00 35.56 ? 301 NDP X C3B 1 
HETATM 1281 O O3B . NDP B 2 .   ? 15.947  -0.028  -1.027  1.00 35.23 ? 301 NDP X O3B 1 
HETATM 1282 C C2B . NDP B 2 .   ? 15.264  2.334   -1.374  1.00 35.52 ? 301 NDP X C2B 1 
HETATM 1283 O O2B . NDP B 2 .   ? 15.619  2.253   -2.731  1.00 34.89 ? 301 NDP X O2B 1 
HETATM 1284 C C1B . NDP B 2 .   ? 13.897  2.987   -1.340  1.00 36.15 ? 301 NDP X C1B 1 
HETATM 1285 N N9A . NDP B 2 .   ? 13.763  3.754   -0.107  1.00 36.04 ? 301 NDP X N9A 1 
HETATM 1286 C C8A . NDP B 2 .   ? 13.050  3.398   1.004   1.00 36.46 ? 301 NDP X C8A 1 
HETATM 1287 N N7A . NDP B 2 .   ? 13.173  4.390   1.917   1.00 36.74 ? 301 NDP X N7A 1 
HETATM 1288 C C5A . NDP B 2 .   ? 13.961  5.362   1.399   1.00 36.66 ? 301 NDP X C5A 1 
HETATM 1289 C C6A . NDP B 2 .   ? 14.410  6.578   1.900   1.00 36.64 ? 301 NDP X C6A 1 
HETATM 1290 N N6A . NDP B 2 .   ? 14.066  6.971   3.121   1.00 36.65 ? 301 NDP X N6A 1 
HETATM 1291 N N1A . NDP B 2 .   ? 15.212  7.383   1.114   1.00 36.70 ? 301 NDP X N1A 1 
HETATM 1292 C C2A . NDP B 2 .   ? 15.563  6.978   -0.162  1.00 36.51 ? 301 NDP X C2A 1 
HETATM 1293 N N3A . NDP B 2 .   ? 15.116  5.768   -0.650  1.00 36.72 ? 301 NDP X N3A 1 
HETATM 1294 C C4A . NDP B 2 .   ? 14.334  4.971   0.120   1.00 36.38 ? 301 NDP X C4A 1 
HETATM 1295 O O3  . NDP B 2 .   ? 11.058  -2.585  -0.409  1.00 35.97 ? 301 NDP X O3  1 
HETATM 1296 P PN  . NDP B 2 .   ? 10.662  -3.717  0.665   1.00 35.39 ? 301 NDP X PN  1 
HETATM 1297 O O1N . NDP B 2 .   ? 10.715  -3.116  2.008   1.00 35.83 ? 301 NDP X O1N 1 
HETATM 1298 O O2N . NDP B 2 .   ? 11.476  -4.912  0.333   1.00 36.19 ? 301 NDP X O2N 1 
HETATM 1299 O O5D . NDP B 2 .   ? 9.153   -4.079  0.275   1.00 34.45 ? 301 NDP X O5D 1 
HETATM 1300 C C5D . NDP B 2 .   ? 8.889   -4.662  -0.986  1.00 34.50 ? 301 NDP X C5D 1 
HETATM 1301 C C4D . NDP B 2 .   ? 7.987   -5.874  -0.787  1.00 34.77 ? 301 NDP X C4D 1 
HETATM 1302 O O4D . NDP B 2 .   ? 6.732   -5.417  -0.314  1.00 34.18 ? 301 NDP X O4D 1 
HETATM 1303 C C3D . NDP B 2 .   ? 7.705   -6.659  -2.056  1.00 34.62 ? 301 NDP X C3D 1 
HETATM 1304 O O3D . NDP B 2 .   ? 7.620   -8.030  -1.765  1.00 34.07 ? 301 NDP X O3D 1 
HETATM 1305 C C2D . NDP B 2 .   ? 6.340   -6.186  -2.480  1.00 34.66 ? 301 NDP X C2D 1 
HETATM 1306 O O2D . NDP B 2 .   ? 5.627   -7.179  -3.153  1.00 35.52 ? 301 NDP X O2D 1 
HETATM 1307 C C1D . NDP B 2 .   ? 5.709   -5.898  -1.139  1.00 34.83 ? 301 NDP X C1D 1 
HETATM 1308 N N1N . NDP B 2 .   ? 4.643   -4.896  -1.151  1.00 35.36 ? 301 NDP X N1N 1 
HETATM 1309 C C2N . NDP B 2 .   ? 3.396   -5.323  -0.850  1.00 35.73 ? 301 NDP X C2N 1 
HETATM 1310 C C3N . NDP B 2 .   ? 2.343   -4.432  -0.808  1.00 35.62 ? 301 NDP X C3N 1 
HETATM 1311 C C7N . NDP B 2 .   ? 1.108   -4.887  -0.098  1.00 35.50 ? 301 NDP X C7N 1 
HETATM 1312 O O7N . NDP B 2 .   ? 0.149   -3.926  0.279   1.00 35.11 ? 301 NDP X O7N 1 
HETATM 1313 N N7N . NDP B 2 .   ? 0.972   -6.193  0.150   1.00 35.07 ? 301 NDP X N7N 1 
HETATM 1314 C C4N . NDP B 2 .   ? 2.566   -3.088  -1.078  1.00 35.58 ? 301 NDP X C4N 1 
HETATM 1315 C C5N . NDP B 2 .   ? 3.849   -2.662  -1.387  1.00 35.94 ? 301 NDP X C5N 1 
HETATM 1316 C C6N . NDP B 2 .   ? 4.890   -3.582  -1.411  1.00 36.19 ? 301 NDP X C6N 1 
HETATM 1317 P P2B . NDP B 2 .   ? 17.169  2.376   -3.189  1.00 34.58 ? 301 NDP X P2B 1 
HETATM 1318 O O1X . NDP B 2 .   ? 17.719  3.634   -2.563  1.00 32.01 ? 301 NDP X O1X 1 
HETATM 1319 O O2X . NDP B 2 .   ? 17.142  2.398   -4.701  1.00 33.78 ? 301 NDP X O2X 1 
HETATM 1320 O O3X . NDP B 2 .   ? 17.857  1.145   -2.661  1.00 33.43 ? 301 NDP X O3X 1 
HETATM 1321 N N1  . DHF C 3 .   ? -2.409  -2.383  -1.265  1.00 53.45 ? 300 DHF X N1  1 
HETATM 1322 C C2  . DHF C 3 .   ? -3.476  -3.279  -1.186  1.00 53.53 ? 300 DHF X C2  1 
HETATM 1323 N NA2 . DHF C 3 .   ? -4.524  -3.022  -0.367  1.00 53.44 ? 300 DHF X NA2 1 
HETATM 1324 N N3  . DHF C 3 .   ? -3.459  -4.445  -1.962  1.00 53.78 ? 300 DHF X N3  1 
HETATM 1325 C C4  . DHF C 3 .   ? -2.372  -4.745  -2.846  1.00 53.83 ? 300 DHF X C4  1 
HETATM 1326 O O4  . DHF C 3 .   ? -2.433  -5.813  -3.489  0.88 53.59 ? 300 DHF X O4  1 
HETATM 1327 C C4A . DHF C 3 .   ? -1.317  -3.781  -2.914  1.00 53.63 ? 300 DHF X C4A 1 
HETATM 1328 N N5  . DHF C 3 .   ? -0.215  -4.030  -3.838  1.00 53.73 ? 300 DHF X N5  1 
HETATM 1329 C C6  . DHF C 3 .   ? 0.762   -2.959  -3.975  1.00 54.25 ? 300 DHF X C6  1 
HETATM 1330 C C7  . DHF C 3 .   ? 0.722   -1.854  -3.204  1.00 53.90 ? 300 DHF X C7  1 
HETATM 1331 N N8  . DHF C 3 .   ? -0.315  -1.649  -2.203  1.00 53.67 ? 300 DHF X N8  1 
HETATM 1332 C C8A . DHF C 3 .   ? -1.328  -2.647  -2.157  1.00 53.55 ? 300 DHF X C8A 1 
HETATM 1333 C C9  . DHF C 3 .   ? 1.822   -3.161  -5.028  1.00 55.52 ? 300 DHF X C9  1 
HETATM 1334 N N10 . DHF C 3 .   ? 1.463   -4.182  -6.041  1.00 56.74 ? 300 DHF X N10 1 
HETATM 1335 C C11 . DHF C 3 .   ? -1.325  -3.511  -9.101  1.00 58.85 ? 300 DHF X C11 1 
HETATM 1336 C C12 . DHF C 3 .   ? -0.504  -4.654  -9.112  1.00 58.68 ? 300 DHF X C12 1 
HETATM 1337 C C13 . DHF C 3 .   ? 0.418   -4.865  -8.099  1.00 58.29 ? 300 DHF X C13 1 
HETATM 1338 C C14 . DHF C 3 .   ? 0.541   -3.927  -7.060  1.00 57.84 ? 300 DHF X C14 1 
HETATM 1339 C C15 . DHF C 3 .   ? -0.264  -2.773  -7.049  1.00 58.36 ? 300 DHF X C15 1 
HETATM 1340 C C16 . DHF C 3 .   ? -1.193  -2.576  -8.057  1.00 58.68 ? 300 DHF X C16 1 
HETATM 1341 C C   . DHF C 3 .   ? -2.284  -3.281  -10.163 1.00 58.83 ? 300 DHF X C   1 
HETATM 1342 O O   . DHF C 3 .   ? -2.142  -3.820  -11.361 1.00 59.25 ? 300 DHF X O   1 
HETATM 1343 N N   . DHF C 3 .   ? -3.356  -2.492  -9.996  1.00 59.43 ? 300 DHF X N   1 
HETATM 1344 C CA  . DHF C 3 .   ? -4.249  -2.095  -11.105 1.00 59.51 ? 300 DHF X CA  1 
HETATM 1345 C CB  . DHF C 3 .   ? -5.577  -2.864  -11.083 1.00 59.76 ? 300 DHF X CB  1 
HETATM 1346 C CG  . DHF C 3 .   ? -5.437  -4.248  -11.724 1.00 60.15 ? 300 DHF X CG  1 
HETATM 1347 C CD  . DHF C 3 .   ? -6.772  -4.924  -11.829 1.00 60.60 ? 300 DHF X CD  1 
HETATM 1348 O OE1 . DHF C 3 .   ? -7.775  -4.238  -12.202 1.00 60.58 ? 300 DHF X OE1 1 
HETATM 1349 O OE2 . DHF C 3 .   ? -6.844  -6.162  -11.554 1.00 60.72 ? 300 DHF X OE2 1 
HETATM 1350 C CT  . DHF C 3 .   ? -4.522  -0.623  -11.009 1.00 59.81 ? 300 DHF X CT  1 
HETATM 1351 O O1  . DHF C 3 .   ? -4.973  -0.024  -12.031 1.00 60.03 ? 300 DHF X O1  1 
HETATM 1352 O O2  . DHF C 3 .   ? -4.300  -0.036  -9.905  1.00 59.08 ? 300 DHF X O2  1 
HETATM 1353 O O   . HOH D 4 .   ? -3.379  -7.510  -2.868  1.00 25.43 ? 159 HOH X O   1 
HETATM 1354 O O   . HOH D 4 .   ? 2.698   -9.218  -7.080  1.00 41.71 ? 160 HOH X O   1 
HETATM 1355 O O   . HOH D 4 .   ? 2.400   -18.848 1.191   1.00 28.77 ? 161 HOH X O   1 
HETATM 1356 O O   . HOH D 4 .   ? 4.566   -17.142 -0.162  1.00 35.23 ? 162 HOH X O   1 
HETATM 1357 O O   . HOH D 4 .   ? 2.309   -21.870 1.210   1.00 33.61 ? 163 HOH X O   1 
HETATM 1358 O O   . HOH D 4 .   ? 1.926   -15.387 7.452   1.00 27.34 ? 164 HOH X O   1 
HETATM 1359 O O   . HOH D 4 .   ? 4.290   -19.208 6.780   1.00 59.19 ? 165 HOH X O   1 
HETATM 1360 O O   . HOH D 4 .   ? 5.405   -18.352 10.157  1.00 50.73 ? 166 HOH X O   1 
HETATM 1361 O O   . HOH D 4 .   ? 6.435   -15.824 6.836   1.00 25.66 ? 167 HOH X O   1 
HETATM 1362 O O   . HOH D 4 .   ? 4.790   -15.051 8.652   1.00 26.13 ? 168 HOH X O   1 
HETATM 1363 O O   . HOH D 4 .   ? 5.012   -14.346 11.304  1.00 32.59 ? 169 HOH X O   1 
HETATM 1364 O O   . HOH D 4 .   ? 5.250   -16.523 13.041  1.00 40.15 ? 170 HOH X O   1 
HETATM 1365 O O   . HOH D 4 .   ? 4.095   -11.926 12.194  1.00 29.13 ? 171 HOH X O   1 
HETATM 1366 O O   . HOH D 4 .   ? -4.581  -8.768  11.530  1.00 57.60 ? 172 HOH X O   1 
HETATM 1367 O O   . HOH D 4 .   ? -0.154  -5.880  15.182  1.00 35.19 ? 173 HOH X O   1 
HETATM 1368 O O   . HOH D 4 .   ? -0.250  1.104   16.929  1.00 36.00 ? 174 HOH X O   1 
HETATM 1369 O O   . HOH D 4 .   ? 0.346   2.386   14.575  1.00 35.00 ? 175 HOH X O   1 
HETATM 1370 O O   . HOH D 4 .   ? 1.152   4.717   15.095  1.00 42.04 ? 176 HOH X O   1 
HETATM 1371 O O   . HOH D 4 .   ? 11.765  3.830   10.081  1.00 44.94 ? 177 HOH X O   1 
HETATM 1372 O O   . HOH D 4 .   ? 12.558  1.608   8.300   1.00 48.29 ? 178 HOH X O   1 
HETATM 1373 O O   . HOH D 4 .   ? 12.773  -3.693  6.004   1.00 52.28 ? 179 HOH X O   1 
HETATM 1374 O O   . HOH D 4 .   ? 10.961  -3.245  12.055  1.00 36.29 ? 180 HOH X O   1 
HETATM 1375 O O   . HOH D 4 .   ? -13.530 3.316   2.420   1.00 50.81 ? 181 HOH X O   1 
HETATM 1376 O O   . HOH D 4 .   ? 10.398  -6.564  11.757  1.00 27.38 ? 182 HOH X O   1 
HETATM 1377 O O   . HOH D 4 .   ? 8.631   -4.087  13.421  1.00 30.79 ? 183 HOH X O   1 
HETATM 1378 O O   . HOH D 4 .   ? 7.392   -4.044  9.511   1.00 20.38 ? 184 HOH X O   1 
HETATM 1379 O O   . HOH D 4 .   ? 14.377  10.118  4.052   1.00 45.31 ? 185 HOH X O   1 
HETATM 1380 O O   . HOH D 4 .   ? 16.487  2.658   1.800   1.00 51.64 ? 186 HOH X O   1 
HETATM 1381 O O   . HOH D 4 .   ? 18.473  3.428   -0.374  1.00 48.01 ? 187 HOH X O   1 
HETATM 1382 O O   . HOH D 4 .   ? 4.494   12.372  -14.391 1.00 66.24 ? 188 HOH X O   1 
HETATM 1383 O O   . HOH D 4 .   ? 0.369   10.267  -13.795 1.00 51.75 ? 189 HOH X O   1 
HETATM 1384 O O   . HOH D 4 .   ? -9.861  7.675   -2.935  1.00 44.96 ? 190 HOH X O   1 
HETATM 1385 O O   . HOH D 4 .   ? 18.876  1.576   -6.776  1.00 35.35 ? 191 HOH X O   1 
HETATM 1386 O O   . HOH D 4 .   ? 17.858  1.987   -8.876  1.00 49.43 ? 192 HOH X O   1 
HETATM 1387 O O   . HOH D 4 .   ? 19.651  10.092  -3.975  1.00 50.00 ? 193 HOH X O   1 
HETATM 1388 O O   . HOH D 4 .   ? 2.259   7.030   -16.289 1.00 49.61 ? 194 HOH X O   1 
HETATM 1389 O O   . HOH D 4 .   ? 9.095   -9.073  -8.965  1.00 48.73 ? 195 HOH X O   1 
HETATM 1390 O O   . HOH D 4 .   ? 9.883   -9.371  -0.809  1.00 23.49 ? 196 HOH X O   1 
HETATM 1391 O O   . HOH D 4 .   ? 11.855  -6.968  -0.822  1.00 45.18 ? 197 HOH X O   1 
HETATM 1392 O O   . HOH D 4 .   ? 12.326  -4.307  3.738   1.00 46.44 ? 198 HOH X O   1 
HETATM 1393 O O   . HOH D 4 .   ? 10.123  -16.787 4.842   1.00 22.63 ? 199 HOH X O   1 
HETATM 1394 O O   . HOH D 4 .   ? 8.025   -18.071 6.820   1.00 41.86 ? 200 HOH X O   1 
HETATM 1395 O O   . HOH D 4 .   ? 12.329  -16.402 3.231   1.00 30.92 ? 201 HOH X O   1 
HETATM 1396 O O   . HOH D 4 .   ? 13.048  -14.394 0.820   1.00 27.06 ? 202 HOH X O   1 
HETATM 1397 O O   . HOH D 4 .   ? -15.198 -6.629  -3.166  1.00 36.60 ? 203 HOH X O   1 
HETATM 1398 O O   . HOH D 4 .   ? -6.455  -1.993  1.237   1.00 29.23 ? 204 HOH X O   1 
HETATM 1399 O O   . HOH D 4 .   ? -9.304  -0.627  2.975   1.00 31.67 ? 205 HOH X O   1 
HETATM 1400 O O   . HOH D 4 .   ? -4.198  5.118   -19.250 1.00 53.95 ? 206 HOH X O   1 
HETATM 1401 O O   . HOH D 4 .   ? 6.627   5.597   10.904  1.00 57.83 ? 207 HOH X O   1 
HETATM 1402 O O   . HOH D 4 .   ? 9.312   7.483   12.332  1.00 89.05 ? 208 HOH X O   1 
HETATM 1403 O O   . HOH D 4 .   ? 7.410   2.292   12.553  1.00 62.36 ? 209 HOH X O   1 
HETATM 1404 O O   . HOH D 4 .   ? 1.616   -2.435  18.263  1.00 45.01 ? 210 HOH X O   1 
HETATM 1405 O O   . HOH D 4 .   ? 1.996   0.315   18.067  1.00 46.70 ? 211 HOH X O   1 
HETATM 1406 O O   . HOH D 4 .   ? 5.464   -1.670  15.759  1.00 47.68 ? 212 HOH X O   1 
HETATM 1407 O O   . HOH D 4 .   ? -9.319  10.375  -2.059  1.00 48.02 ? 213 HOH X O   1 
HETATM 1408 O O   . HOH D 4 .   ? -10.031 7.864   -0.233  1.00 43.20 ? 214 HOH X O   1 
HETATM 1409 O O   . HOH D 4 .   ? -8.618  8.923   3.159   1.00 35.32 ? 215 HOH X O   1 
HETATM 1410 O O   . HOH D 4 .   ? -5.846  13.613  -5.536  1.00 53.24 ? 216 HOH X O   1 
HETATM 1411 O O   . HOH D 4 .   ? -0.998  12.902  10.246  1.00 47.83 ? 217 HOH X O   1 
HETATM 1412 O O   . HOH D 4 .   ? 14.945  16.465  -0.184  1.00 58.65 ? 218 HOH X O   1 
HETATM 1413 O O   . HOH D 4 .   ? 17.285  5.537   4.253   1.00 53.79 ? 219 HOH X O   1 
HETATM 1414 O O   . HOH D 4 .   ? 17.187  14.476  4.206   1.00 51.32 ? 220 HOH X O   1 
HETATM 1415 O O   . HOH D 4 .   ? 19.450  11.421  4.386   1.00 67.91 ? 221 HOH X O   1 
HETATM 1416 O O   . HOH D 4 .   ? 6.198   -14.414 -3.911  1.00 46.44 ? 222 HOH X O   1 
HETATM 1417 O O   . HOH D 4 .   ? 4.449   -16.307 -2.871  1.00 44.53 ? 223 HOH X O   1 
HETATM 1418 O O   . HOH D 4 .   ? 6.107   -19.660 -0.713  1.00 43.66 ? 224 HOH X O   1 
HETATM 1419 O O   . HOH D 4 .   ? 12.014  -18.969 2.165   1.00 41.92 ? 225 HOH X O   1 
HETATM 1420 O O   . HOH D 4 .   ? -14.039 -12.379 2.689   1.00 22.74 ? 226 HOH X O   1 
HETATM 1421 O O   . HOH D 4 .   ? -13.773 -11.351 5.315   1.00 39.88 ? 227 HOH X O   1 
HETATM 1422 O O   . HOH D 4 .   ? -9.013  -11.769 11.357  1.00 55.49 ? 228 HOH X O   1 
HETATM 1423 O O   . HOH D 4 .   ? -14.203 -9.446  8.527   1.00 41.56 ? 229 HOH X O   1 
HETATM 1424 O O   . HOH D 4 .   ? -16.129 -6.664  8.879   1.00 28.05 ? 230 HOH X O   1 
HETATM 1425 O O   . HOH D 4 .   ? -13.136 -5.772  11.146  1.00 36.33 ? 231 HOH X O   1 
HETATM 1426 O O   . HOH D 4 .   ? -10.580 0.631   17.138  1.00 46.62 ? 232 HOH X O   1 
HETATM 1427 O O   . HOH D 4 .   ? -12.998 1.313   16.415  1.00 29.15 ? 233 HOH X O   1 
HETATM 1428 O O   . HOH D 4 .   ? -14.218 -1.412  16.896  1.00 51.27 ? 234 HOH X O   1 
HETATM 1429 O O   . HOH D 4 .   ? -16.817 0.694   16.164  1.00 56.35 ? 235 HOH X O   1 
HETATM 1430 O O   . HOH D 4 .   ? -15.506 6.787   19.812  1.00 48.05 ? 236 HOH X O   1 
HETATM 1431 O O   . HOH D 4 .   ? -3.647  -5.619  14.692  1.00 45.55 ? 237 HOH X O   1 
HETATM 1432 O O   . HOH D 4 .   ? 11.316  0.478   -15.251 1.00 64.68 ? 238 HOH X O   1 
HETATM 1433 O O   . HOH D 4 .   ? 12.016  11.217  -12.658 1.00 62.18 ? 239 HOH X O   1 
HETATM 1434 O O   . HOH D 4 .   ? 10.868  13.177  -11.082 1.00 50.98 ? 240 HOH X O   1 
HETATM 1435 O O   . HOH D 4 .   ? 16.901  9.926   -9.913  1.00 43.99 ? 241 HOH X O   1 
HETATM 1436 O O   . HOH D 4 .   ? 22.653  7.143   -7.198  1.00 47.36 ? 242 HOH X O   1 
HETATM 1437 O O   . HOH D 4 .   ? -7.540  3.655   -13.326 1.00 45.51 ? 243 HOH X O   1 
HETATM 1438 O O   . HOH D 4 .   ? -11.768 1.863   -10.643 1.00 66.83 ? 244 HOH X O   1 
HETATM 1439 O O   . HOH D 4 .   ? -13.264 -1.854  -4.952  1.00 56.52 ? 245 HOH X O   1 
HETATM 1440 O O   . HOH D 4 .   ? -14.600 -1.092  1.905   1.00 49.79 ? 246 HOH X O   1 
HETATM 1441 O O   . HOH D 4 .   ? -13.826 -0.516  4.743   1.00 25.93 ? 247 HOH X O   1 
HETATM 1442 O O   . HOH D 4 .   ? -1.197  8.930   -15.751 1.00 45.87 ? 248 HOH X O   1 
HETATM 1443 O O   . HOH D 4 .   ? -3.851  10.385  -16.018 1.00 63.43 ? 249 HOH X O   1 
HETATM 1444 O O   . HOH D 4 .   ? 0.639   14.380  -5.710  1.00 38.83 ? 250 HOH X O   1 
HETATM 1445 O O   . HOH D 4 .   ? 20.341  1.600   4.200   1.00 59.40 ? 251 HOH X O   1 
HETATM 1446 O O   . HOH D 4 .   ? -4.045  -8.837  -4.696  1.00 43.40 ? 252 HOH X O   1 
HETATM 1447 O O   . HOH D 4 .   ? 3.052   -5.941  -9.719  1.00 63.89 ? 253 HOH X O   1 
HETATM 1448 O O   . HOH D 4 .   ? 7.614   -5.561  11.258  1.00 29.39 ? 254 HOH X O   1 
HETATM 1449 O O   . HOH D 4 .   ? -2.952  14.408  5.279   1.00 53.34 ? 255 HOH X O   1 
HETATM 1450 O O   . HOH D 4 .   ? 0.565   15.564  8.172   1.00 73.70 ? 256 HOH X O   1 
HETATM 1451 O O   . HOH D 4 .   ? 6.108   4.887   16.855  1.00 69.63 ? 257 HOH X O   1 
HETATM 1452 O O   . HOH D 4 .   ? -11.669 0.760   2.853   1.00 29.38 ? 258 HOH X O   1 
HETATM 1453 O O   . HOH D 4 .   ? -12.552 1.644   1.143   1.00 43.50 ? 259 HOH X O   1 
HETATM 1454 O O   . HOH D 4 .   ? -12.921 6.578   2.563   1.00 46.85 ? 260 HOH X O   1 
HETATM 1455 O O   . HOH D 4 .   ? -8.981  10.356  8.152   1.00 58.38 ? 261 HOH X O   1 
HETATM 1456 O O   . HOH D 4 .   ? -4.179  6.260   22.579  1.00 66.62 ? 262 HOH X O   1 
HETATM 1457 O O   . HOH D 4 .   ? 0.725   4.964   17.684  1.00 44.57 ? 263 HOH X O   1 
HETATM 1458 O O   . HOH D 4 .   ? 4.776   -2.841  18.580  1.00 45.93 ? 264 HOH X O   1 
HETATM 1459 O O   . HOH D 4 .   ? 0.462   -4.552  18.252  1.00 58.46 ? 265 HOH X O   1 
HETATM 1460 O O   . HOH D 4 .   ? 11.886  -6.825  9.973   1.00 41.68 ? 266 HOH X O   1 
HETATM 1461 O O   . HOH D 4 .   ? -5.491  -6.152  12.086  1.00 43.47 ? 267 HOH X O   1 
HETATM 1462 O O   . HOH D 4 .   ? 10.080  10.869  -15.007 1.00 50.46 ? 268 HOH X O   1 
HETATM 1463 O O   . HOH D 4 .   ? -9.132  13.094  -9.265  1.00 48.07 ? 269 HOH X O   1 
HETATM 1464 O O   . HOH D 4 .   ? -12.752 -10.720 -9.704  1.00 51.47 ? 270 HOH X O   1 
HETATM 1465 O O   . HOH D 4 .   ? -3.726  7.307   18.620  1.00 50.08 ? 271 HOH X O   1 
HETATM 1466 O O   . HOH D 4 .   ? -1.345  7.406   18.078  1.00 44.31 ? 272 HOH X O   1 
HETATM 1467 O O   . HOH D 4 .   ? 7.567   -2.186  14.654  1.00 44.69 ? 273 HOH X O   1 
HETATM 1468 O O   . HOH D 4 .   ? 11.232  -5.932  -6.711  1.00 44.04 ? 274 HOH X O   1 
HETATM 1469 O O   . HOH D 4 .   ? 9.324   -13.613 -7.285  1.00 44.19 ? 275 HOH X O   1 
HETATM 1470 O O   . HOH D 4 .   ? 15.903  5.432   -14.352 1.00 41.39 ? 276 HOH X O   1 
HETATM 1471 O O   . HOH D 4 .   ? 15.353  3.408   -13.561 1.00 49.56 ? 277 HOH X O   1 
HETATM 1472 O O   . HOH D 4 .   ? -7.037  -12.627 -12.651 1.00 50.41 ? 278 HOH X O   1 
HETATM 1473 O O   . HOH D 4 .   ? -10.827 9.951   6.635   1.00 51.11 ? 279 HOH X O   1 
HETATM 1474 O O   . HOH D 4 .   ? 1.347   -20.706 5.299   1.00 45.89 ? 280 HOH X O   1 
HETATM 1475 O O   . HOH D 4 .   ? 1.058   -13.005 -7.147  1.00 60.87 ? 281 HOH X O   1 
HETATM 1476 O O   . HOH D 4 .   ? -8.804  -21.051 -1.061  1.00 44.16 ? 282 HOH X O   1 
# 
